data_4UOZ
#
_entry.id   4UOZ
#
_cell.length_a   134.200
_cell.length_b   167.970
_cell.length_c   108.580
_cell.angle_alpha   90.00
_cell.angle_beta   115.64
_cell.angle_gamma   90.00
#
_symmetry.space_group_name_H-M   'C 1 2 1'
#
loop_
_entity.id
_entity.type
_entity.pdbx_description
1 polymer BETA-GALACTOSIDASE
2 non-polymer alpha-D-galactopyranose
3 non-polymer 'ZINC ION'
4 non-polymer 'TRIETHYLENE GLYCOL'
5 water water
#
_entity_poly.entity_id   1
_entity_poly.type   'polypeptide(L)'
_entity_poly.pdbx_seq_one_letter_code
;MSASTQHRAHRWPQPLPGNDRKIWFGADYNPDQWPEDVQDEDIRLMKQAGVNIVSLAIFSWANIETSDGNFEFDWLDRVI
DKLYKAGIAVDLASATASPPMWLTSAHPEVLRRDEQGHVIWPGARQHWRPTSPTFRTYALRLCREMAEHYKDNPAIVSWH
VGNEYGCHNYFDYSDDAVQAFREWCRDRYGTIDKVNAAWGTNFWSQRLNSFEEILPPRYVGGEGNFTNPGRLLDFKHFCS
DALKEFFCAERDVLSEVTPNIPLTTNFMVSASQNTLDYDDWAHEVDFVSNDHYFTPGSWHIDELAYSASLVDGISRKKPW
FLMAQSTSAVNWREINPRKEPGELIRDSMLHLAMGADAICYFQWRQSRSGAEKFHSAMLPLAGEHSQIYRDVCALGADLD
TLSDAGILRSKLSKARVAIVQDIQSEWATEHTATPTQHIREWTEPLDWFAAFANRGVTADVTPIHAQWDTYDAVVIPCVY
LFSEEMAERLRTFVRNGGKAFVTYYSALADEHDRLHTEGWPGLIGDVVGVRIEEHCPLGTLFPGMLDHLDVSNGTVVHDL
ADVIDAIADDTTVLATFEADPATGMDGRAAITVHPYHEGGVAYIAGKLGRDGISQSLPEICAALGFELDADPRAGDVLRV
VREQEDGAIFEFLFNRTRNTVTADRPAGDMLICSLATDSTDKVTLEPNGVLAFRR
;
_entity_poly.pdbx_strand_id   A,B,C
#
loop_
_chem_comp.id
_chem_comp.type
_chem_comp.name
_chem_comp.formula
GLA D-saccharide, alpha linking alpha-D-galactopyranose 'C6 H12 O6'
PGE non-polymer 'TRIETHYLENE GLYCOL' 'C6 H14 O4'
ZN non-polymer 'ZINC ION' 'Zn 2'
#
# COMPACT_ATOMS: atom_id res chain seq x y z
N ARG A 8 25.67 -37.53 1.77
CA ARG A 8 24.34 -38.24 1.63
C ARG A 8 24.10 -38.83 0.22
N ALA A 9 23.96 -40.15 0.13
CA ALA A 9 23.97 -40.86 -1.15
C ALA A 9 22.71 -40.57 -1.97
N HIS A 10 22.87 -40.42 -3.28
CA HIS A 10 21.78 -40.31 -4.23
C HIS A 10 21.06 -41.62 -4.41
N ARG A 11 19.73 -41.61 -4.32
CA ARG A 11 18.90 -42.80 -4.46
C ARG A 11 17.67 -42.30 -5.18
N TRP A 12 17.41 -42.88 -6.33
CA TRP A 12 16.37 -42.35 -7.16
C TRP A 12 15.22 -43.29 -7.12
N PRO A 13 13.96 -42.79 -7.06
CA PRO A 13 12.82 -43.73 -7.09
C PRO A 13 12.89 -44.70 -8.24
N GLN A 14 12.62 -45.98 -7.94
CA GLN A 14 12.86 -47.13 -8.81
C GLN A 14 11.52 -47.66 -9.31
N PRO A 15 11.52 -48.39 -10.44
CA PRO A 15 10.29 -48.83 -11.08
C PRO A 15 9.52 -49.75 -10.18
N LEU A 16 8.23 -49.91 -10.46
CA LEU A 16 7.42 -50.97 -9.90
C LEU A 16 7.98 -52.33 -10.34
N PRO A 17 7.69 -53.41 -9.57
CA PRO A 17 8.20 -54.74 -9.99
C PRO A 17 7.77 -55.14 -11.42
N GLY A 18 8.74 -55.37 -12.29
CA GLY A 18 8.41 -55.80 -13.64
C GLY A 18 8.32 -54.68 -14.67
N ASN A 19 8.56 -53.44 -14.25
CA ASN A 19 8.62 -52.31 -15.18
C ASN A 19 10.05 -51.92 -15.44
N ASP A 20 10.30 -51.33 -16.60
CA ASP A 20 11.59 -50.73 -16.87
C ASP A 20 11.68 -49.32 -16.25
N ARG A 21 12.90 -48.84 -16.14
CA ARG A 21 13.16 -47.47 -15.82
C ARG A 21 12.65 -46.47 -16.89
N LYS A 22 11.93 -45.47 -16.44
CA LYS A 22 11.30 -44.47 -17.29
C LYS A 22 11.46 -43.11 -16.62
N ILE A 23 11.54 -42.06 -17.44
CA ILE A 23 11.21 -40.72 -16.94
C ILE A 23 9.88 -40.81 -16.19
N TRP A 24 9.87 -40.35 -14.94
CA TRP A 24 8.60 -40.32 -14.22
C TRP A 24 7.74 -39.22 -14.77
N PHE A 25 6.45 -39.43 -14.72
CA PHE A 25 5.53 -38.45 -15.26
C PHE A 25 4.24 -38.52 -14.47
N GLY A 26 3.96 -37.52 -13.64
CA GLY A 26 2.70 -37.52 -12.91
C GLY A 26 2.23 -36.23 -12.32
N ALA A 27 1.59 -36.36 -11.16
CA ALA A 27 0.86 -35.29 -10.52
C ALA A 27 0.58 -35.63 -9.07
N ASP A 28 0.35 -34.58 -8.27
CA ASP A 28 -0.37 -34.66 -7.00
C ASP A 28 -1.73 -35.25 -7.35
N TYR A 29 -2.16 -36.29 -6.65
CA TYR A 29 -3.46 -36.89 -6.89
C TYR A 29 -4.15 -36.78 -5.57
N ASN A 30 -5.42 -36.42 -5.59
CA ASN A 30 -6.14 -36.21 -4.33
C ASN A 30 -7.55 -36.86 -4.36
N PRO A 31 -7.59 -38.20 -4.53
CA PRO A 31 -8.89 -38.90 -4.70
C PRO A 31 -9.81 -38.78 -3.46
N ASP A 32 -9.24 -38.40 -2.32
CA ASP A 32 -9.99 -38.16 -1.11
C ASP A 32 -10.81 -36.87 -1.17
N GLN A 33 -10.78 -36.11 -2.26
CA GLN A 33 -11.70 -35.00 -2.48
C GLN A 33 -12.82 -35.30 -3.49
N TRP A 34 -12.87 -36.54 -3.96
CA TRP A 34 -13.91 -36.96 -4.90
C TRP A 34 -14.58 -38.19 -4.41
N PRO A 35 -15.78 -38.47 -4.95
CA PRO A 35 -16.37 -39.78 -4.62
C PRO A 35 -15.46 -40.92 -5.17
N GLU A 36 -15.48 -42.04 -4.47
CA GLU A 36 -14.63 -43.17 -4.81
C GLU A 36 -14.81 -43.64 -6.26
N ASP A 37 -16.00 -43.51 -6.84
CA ASP A 37 -16.22 -44.10 -8.17
C ASP A 37 -15.64 -43.30 -9.35
N VAL A 38 -14.93 -42.22 -9.05
CA VAL A 38 -14.28 -41.37 -10.05
C VAL A 38 -12.91 -42.00 -10.42
N GLN A 39 -12.40 -42.83 -9.52
CA GLN A 39 -11.04 -43.36 -9.61
C GLN A 39 -10.75 -44.23 -10.84
N ASP A 40 -11.69 -45.11 -11.27
CA ASP A 40 -11.51 -45.88 -12.54
C ASP A 40 -11.27 -44.93 -13.75
N GLU A 41 -12.10 -43.89 -13.88
CA GLU A 41 -11.90 -42.91 -14.95
C GLU A 41 -10.54 -42.24 -14.80
N ASP A 42 -10.18 -41.81 -13.59
CA ASP A 42 -8.88 -41.17 -13.36
C ASP A 42 -7.78 -42.03 -13.91
N ILE A 43 -7.77 -43.27 -13.46
CA ILE A 43 -6.73 -44.21 -13.83
C ILE A 43 -6.73 -44.47 -15.38
N ARG A 44 -7.92 -44.69 -15.91
CA ARG A 44 -8.10 -44.82 -17.35
C ARG A 44 -7.46 -43.61 -18.10
N LEU A 45 -7.70 -42.39 -17.63
CA LEU A 45 -7.11 -41.21 -18.30
C LEU A 45 -5.60 -41.04 -18.03
N MET A 46 -5.16 -41.47 -16.85
CA MET A 46 -3.72 -41.44 -16.51
C MET A 46 -2.96 -42.38 -17.42
N LYS A 47 -3.53 -43.57 -17.62
CA LYS A 47 -2.95 -44.57 -18.57
C LYS A 47 -2.86 -44.01 -20.00
N GLN A 48 -3.95 -43.46 -20.51
CA GLN A 48 -3.97 -42.90 -21.85
C GLN A 48 -2.92 -41.75 -22.01
N ALA A 49 -2.70 -40.97 -20.93
CA ALA A 49 -1.75 -39.84 -20.90
C ALA A 49 -0.28 -40.25 -20.71
N GLY A 50 -0.03 -41.53 -20.42
CA GLY A 50 1.30 -42.06 -20.12
C GLY A 50 1.80 -41.64 -18.73
N VAL A 51 0.87 -41.39 -17.78
CA VAL A 51 1.23 -41.07 -16.41
C VAL A 51 1.67 -42.38 -15.75
N ASN A 52 2.75 -42.33 -14.97
CA ASN A 52 3.28 -43.49 -14.34
C ASN A 52 3.67 -43.33 -12.85
N ILE A 53 3.41 -42.16 -12.23
CA ILE A 53 3.54 -42.00 -10.78
C ILE A 53 2.51 -40.97 -10.33
N VAL A 54 2.00 -41.12 -9.14
CA VAL A 54 1.22 -40.05 -8.56
C VAL A 54 1.78 -39.75 -7.16
N SER A 55 1.64 -38.50 -6.71
CA SER A 55 1.94 -38.17 -5.34
C SER A 55 0.67 -38.11 -4.51
N LEU A 56 0.59 -38.92 -3.47
CA LEU A 56 -0.65 -39.12 -2.72
C LEU A 56 -0.58 -38.63 -1.27
N ALA A 57 -1.74 -38.14 -0.82
CA ALA A 57 -2.02 -37.92 0.61
C ALA A 57 -1.22 -36.77 1.24
N ILE A 58 -0.69 -35.89 0.41
CA ILE A 58 0.10 -34.75 0.90
C ILE A 58 -0.61 -33.92 1.99
N PHE A 59 -1.92 -33.68 1.82
CA PHE A 59 -2.70 -32.84 2.72
C PHE A 59 -3.79 -33.65 3.38
N SER A 60 -3.55 -34.96 3.51
CA SER A 60 -4.63 -35.91 3.88
C SER A 60 -4.66 -36.27 5.38
N TRP A 61 -3.83 -35.58 6.18
CA TRP A 61 -3.81 -35.80 7.63
C TRP A 61 -5.18 -36.02 8.24
N ALA A 62 -6.12 -35.15 7.94
CA ALA A 62 -7.40 -35.18 8.59
C ALA A 62 -8.30 -36.35 8.09
N ASN A 63 -7.91 -37.02 7.01
CA ASN A 63 -8.65 -38.18 6.52
C ASN A 63 -7.92 -39.44 6.83
N ILE A 64 -6.88 -39.31 7.63
CA ILE A 64 -6.11 -40.49 8.02
C ILE A 64 -6.13 -40.59 9.55
N GLU A 65 -5.58 -39.62 10.28
CA GLU A 65 -5.89 -39.53 11.73
C GLU A 65 -7.16 -38.74 11.87
N THR A 66 -8.29 -39.42 11.76
CA THR A 66 -9.60 -38.74 11.67
C THR A 66 -10.03 -38.13 13.02
N SER A 67 -9.43 -38.61 14.09
CA SER A 67 -9.57 -38.01 15.41
C SER A 67 -8.31 -38.40 16.23
N ASP A 68 -7.96 -37.61 17.23
CA ASP A 68 -6.73 -37.83 17.97
C ASP A 68 -6.53 -39.33 18.26
N GLY A 69 -5.39 -39.89 17.87
CA GLY A 69 -5.10 -41.32 18.10
C GLY A 69 -5.80 -42.29 17.15
N ASN A 70 -6.70 -41.80 16.33
CA ASN A 70 -7.46 -42.68 15.46
C ASN A 70 -7.05 -42.64 13.95
N PHE A 71 -6.25 -43.63 13.54
CA PHE A 71 -5.74 -43.74 12.16
C PHE A 71 -6.50 -44.76 11.31
N GLU A 72 -7.24 -44.27 10.30
CA GLU A 72 -7.91 -45.13 9.30
C GLU A 72 -7.16 -45.09 7.98
N PHE A 73 -6.94 -46.25 7.38
CA PHE A 73 -6.14 -46.32 6.16
C PHE A 73 -6.87 -46.84 4.95
N ASP A 74 -8.14 -47.16 5.11
CA ASP A 74 -8.80 -48.02 4.12
C ASP A 74 -8.88 -47.38 2.75
N TRP A 75 -9.41 -46.15 2.68
CA TRP A 75 -9.57 -45.45 1.40
C TRP A 75 -8.22 -45.29 0.68
N LEU A 76 -7.15 -45.11 1.45
CA LEU A 76 -5.82 -44.90 0.89
C LEU A 76 -5.27 -46.21 0.27
N ASP A 77 -5.43 -47.31 1.01
CA ASP A 77 -5.09 -48.67 0.54
C ASP A 77 -5.85 -49.04 -0.67
N ARG A 78 -7.15 -48.77 -0.69
CA ARG A 78 -7.96 -49.06 -1.90
C ARG A 78 -7.45 -48.37 -3.15
N VAL A 79 -7.28 -47.04 -3.11
CA VAL A 79 -6.80 -46.32 -4.30
C VAL A 79 -5.35 -46.74 -4.69
N ILE A 80 -4.46 -46.95 -3.71
CA ILE A 80 -3.12 -47.48 -3.99
C ILE A 80 -3.15 -48.84 -4.74
N ASP A 81 -3.97 -49.76 -4.27
CA ASP A 81 -4.28 -51.00 -4.98
C ASP A 81 -4.70 -50.78 -6.42
N LYS A 82 -5.72 -49.93 -6.64
CA LYS A 82 -6.20 -49.65 -7.97
C LYS A 82 -5.06 -49.10 -8.80
N LEU A 83 -4.27 -48.20 -8.22
CA LEU A 83 -3.19 -47.53 -8.99
C LEU A 83 -2.09 -48.60 -9.32
N TYR A 84 -1.79 -49.45 -8.36
CA TYR A 84 -0.72 -50.48 -8.52
C TYR A 84 -1.07 -51.49 -9.63
N LYS A 85 -2.28 -52.04 -9.58
CA LYS A 85 -2.78 -52.92 -10.63
C LYS A 85 -2.67 -52.23 -11.98
N ALA A 86 -2.79 -50.91 -12.03
CA ALA A 86 -2.66 -50.29 -13.34
C ALA A 86 -1.19 -49.98 -13.74
N GLY A 87 -0.23 -50.17 -12.84
CA GLY A 87 1.16 -49.96 -13.22
C GLY A 87 1.68 -48.55 -12.85
N ILE A 88 0.95 -47.86 -11.97
CA ILE A 88 1.21 -46.48 -11.58
C ILE A 88 1.74 -46.48 -10.17
N ALA A 89 2.97 -45.96 -10.02
CA ALA A 89 3.72 -45.98 -8.77
C ALA A 89 3.22 -44.88 -7.86
N VAL A 90 3.62 -44.92 -6.61
CA VAL A 90 3.11 -43.98 -5.64
C VAL A 90 4.26 -43.33 -4.91
N ASP A 91 4.33 -42.02 -5.05
CA ASP A 91 5.16 -41.18 -4.23
C ASP A 91 4.30 -40.83 -3.00
N LEU A 92 4.50 -41.49 -1.86
CA LEU A 92 3.63 -41.29 -0.70
C LEU A 92 4.16 -40.17 0.18
N ALA A 93 3.25 -39.27 0.54
CA ALA A 93 3.57 -38.22 1.48
C ALA A 93 3.56 -38.78 2.89
N SER A 94 4.27 -38.09 3.78
CA SER A 94 4.15 -38.32 5.22
C SER A 94 2.73 -37.93 5.70
N ALA A 95 1.96 -37.23 4.87
CA ALA A 95 0.65 -36.68 5.26
C ALA A 95 0.70 -35.59 6.36
N THR A 96 1.89 -35.16 6.72
CA THR A 96 2.04 -34.17 7.80
C THR A 96 2.06 -32.67 7.42
N ALA A 97 1.83 -32.31 6.15
CA ALA A 97 1.83 -30.90 5.68
C ALA A 97 0.89 -29.94 6.45
N SER A 98 -0.29 -30.45 6.78
CA SER A 98 -1.33 -29.59 7.33
C SER A 98 -2.26 -30.36 8.26
N PRO A 99 -2.29 -29.98 9.54
CA PRO A 99 -2.95 -30.78 10.57
C PRO A 99 -4.48 -30.65 10.56
N PRO A 100 -5.15 -31.60 11.21
CA PRO A 100 -6.62 -31.52 11.19
C PRO A 100 -7.23 -30.43 12.11
N MET A 101 -8.47 -30.02 11.81
CA MET A 101 -9.22 -29.14 12.71
C MET A 101 -9.22 -29.65 14.15
N TRP A 102 -9.26 -30.97 14.37
CA TRP A 102 -9.38 -31.49 15.74
C TRP A 102 -8.11 -31.25 16.49
N LEU A 103 -6.99 -31.28 15.79
CA LEU A 103 -5.72 -31.02 16.42
C LEU A 103 -5.54 -29.54 16.85
N THR A 104 -5.98 -28.61 16.02
CA THR A 104 -5.81 -27.17 16.30
C THR A 104 -6.88 -26.61 17.26
N SER A 105 -8.12 -27.11 17.13
CA SER A 105 -9.19 -26.93 18.14
C SER A 105 -8.70 -27.23 19.54
N ALA A 106 -8.13 -28.42 19.69
CA ALA A 106 -7.72 -28.91 20.97
C ALA A 106 -6.37 -28.34 21.41
N HIS A 107 -5.55 -27.81 20.50
CA HIS A 107 -4.21 -27.38 20.89
C HIS A 107 -3.86 -26.16 20.10
N PRO A 108 -4.46 -25.01 20.48
CA PRO A 108 -4.26 -23.83 19.66
C PRO A 108 -2.84 -23.30 19.74
N GLU A 109 -2.06 -23.81 20.70
CA GLU A 109 -0.69 -23.46 20.88
C GLU A 109 0.26 -24.00 19.80
N VAL A 110 -0.26 -24.71 18.78
CA VAL A 110 0.60 -25.11 17.65
C VAL A 110 0.57 -23.99 16.60
N LEU A 111 -0.25 -22.97 16.86
CA LEU A 111 -0.52 -22.02 15.82
C LEU A 111 0.65 -21.01 15.66
N ARG A 112 1.10 -20.77 14.42
CA ARG A 112 2.10 -19.77 14.10
C ARG A 112 1.62 -18.41 14.61
N ARG A 113 2.57 -17.63 15.17
CA ARG A 113 2.38 -16.18 15.43
C ARG A 113 3.17 -15.29 14.50
N ASP A 114 2.56 -14.24 13.95
CA ASP A 114 3.31 -13.37 13.08
C ASP A 114 4.15 -12.29 13.81
N GLU A 115 4.76 -11.40 13.03
CA GLU A 115 5.68 -10.47 13.64
C GLU A 115 5.01 -9.48 14.61
N GLN A 116 3.69 -9.29 14.47
CA GLN A 116 2.94 -8.42 15.37
C GLN A 116 2.21 -9.18 16.47
N GLY A 117 2.50 -10.48 16.57
CA GLY A 117 1.79 -11.30 17.57
C GLY A 117 0.45 -11.85 17.08
N HIS A 118 0.05 -11.56 15.83
CA HIS A 118 -1.21 -12.16 15.31
C HIS A 118 -1.19 -13.67 15.33
N VAL A 119 -2.32 -14.27 15.69
CA VAL A 119 -2.47 -15.71 15.57
C VAL A 119 -2.75 -15.99 14.11
N ILE A 120 -2.23 -17.12 13.64
CA ILE A 120 -2.49 -17.53 12.27
C ILE A 120 -3.48 -18.66 12.36
N TRP A 121 -4.71 -18.38 11.94
CA TRP A 121 -5.81 -19.34 12.11
C TRP A 121 -5.75 -20.51 11.17
N PRO A 122 -6.36 -21.62 11.55
CA PRO A 122 -6.74 -22.57 10.50
C PRO A 122 -7.66 -21.91 9.42
N GLY A 123 -7.81 -22.57 8.27
CA GLY A 123 -8.72 -22.07 7.23
C GLY A 123 -8.04 -21.87 5.90
N ALA A 124 -6.69 -21.88 5.95
CA ALA A 124 -5.86 -22.06 4.75
C ALA A 124 -4.94 -23.34 4.84
N ARG A 125 -3.65 -23.12 5.14
CA ARG A 125 -2.71 -24.25 5.26
C ARG A 125 -1.39 -23.85 5.86
N GLN A 126 -0.65 -24.88 6.36
CA GLN A 126 0.67 -24.75 6.97
C GLN A 126 0.77 -23.64 7.99
N HIS A 127 -0.23 -23.60 8.87
CA HIS A 127 -0.37 -22.58 9.92
C HIS A 127 0.18 -23.04 11.27
N TRP A 128 1.13 -23.98 11.25
CA TRP A 128 1.75 -24.44 12.48
C TRP A 128 3.12 -23.80 12.66
N ARG A 129 3.54 -23.61 13.93
CA ARG A 129 4.90 -23.23 14.37
C ARG A 129 5.90 -24.34 14.14
N PRO A 130 6.91 -24.10 13.29
CA PRO A 130 7.94 -25.09 12.97
C PRO A 130 8.66 -25.70 14.18
N THR A 131 8.81 -24.96 15.28
CA THR A 131 9.52 -25.44 16.48
C THR A 131 8.64 -25.88 17.69
N SER A 132 7.31 -25.85 17.54
CA SER A 132 6.40 -26.34 18.59
C SER A 132 6.59 -27.82 18.89
N PRO A 133 6.85 -28.16 20.18
CA PRO A 133 6.95 -29.60 20.54
C PRO A 133 5.65 -30.40 20.40
N THR A 134 4.50 -29.82 20.71
CA THR A 134 3.24 -30.55 20.56
C THR A 134 3.07 -30.95 19.12
N PHE A 135 3.26 -29.97 18.23
CA PHE A 135 3.13 -30.26 16.82
C PHE A 135 4.15 -31.30 16.35
N ARG A 136 5.36 -31.22 16.87
CA ARG A 136 6.34 -32.17 16.45
C ARG A 136 5.93 -33.60 16.81
N THR A 137 5.42 -33.78 18.03
CA THR A 137 4.98 -35.11 18.51
C THR A 137 3.86 -35.72 17.66
N TYR A 138 2.88 -34.91 17.26
CA TYR A 138 1.82 -35.40 16.41
C TYR A 138 2.36 -35.87 15.06
N ALA A 139 3.08 -34.97 14.39
CA ALA A 139 3.72 -35.25 13.11
C ALA A 139 4.52 -36.55 13.20
N LEU A 140 5.45 -36.60 14.15
CA LEU A 140 6.31 -37.79 14.28
C LEU A 140 5.49 -39.09 14.49
N ARG A 141 4.32 -38.96 15.12
CA ARG A 141 3.40 -40.11 15.25
C ARG A 141 2.74 -40.52 13.94
N LEU A 142 2.22 -39.54 13.20
CA LEU A 142 1.62 -39.85 11.93
C LEU A 142 2.65 -40.51 11.00
N CYS A 143 3.89 -40.00 11.05
CA CYS A 143 5.00 -40.48 10.23
C CYS A 143 5.22 -41.95 10.55
N ARG A 144 5.37 -42.24 11.84
CA ARG A 144 5.52 -43.64 12.27
C ARG A 144 4.37 -44.51 11.77
N GLU A 145 3.13 -44.04 11.90
CA GLU A 145 2.00 -44.88 11.48
C GLU A 145 1.96 -45.15 9.99
N MET A 146 2.16 -44.08 9.21
CA MET A 146 2.24 -44.20 7.77
C MET A 146 3.31 -45.21 7.37
N ALA A 147 4.50 -45.03 7.92
CA ALA A 147 5.61 -45.90 7.54
C ALA A 147 5.28 -47.36 7.90
N GLU A 148 4.76 -47.58 9.13
CA GLU A 148 4.43 -48.97 9.61
C GLU A 148 3.39 -49.59 8.72
N HIS A 149 2.38 -48.82 8.32
CA HIS A 149 1.34 -49.37 7.46
C HIS A 149 1.81 -49.68 6.03
N TYR A 150 2.85 -48.98 5.55
CA TYR A 150 3.23 -49.07 4.13
C TYR A 150 4.59 -49.67 3.85
N LYS A 151 5.38 -49.99 4.89
CA LYS A 151 6.55 -50.87 4.69
C LYS A 151 5.91 -52.12 4.07
N ASP A 152 6.62 -52.98 3.38
CA ASP A 152 5.87 -54.16 2.83
C ASP A 152 4.89 -53.87 1.67
N ASN A 153 4.54 -52.60 1.43
CA ASN A 153 3.72 -52.25 0.24
C ASN A 153 4.54 -51.87 -1.00
N PRO A 154 4.44 -52.67 -2.09
CA PRO A 154 5.38 -52.49 -3.22
C PRO A 154 4.98 -51.38 -4.21
N ALA A 155 3.83 -50.77 -4.02
CA ALA A 155 3.45 -49.65 -4.87
C ALA A 155 4.25 -48.39 -4.46
N ILE A 156 4.72 -48.36 -3.20
CA ILE A 156 5.33 -47.11 -2.71
C ILE A 156 6.79 -47.08 -3.17
N VAL A 157 7.18 -46.04 -3.92
CA VAL A 157 8.54 -45.98 -4.48
C VAL A 157 9.34 -44.83 -3.92
N SER A 158 8.69 -43.96 -3.13
CA SER A 158 9.42 -42.83 -2.53
C SER A 158 8.52 -42.14 -1.51
N TRP A 159 9.16 -41.36 -0.63
CA TRP A 159 8.48 -40.59 0.37
C TRP A 159 8.54 -39.11 0.00
N HIS A 160 7.39 -38.46 0.09
CA HIS A 160 7.28 -37.03 -0.10
C HIS A 160 7.01 -36.47 1.29
N VAL A 161 8.07 -36.06 1.94
CA VAL A 161 7.96 -35.62 3.31
C VAL A 161 7.46 -34.21 3.36
N GLY A 162 6.40 -34.02 4.15
CA GLY A 162 5.77 -32.73 4.37
C GLY A 162 5.31 -32.17 3.06
N ASN A 163 5.42 -30.85 2.92
CA ASN A 163 5.14 -30.18 1.62
C ASN A 163 5.58 -28.74 1.69
N GLU A 164 6.47 -28.33 0.79
CA GLU A 164 6.91 -26.93 0.79
C GLU A 164 7.12 -26.30 2.18
N TYR A 165 8.02 -26.86 2.96
CA TYR A 165 8.25 -26.35 4.31
C TYR A 165 8.58 -24.87 4.28
N GLY A 166 7.94 -24.08 5.12
CA GLY A 166 8.23 -22.66 5.21
C GLY A 166 7.71 -21.82 4.05
N CYS A 167 6.96 -22.43 3.11
CA CYS A 167 6.23 -21.64 2.14
C CYS A 167 5.40 -20.53 2.84
N HIS A 168 4.62 -20.90 3.87
CA HIS A 168 3.83 -19.91 4.59
C HIS A 168 4.35 -19.70 5.97
N ASN A 169 4.90 -20.76 6.56
CA ASN A 169 5.31 -20.72 7.97
C ASN A 169 6.80 -20.52 8.27
N TYR A 170 7.53 -19.96 7.30
CA TYR A 170 8.92 -19.62 7.47
C TYR A 170 9.22 -18.80 8.72
N PHE A 171 8.43 -17.76 8.93
CA PHE A 171 8.69 -16.80 9.98
C PHE A 171 7.70 -16.99 11.12
N ASP A 172 8.12 -17.65 12.18
CA ASP A 172 7.33 -17.71 13.39
C ASP A 172 7.92 -16.88 14.54
N TYR A 173 7.07 -16.35 15.41
CA TYR A 173 7.53 -15.43 16.46
C TYR A 173 7.01 -15.83 17.80
N SER A 174 6.39 -17.01 17.83
CA SER A 174 5.86 -17.60 19.06
C SER A 174 6.96 -17.81 20.11
N ASP A 175 6.56 -18.10 21.34
CA ASP A 175 7.53 -18.32 22.43
C ASP A 175 8.39 -19.56 22.16
N ASP A 176 7.85 -20.46 21.33
CA ASP A 176 8.59 -21.64 20.87
C ASP A 176 9.77 -21.19 20.02
N ALA A 177 9.49 -20.32 19.04
CA ALA A 177 10.53 -19.71 18.23
C ALA A 177 11.48 -18.86 19.07
N VAL A 178 10.96 -18.07 20.03
CA VAL A 178 11.85 -17.27 20.94
C VAL A 178 12.90 -18.21 21.55
N GLN A 179 12.40 -19.26 22.21
CA GLN A 179 13.22 -20.29 22.85
C GLN A 179 14.25 -20.95 21.92
N ALA A 180 13.80 -21.47 20.77
CA ALA A 180 14.71 -22.22 19.83
C ALA A 180 15.73 -21.33 19.10
N PHE A 181 15.37 -20.08 18.85
CA PHE A 181 16.31 -19.11 18.29
C PHE A 181 17.44 -18.87 19.32
N ARG A 182 17.08 -18.70 20.60
CA ARG A 182 18.13 -18.66 21.67
C ARG A 182 19.09 -19.85 21.62
N GLU A 183 18.51 -21.05 21.62
CA GLU A 183 19.31 -22.26 21.59
C GLU A 183 20.15 -22.36 20.31
N TRP A 184 19.59 -21.94 19.19
CA TRP A 184 20.38 -21.86 17.94
C TRP A 184 21.54 -20.88 18.07
N CYS A 185 21.30 -19.72 18.69
CA CYS A 185 22.36 -18.77 18.99
C CYS A 185 23.42 -19.32 19.95
N ARG A 186 22.98 -19.92 21.06
CA ARG A 186 23.91 -20.59 21.97
C ARG A 186 24.76 -21.61 21.22
N ASP A 187 24.12 -22.42 20.37
CA ASP A 187 24.84 -23.49 19.65
CA ASP A 187 24.81 -23.49 19.61
C ASP A 187 25.82 -22.93 18.63
N ARG A 188 25.45 -21.86 17.94
CA ARG A 188 26.34 -21.29 16.90
C ARG A 188 27.40 -20.47 17.53
N TYR A 189 27.07 -19.75 18.61
CA TYR A 189 28.04 -18.78 19.22
C TYR A 189 28.75 -19.19 20.53
N GLY A 190 28.24 -20.19 21.28
CA GLY A 190 28.93 -20.66 22.48
C GLY A 190 28.77 -19.62 23.59
N THR A 191 29.37 -18.43 23.41
CA THR A 191 29.42 -17.37 24.43
C THR A 191 28.71 -16.08 23.96
N ILE A 192 28.06 -15.37 24.88
CA ILE A 192 27.27 -14.20 24.54
C ILE A 192 28.11 -13.07 23.94
N ASP A 193 29.36 -13.00 24.37
CA ASP A 193 30.19 -11.94 23.87
C ASP A 193 30.42 -12.15 22.37
N LYS A 194 30.36 -13.41 21.90
CA LYS A 194 30.52 -13.76 20.47
C LYS A 194 29.29 -13.35 19.62
N VAL A 195 28.12 -13.43 20.25
CA VAL A 195 26.88 -12.94 19.66
C VAL A 195 26.95 -11.40 19.53
N ASN A 196 27.32 -10.71 20.62
CA ASN A 196 27.46 -9.23 20.62
C ASN A 196 28.39 -8.70 19.49
N ALA A 197 29.48 -9.39 19.20
CA ALA A 197 30.40 -9.04 18.11
C ALA A 197 29.80 -9.28 16.72
N ALA A 198 29.12 -10.42 16.57
CA ALA A 198 28.54 -10.81 15.30
C ALA A 198 27.45 -9.82 14.89
N TRP A 199 26.77 -9.22 15.87
CA TRP A 199 25.64 -8.34 15.58
C TRP A 199 25.82 -6.87 15.83
N GLY A 200 26.91 -6.46 16.49
CA GLY A 200 27.20 -5.03 16.66
C GLY A 200 26.15 -4.41 17.58
N THR A 201 25.64 -5.22 18.51
CA THR A 201 24.74 -4.77 19.59
C THR A 201 25.22 -3.57 20.52
N ASN A 202 26.43 -3.04 20.30
CA ASN A 202 26.87 -1.81 21.00
C ASN A 202 26.26 -0.55 20.34
N PHE A 203 25.63 -0.78 19.18
CA PHE A 203 24.74 0.22 18.59
C PHE A 203 23.36 0.24 19.26
N TRP A 204 22.89 1.46 19.60
CA TRP A 204 21.62 1.73 20.31
C TRP A 204 21.34 0.89 21.51
N SER A 205 22.32 0.66 22.40
CA SER A 205 22.08 0.05 23.76
C SER A 205 21.40 -1.28 23.63
N GLN A 206 21.92 -2.08 22.69
CA GLN A 206 21.37 -3.39 22.42
C GLN A 206 22.21 -4.53 23.05
N ARG A 207 23.40 -4.18 23.60
CA ARG A 207 24.39 -5.15 24.19
C ARG A 207 23.76 -6.27 25.03
N LEU A 208 24.12 -7.49 24.75
CA LEU A 208 23.49 -8.58 25.49
C LEU A 208 24.30 -9.01 26.75
N ASN A 209 23.57 -9.22 27.85
CA ASN A 209 24.15 -9.73 29.09
C ASN A 209 24.15 -11.25 29.07
N SER A 210 23.09 -11.82 28.51
CA SER A 210 22.92 -13.26 28.52
C SER A 210 22.15 -13.70 27.27
N PHE A 211 22.29 -14.96 26.89
CA PHE A 211 21.43 -15.55 25.87
C PHE A 211 19.95 -15.36 26.16
N GLU A 212 19.58 -15.37 27.44
CA GLU A 212 18.18 -15.26 27.87
C GLU A 212 17.59 -13.93 27.39
N GLU A 213 18.49 -12.98 27.15
CA GLU A 213 18.11 -11.66 26.65
C GLU A 213 17.78 -11.54 25.14
N ILE A 214 18.28 -12.50 24.33
CA ILE A 214 18.05 -12.56 22.87
C ILE A 214 16.59 -12.76 22.57
N LEU A 215 16.03 -11.94 21.67
CA LEU A 215 14.67 -12.10 21.13
C LEU A 215 14.71 -12.20 19.59
N PRO A 216 13.71 -12.83 18.97
CA PRO A 216 13.68 -12.68 17.51
C PRO A 216 13.23 -11.28 17.11
N PRO A 217 13.58 -10.82 15.88
CA PRO A 217 13.10 -9.52 15.41
C PRO A 217 11.54 -9.34 15.26
N ARG A 218 10.81 -9.35 16.39
CA ARG A 218 9.40 -8.92 16.43
C ARG A 218 9.30 -7.45 16.11
N TYR A 219 8.07 -7.00 15.91
CA TYR A 219 7.72 -5.61 15.58
C TYR A 219 8.46 -4.50 16.40
N VAL A 220 9.11 -3.63 15.64
CA VAL A 220 9.88 -2.50 16.16
C VAL A 220 9.25 -1.13 15.81
N GLY A 221 8.00 -1.17 15.35
CA GLY A 221 7.19 0.01 15.01
C GLY A 221 6.98 0.29 13.52
N GLY A 222 7.48 -0.60 12.65
CA GLY A 222 7.34 -0.44 11.18
C GLY A 222 8.23 0.66 10.62
N GLU A 223 7.67 1.42 9.67
CA GLU A 223 8.46 2.38 8.89
C GLU A 223 9.16 3.49 9.74
N GLY A 224 10.44 3.72 9.45
CA GLY A 224 11.28 4.70 10.14
C GLY A 224 11.95 4.08 11.35
N ASN A 225 11.67 2.77 11.55
CA ASN A 225 12.31 1.96 12.59
C ASN A 225 13.08 0.74 11.99
N PHE A 226 14.33 0.61 12.42
CA PHE A 226 15.24 -0.35 11.83
C PHE A 226 15.77 -1.30 12.86
N THR A 227 15.47 -2.56 12.59
CA THR A 227 15.89 -3.67 13.39
C THR A 227 17.36 -4.02 13.14
N ASN A 228 18.02 -4.73 14.08
CA ASN A 228 19.44 -5.06 13.91
C ASN A 228 19.66 -5.98 12.68
N PRO A 229 20.44 -5.52 11.68
CA PRO A 229 20.76 -6.25 10.43
C PRO A 229 21.46 -7.62 10.56
N GLY A 230 22.51 -7.72 11.37
CA GLY A 230 23.19 -8.99 11.65
C GLY A 230 22.27 -9.95 12.40
N ARG A 231 21.48 -9.43 13.33
CA ARG A 231 20.50 -10.28 14.05
C ARG A 231 19.49 -10.85 13.05
N LEU A 232 19.09 -9.99 12.10
CA LEU A 232 18.02 -10.33 11.15
C LEU A 232 18.51 -11.43 10.23
N LEU A 233 19.76 -11.26 9.74
CA LEU A 233 20.46 -12.28 8.94
C LEU A 233 20.41 -13.62 9.65
N ASP A 234 20.95 -13.66 10.87
CA ASP A 234 21.00 -14.90 11.64
C ASP A 234 19.64 -15.47 11.88
N PHE A 235 18.67 -14.59 12.12
CA PHE A 235 17.28 -15.03 12.28
C PHE A 235 16.74 -15.78 11.05
N LYS A 236 17.12 -15.31 9.87
CA LYS A 236 16.67 -15.90 8.64
C LYS A 236 17.35 -17.27 8.49
N HIS A 237 18.63 -17.28 8.82
CA HIS A 237 19.38 -18.53 8.89
C HIS A 237 18.72 -19.52 9.82
N PHE A 238 18.42 -19.05 11.03
CA PHE A 238 17.78 -19.90 12.00
C PHE A 238 16.43 -20.43 11.51
N CYS A 239 15.58 -19.58 10.91
CA CYS A 239 14.26 -20.02 10.44
C CYS A 239 14.38 -21.21 9.45
N SER A 240 15.39 -21.13 8.60
CA SER A 240 15.65 -22.19 7.62
C SER A 240 16.09 -23.47 8.30
N ASP A 241 16.97 -23.31 9.28
CA ASP A 241 17.57 -24.42 10.02
C ASP A 241 16.47 -25.10 10.87
N ALA A 242 15.66 -24.29 11.54
CA ALA A 242 14.61 -24.81 12.39
C ALA A 242 13.69 -25.78 11.63
N LEU A 243 13.32 -25.42 10.39
CA LEU A 243 12.45 -26.30 9.60
C LEU A 243 13.26 -27.46 9.00
N LYS A 244 14.57 -27.25 8.80
CA LYS A 244 15.41 -28.30 8.18
C LYS A 244 15.48 -29.42 9.22
N GLU A 245 15.76 -29.00 10.45
CA GLU A 245 15.72 -29.88 11.63
C GLU A 245 14.37 -30.64 11.76
N PHE A 246 13.26 -29.92 11.66
CA PHE A 246 11.96 -30.56 11.68
C PHE A 246 11.84 -31.57 10.54
N PHE A 247 12.27 -31.21 9.34
CA PHE A 247 12.14 -32.14 8.22
C PHE A 247 13.02 -33.35 8.48
N CYS A 248 14.24 -33.14 8.97
CA CYS A 248 15.16 -34.27 9.18
C CYS A 248 14.58 -35.28 10.15
N ALA A 249 13.97 -34.78 11.22
CA ALA A 249 13.31 -35.64 12.21
C ALA A 249 12.20 -36.46 11.55
N GLU A 250 11.26 -35.82 10.82
CA GLU A 250 10.24 -36.59 10.10
C GLU A 250 10.88 -37.64 9.20
N ARG A 251 11.97 -37.30 8.52
CA ARG A 251 12.50 -38.28 7.60
C ARG A 251 13.28 -39.37 8.26
N ASP A 252 13.90 -39.10 9.40
CA ASP A 252 14.62 -40.16 10.10
C ASP A 252 13.67 -41.26 10.57
N VAL A 253 12.51 -40.83 11.07
CA VAL A 253 11.41 -41.72 11.45
C VAL A 253 10.86 -42.57 10.29
N LEU A 254 10.65 -42.00 9.10
CA LEU A 254 10.17 -42.81 7.97
C LEU A 254 11.26 -43.75 7.50
N SER A 255 12.49 -43.28 7.54
CA SER A 255 13.59 -44.06 6.98
C SER A 255 13.97 -45.29 7.83
N GLU A 256 13.85 -45.14 9.15
CA GLU A 256 14.08 -46.21 10.10
C GLU A 256 13.20 -47.44 9.82
N VAL A 257 11.93 -47.19 9.53
CA VAL A 257 10.96 -48.23 9.28
C VAL A 257 11.06 -48.72 7.81
N THR A 258 11.48 -47.87 6.87
CA THR A 258 11.48 -48.28 5.45
C THR A 258 12.79 -47.89 4.80
N PRO A 259 13.90 -48.56 5.19
CA PRO A 259 15.28 -48.13 4.83
C PRO A 259 15.62 -48.08 3.33
N ASN A 260 14.92 -48.85 2.52
CA ASN A 260 15.24 -48.84 1.09
C ASN A 260 14.49 -47.76 0.35
N ILE A 261 13.51 -47.10 1.00
CA ILE A 261 12.63 -46.15 0.31
C ILE A 261 13.24 -44.73 0.30
N PRO A 262 13.59 -44.23 -0.90
CA PRO A 262 14.22 -42.92 -1.01
C PRO A 262 13.22 -41.82 -0.61
N LEU A 263 13.77 -40.82 0.10
CA LEU A 263 12.98 -39.75 0.68
C LEU A 263 13.39 -38.38 0.12
N THR A 264 12.36 -37.60 -0.19
CA THR A 264 12.53 -36.21 -0.59
C THR A 264 11.51 -35.30 0.09
N THR A 265 11.72 -34.00 -0.12
CA THR A 265 10.70 -32.98 0.10
C THR A 265 10.82 -31.95 -1.03
N ASN A 266 9.68 -31.37 -1.42
CA ASN A 266 9.65 -30.44 -2.59
C ASN A 266 10.15 -29.06 -2.27
N PHE A 267 11.21 -28.69 -2.98
CA PHE A 267 11.75 -27.33 -2.89
C PHE A 267 10.89 -26.35 -3.72
N MET A 268 11.18 -25.07 -3.57
CA MET A 268 10.50 -24.04 -4.37
C MET A 268 11.58 -23.15 -4.91
N VAL A 269 12.51 -23.72 -5.61
CA VAL A 269 13.60 -22.93 -6.15
C VAL A 269 13.08 -22.16 -7.36
N SER A 270 13.22 -20.82 -7.31
CA SER A 270 12.91 -19.93 -8.43
C SER A 270 13.80 -18.68 -8.28
N ALA A 271 13.86 -17.84 -9.30
CA ALA A 271 14.76 -16.70 -9.28
C ALA A 271 14.58 -15.88 -8.02
N SER A 272 13.33 -15.65 -7.63
CA SER A 272 13.13 -14.70 -6.55
C SER A 272 12.98 -15.34 -5.18
N GLN A 273 13.09 -16.66 -5.03
CA GLN A 273 12.86 -17.23 -3.69
C GLN A 273 13.91 -16.73 -2.66
N ASN A 274 13.47 -16.36 -1.48
CA ASN A 274 14.37 -15.61 -0.64
C ASN A 274 14.30 -16.07 0.81
N THR A 275 13.68 -17.24 1.03
CA THR A 275 13.54 -17.78 2.39
C THR A 275 14.49 -18.99 2.63
N LEU A 276 13.96 -20.21 2.46
CA LEU A 276 14.78 -21.44 2.65
C LEU A 276 16.12 -21.42 1.92
N ASP A 277 17.17 -21.92 2.58
CA ASP A 277 18.50 -22.09 1.93
C ASP A 277 18.58 -23.52 1.39
N TYR A 278 18.17 -23.67 0.15
CA TYR A 278 17.89 -25.00 -0.41
C TYR A 278 19.15 -25.78 -0.67
N ASP A 279 20.23 -25.04 -0.93
CA ASP A 279 21.50 -25.70 -1.17
C ASP A 279 21.96 -26.45 0.06
N ASP A 280 21.74 -25.81 1.20
CA ASP A 280 21.95 -26.44 2.48
C ASP A 280 21.00 -27.63 2.73
N TRP A 281 19.70 -27.47 2.48
CA TRP A 281 18.74 -28.59 2.65
C TRP A 281 19.03 -29.72 1.75
N ALA A 282 19.78 -29.44 0.69
CA ALA A 282 19.98 -30.43 -0.34
C ALA A 282 20.86 -31.58 0.19
N HIS A 283 21.64 -31.31 1.25
CA HIS A 283 22.52 -32.36 1.85
C HIS A 283 21.69 -33.40 2.55
N GLU A 284 20.38 -33.12 2.68
CA GLU A 284 19.51 -33.89 3.59
C GLU A 284 18.46 -34.77 2.88
N VAL A 285 18.41 -34.70 1.55
CA VAL A 285 17.41 -35.41 0.76
C VAL A 285 18.09 -36.52 -0.07
N ASP A 286 17.42 -37.64 -0.39
CA ASP A 286 18.11 -38.67 -1.17
C ASP A 286 18.18 -38.32 -2.67
N PHE A 287 17.26 -37.44 -3.08
CA PHE A 287 17.24 -36.82 -4.42
C PHE A 287 16.48 -35.47 -4.30
N VAL A 288 16.88 -34.48 -5.11
CA VAL A 288 16.39 -33.13 -4.99
C VAL A 288 15.12 -33.08 -5.82
N SER A 289 14.05 -32.53 -5.24
CA SER A 289 12.87 -32.28 -6.03
C SER A 289 12.38 -30.81 -5.95
N ASN A 290 11.75 -30.32 -7.03
CA ASN A 290 11.40 -28.91 -7.07
C ASN A 290 10.04 -28.64 -7.60
N ASP A 291 9.49 -27.55 -7.08
CA ASP A 291 8.21 -27.06 -7.53
C ASP A 291 8.50 -25.72 -8.12
N HIS A 292 8.07 -25.51 -9.35
CA HIS A 292 8.31 -24.26 -10.04
C HIS A 292 7.15 -23.93 -10.97
N TYR A 293 6.73 -22.66 -10.92
CA TYR A 293 5.58 -22.12 -11.73
C TYR A 293 6.01 -20.96 -12.57
N PHE A 294 5.54 -20.92 -13.81
CA PHE A 294 6.09 -19.93 -14.77
C PHE A 294 5.88 -18.46 -14.36
N THR A 295 6.83 -17.61 -14.73
CA THR A 295 6.70 -16.15 -14.57
C THR A 295 6.05 -15.64 -15.85
N PRO A 296 4.91 -14.95 -15.77
CA PRO A 296 4.27 -14.56 -17.06
C PRO A 296 5.04 -13.49 -17.84
N GLY A 297 4.83 -13.44 -19.14
CA GLY A 297 5.49 -12.49 -20.04
C GLY A 297 6.88 -12.88 -20.55
N SER A 298 7.66 -11.86 -20.86
CA SER A 298 9.02 -11.97 -21.37
C SER A 298 9.96 -12.78 -20.56
N TRP A 299 9.77 -12.85 -19.25
CA TRP A 299 10.71 -13.60 -18.39
C TRP A 299 10.49 -15.09 -18.37
N HIS A 300 9.34 -15.53 -18.88
CA HIS A 300 8.84 -16.91 -18.84
C HIS A 300 9.91 -17.91 -19.12
N ILE A 301 10.59 -17.80 -20.24
CA ILE A 301 11.54 -18.83 -20.65
C ILE A 301 12.86 -18.76 -19.86
N ASP A 302 13.49 -17.57 -19.87
CA ASP A 302 14.73 -17.40 -19.19
C ASP A 302 14.64 -17.64 -17.71
N GLU A 303 13.57 -17.23 -17.04
CA GLU A 303 13.50 -17.44 -15.58
C GLU A 303 13.21 -18.91 -15.23
N LEU A 304 12.48 -19.62 -16.08
CA LEU A 304 12.30 -21.04 -15.85
C LEU A 304 13.61 -21.77 -16.08
N ALA A 305 14.29 -21.52 -17.20
CA ALA A 305 15.61 -22.17 -17.46
C ALA A 305 16.61 -21.91 -16.35
N TYR A 306 16.66 -20.65 -15.90
CA TYR A 306 17.57 -20.25 -14.84
C TYR A 306 17.34 -21.08 -13.58
N SER A 307 16.07 -21.20 -13.20
CA SER A 307 15.65 -21.92 -12.06
C SER A 307 16.04 -23.36 -12.18
N ALA A 308 15.65 -23.99 -13.28
CA ALA A 308 15.92 -25.40 -13.46
C ALA A 308 17.44 -25.64 -13.46
N SER A 309 18.20 -24.73 -14.05
CA SER A 309 19.65 -24.84 -13.96
C SER A 309 20.13 -24.79 -12.49
N LEU A 310 19.60 -23.85 -11.69
CA LEU A 310 20.00 -23.72 -10.29
C LEU A 310 19.66 -25.03 -9.54
N VAL A 311 18.54 -25.68 -9.87
CA VAL A 311 18.17 -26.94 -9.21
C VAL A 311 19.27 -27.93 -9.45
N ASP A 312 19.61 -28.06 -10.73
CA ASP A 312 20.73 -28.86 -11.17
C ASP A 312 22.01 -28.49 -10.41
N GLY A 313 22.35 -27.21 -10.33
CA GLY A 313 23.50 -26.77 -9.50
C GLY A 313 23.40 -27.21 -8.08
N ILE A 314 22.22 -27.02 -7.45
CA ILE A 314 22.02 -27.39 -6.05
C ILE A 314 22.19 -28.91 -5.97
N SER A 315 21.79 -29.57 -7.04
CA SER A 315 21.84 -31.03 -7.14
C SER A 315 23.27 -31.57 -7.36
N ARG A 316 24.21 -30.66 -7.57
CA ARG A 316 25.57 -31.05 -8.00
C ARG A 316 25.57 -31.91 -9.29
N LYS A 317 24.64 -31.64 -10.21
CA LYS A 317 24.46 -32.40 -11.48
C LYS A 317 23.90 -33.83 -11.39
N LYS A 318 23.47 -34.29 -10.20
CA LYS A 318 22.70 -35.51 -10.09
C LYS A 318 21.33 -35.24 -10.67
N PRO A 319 20.72 -36.29 -11.29
CA PRO A 319 19.33 -36.15 -11.79
C PRO A 319 18.39 -35.68 -10.72
N TRP A 320 17.39 -34.87 -11.09
CA TRP A 320 16.52 -34.26 -10.08
C TRP A 320 15.08 -34.43 -10.47
N PHE A 321 14.17 -34.16 -9.54
CA PHE A 321 12.78 -34.52 -9.69
C PHE A 321 11.95 -33.23 -9.78
N LEU A 322 11.31 -32.98 -10.93
CA LEU A 322 10.29 -31.94 -11.04
C LEU A 322 8.96 -32.41 -10.44
N MET A 323 8.72 -31.98 -9.21
CA MET A 323 7.55 -32.37 -8.43
C MET A 323 6.27 -31.55 -8.73
N ALA A 324 6.38 -30.31 -9.18
CA ALA A 324 5.15 -29.60 -9.56
C ALA A 324 5.49 -28.50 -10.47
N GLN A 325 4.51 -28.15 -11.29
CA GLN A 325 4.49 -26.97 -12.20
C GLN A 325 3.04 -26.89 -12.71
N SER A 326 2.70 -25.92 -13.53
CA SER A 326 1.28 -25.82 -13.93
C SER A 326 1.09 -26.15 -15.40
N THR A 327 -0.02 -26.78 -15.78
CA THR A 327 -0.29 -27.02 -17.23
C THR A 327 -0.74 -25.71 -17.90
N SER A 328 -1.47 -24.90 -17.12
CA SER A 328 -1.81 -23.55 -17.55
C SER A 328 -1.68 -22.49 -16.44
N ALA A 329 -2.75 -21.76 -16.20
CA ALA A 329 -2.78 -20.72 -15.16
C ALA A 329 -2.62 -21.32 -13.75
N VAL A 330 -1.93 -20.58 -12.87
CA VAL A 330 -1.95 -20.85 -11.41
C VAL A 330 -3.14 -20.08 -10.82
N ASN A 331 -3.33 -20.09 -9.50
CA ASN A 331 -4.48 -19.35 -8.94
C ASN A 331 -4.03 -18.24 -8.00
N TRP A 332 -2.73 -18.04 -7.77
CA TRP A 332 -2.29 -17.29 -6.58
C TRP A 332 -1.66 -15.95 -6.87
N ARG A 333 -1.71 -15.47 -8.12
CA ARG A 333 -1.21 -14.13 -8.42
C ARG A 333 -2.40 -13.16 -8.51
N GLU A 334 -2.13 -11.87 -8.41
CA GLU A 334 -3.15 -10.86 -8.65
C GLU A 334 -3.88 -11.04 -10.00
N ILE A 335 -3.13 -11.55 -11.00
CA ILE A 335 -3.63 -11.85 -12.33
C ILE A 335 -2.96 -13.14 -12.81
N ASN A 336 -3.74 -14.20 -13.14
CA ASN A 336 -3.20 -15.52 -13.54
C ASN A 336 -3.28 -15.84 -15.04
N PRO A 337 -2.29 -15.39 -15.79
CA PRO A 337 -2.39 -15.67 -17.23
C PRO A 337 -2.36 -17.19 -17.52
N ARG A 338 -3.04 -17.61 -18.60
CA ARG A 338 -2.99 -19.00 -19.05
C ARG A 338 -1.74 -19.21 -19.87
N LYS A 339 -1.35 -20.47 -20.08
CA LYS A 339 -0.17 -20.74 -20.91
C LYS A 339 -0.61 -20.66 -22.35
N GLU A 340 0.25 -20.09 -23.19
CA GLU A 340 0.06 -20.07 -24.67
C GLU A 340 0.21 -21.47 -25.32
N PRO A 341 -0.30 -21.69 -26.54
CA PRO A 341 -0.12 -23.06 -27.11
C PRO A 341 1.36 -23.49 -27.09
N GLY A 342 1.62 -24.75 -26.72
CA GLY A 342 2.96 -25.33 -26.84
C GLY A 342 3.86 -25.07 -25.64
N GLU A 343 3.50 -24.06 -24.84
CA GLU A 343 4.25 -23.74 -23.62
C GLU A 343 4.19 -24.91 -22.60
N LEU A 344 3.10 -25.69 -22.57
CA LEU A 344 3.00 -26.81 -21.61
C LEU A 344 4.07 -27.85 -21.91
N ILE A 345 4.17 -28.28 -23.17
CA ILE A 345 5.19 -29.27 -23.56
C ILE A 345 6.55 -28.57 -23.48
N ARG A 346 6.62 -27.33 -23.97
CA ARG A 346 7.95 -26.65 -23.97
C ARG A 346 8.58 -26.52 -22.54
N ASP A 347 7.78 -26.10 -21.58
CA ASP A 347 8.31 -25.83 -20.25
C ASP A 347 8.83 -27.14 -19.56
N SER A 348 8.01 -28.20 -19.67
CA SER A 348 8.38 -29.57 -19.30
C SER A 348 9.69 -29.99 -19.95
N MET A 349 9.83 -29.74 -21.25
CA MET A 349 11.11 -30.07 -21.90
C MET A 349 12.29 -29.21 -21.40
N LEU A 350 12.01 -27.97 -21.01
CA LEU A 350 13.07 -27.15 -20.40
C LEU A 350 13.57 -27.67 -19.03
N HIS A 351 12.63 -28.09 -18.18
CA HIS A 351 13.02 -28.71 -16.92
C HIS A 351 13.81 -29.99 -17.19
N LEU A 352 13.33 -30.82 -18.11
CA LEU A 352 14.03 -32.10 -18.51
C LEU A 352 15.43 -31.79 -19.03
N ALA A 353 15.52 -30.88 -20.01
CA ALA A 353 16.82 -30.51 -20.58
C ALA A 353 17.77 -30.08 -19.49
N MET A 354 17.26 -29.46 -18.44
CA MET A 354 18.12 -28.97 -17.37
C MET A 354 18.43 -30.05 -16.33
N GLY A 355 18.04 -31.30 -16.62
CA GLY A 355 18.58 -32.42 -15.84
C GLY A 355 17.58 -33.26 -15.07
N ALA A 356 16.31 -32.88 -15.12
CA ALA A 356 15.27 -33.56 -14.37
C ALA A 356 15.06 -34.91 -15.04
N ASP A 357 14.79 -35.96 -14.22
CA ASP A 357 14.44 -37.30 -14.76
C ASP A 357 13.01 -37.66 -14.28
N ALA A 358 12.28 -36.69 -13.78
CA ALA A 358 10.86 -36.87 -13.46
C ALA A 358 10.14 -35.54 -13.72
N ILE A 359 8.95 -35.60 -14.33
CA ILE A 359 8.17 -34.42 -14.67
C ILE A 359 6.75 -34.60 -14.17
N CYS A 360 6.35 -33.77 -13.20
CA CYS A 360 5.07 -33.85 -12.53
C CYS A 360 4.35 -32.47 -12.40
N TYR A 361 3.03 -32.49 -12.25
CA TYR A 361 2.22 -31.30 -12.14
C TYR A 361 1.52 -31.21 -10.84
N PHE A 362 1.27 -30.00 -10.40
CA PHE A 362 0.13 -29.82 -9.51
C PHE A 362 -1.04 -29.44 -10.43
N GLN A 363 -2.11 -30.22 -10.50
CA GLN A 363 -2.35 -31.53 -9.87
C GLN A 363 -3.03 -32.39 -10.96
N TRP A 364 -3.52 -33.58 -10.60
CA TRP A 364 -4.06 -34.53 -11.64
C TRP A 364 -5.32 -33.99 -12.20
N ARG A 365 -6.33 -33.75 -11.34
CA ARG A 365 -7.73 -33.37 -11.68
C ARG A 365 -8.06 -31.95 -11.10
N GLN A 366 -8.64 -31.06 -11.92
CA GLN A 366 -8.99 -29.75 -11.40
C GLN A 366 -10.06 -29.85 -10.29
N SER A 367 -9.84 -29.23 -9.12
CA SER A 367 -10.90 -29.25 -8.09
C SER A 367 -12.04 -28.34 -8.55
N ARG A 368 -13.28 -28.72 -8.22
CA ARG A 368 -14.46 -27.87 -8.31
C ARG A 368 -14.55 -26.80 -7.21
N SER A 369 -13.95 -27.11 -6.08
CA SER A 369 -14.11 -26.23 -4.93
C SER A 369 -12.79 -26.10 -4.13
N GLY A 370 -12.78 -25.18 -3.17
CA GLY A 370 -11.56 -24.89 -2.47
C GLY A 370 -10.72 -23.83 -3.15
N ALA A 371 -9.77 -23.27 -2.38
CA ALA A 371 -8.99 -22.14 -2.76
C ALA A 371 -8.22 -22.39 -4.07
N GLU A 372 -8.12 -23.64 -4.52
CA GLU A 372 -7.29 -23.90 -5.71
C GLU A 372 -8.12 -24.32 -6.90
N LYS A 373 -9.41 -24.02 -6.83
CA LYS A 373 -10.35 -24.47 -7.84
C LYS A 373 -10.01 -23.92 -9.22
N PHE A 374 -9.43 -22.74 -9.25
CA PHE A 374 -9.07 -22.10 -10.54
C PHE A 374 -7.63 -22.41 -10.96
N HIS A 375 -6.94 -23.23 -10.18
CA HIS A 375 -5.60 -23.58 -10.57
C HIS A 375 -5.75 -24.65 -11.61
N SER A 376 -5.07 -24.48 -12.74
CA SER A 376 -5.10 -25.48 -13.81
C SER A 376 -4.59 -26.82 -13.34
N ALA A 377 -4.93 -27.87 -14.10
CA ALA A 377 -4.57 -29.23 -13.76
C ALA A 377 -4.31 -29.99 -15.04
N MET A 378 -3.95 -31.26 -14.90
CA MET A 378 -3.75 -32.13 -16.06
C MET A 378 -5.08 -32.52 -16.70
N LEU A 379 -6.11 -32.66 -15.89
CA LEU A 379 -7.43 -32.97 -16.42
C LEU A 379 -8.38 -31.89 -15.89
N PRO A 380 -8.69 -30.90 -16.78
CA PRO A 380 -9.48 -29.70 -16.47
C PRO A 380 -10.89 -30.07 -16.10
N LEU A 381 -11.60 -29.16 -15.47
CA LEU A 381 -13.01 -29.40 -15.18
C LEU A 381 -13.76 -29.62 -16.51
N ALA A 382 -13.28 -28.96 -17.56
CA ALA A 382 -13.82 -29.15 -18.88
C ALA A 382 -13.72 -30.63 -19.39
N GLY A 383 -12.90 -31.47 -18.73
CA GLY A 383 -12.88 -32.92 -18.98
C GLY A 383 -11.86 -33.39 -20.02
N GLU A 384 -11.92 -34.68 -20.32
CA GLU A 384 -11.04 -35.33 -21.33
C GLU A 384 -10.93 -34.60 -22.68
N HIS A 385 -12.04 -34.03 -23.14
CA HIS A 385 -12.08 -33.39 -24.44
C HIS A 385 -11.74 -31.95 -24.17
N SER A 386 -10.44 -31.70 -24.06
CA SER A 386 -9.91 -30.37 -23.78
C SER A 386 -8.52 -30.30 -24.34
N GLN A 387 -8.10 -29.10 -24.72
CA GLN A 387 -6.75 -28.89 -25.24
C GLN A 387 -5.65 -29.29 -24.20
N ILE A 388 -5.75 -28.82 -22.96
CA ILE A 388 -4.77 -29.23 -21.96
C ILE A 388 -4.59 -30.78 -21.83
N TYR A 389 -5.68 -31.52 -21.75
CA TYR A 389 -5.54 -32.98 -21.63
C TYR A 389 -4.84 -33.66 -22.84
N ARG A 390 -5.22 -33.21 -24.04
CA ARG A 390 -4.60 -33.65 -25.30
C ARG A 390 -3.11 -33.36 -25.28
N ASP A 391 -2.76 -32.16 -24.84
CA ASP A 391 -1.35 -31.74 -24.76
C ASP A 391 -0.60 -32.53 -23.69
N VAL A 392 -1.28 -32.90 -22.63
CA VAL A 392 -0.67 -33.68 -21.57
C VAL A 392 -0.38 -35.12 -22.12
N CYS A 393 -1.35 -35.72 -22.83
CA CYS A 393 -1.14 -36.98 -23.61
C CYS A 393 0.02 -36.88 -24.56
N ALA A 394 0.08 -35.82 -25.39
CA ALA A 394 1.24 -35.74 -26.31
C ALA A 394 2.57 -35.70 -25.54
N LEU A 395 2.56 -35.00 -24.38
CA LEU A 395 3.75 -34.87 -23.49
C LEU A 395 4.18 -36.21 -22.88
N GLY A 396 3.22 -37.00 -22.40
CA GLY A 396 3.52 -38.36 -21.96
C GLY A 396 4.17 -39.26 -23.01
N ALA A 397 3.64 -39.23 -24.22
CA ALA A 397 4.32 -39.96 -25.31
C ALA A 397 5.78 -39.44 -25.56
N ASP A 398 5.98 -38.11 -25.49
CA ASP A 398 7.29 -37.52 -25.71
C ASP A 398 8.31 -37.99 -24.67
N LEU A 399 7.83 -38.08 -23.45
CA LEU A 399 8.67 -38.53 -22.36
C LEU A 399 8.93 -40.04 -22.46
N ASP A 400 7.92 -40.81 -22.88
CA ASP A 400 8.14 -42.21 -23.23
C ASP A 400 9.20 -42.38 -24.38
N THR A 401 9.02 -41.62 -25.46
CA THR A 401 10.01 -41.56 -26.51
C THR A 401 11.42 -41.23 -25.97
N LEU A 402 11.50 -40.26 -25.08
CA LEU A 402 12.82 -39.86 -24.55
C LEU A 402 13.37 -40.88 -23.55
N SER A 403 12.47 -41.60 -22.89
CA SER A 403 12.89 -42.69 -22.01
C SER A 403 13.60 -43.78 -22.87
N ASP A 404 12.94 -44.25 -23.94
CA ASP A 404 13.55 -45.22 -24.86
C ASP A 404 14.83 -44.75 -25.58
N ALA A 405 14.96 -43.45 -25.80
CA ALA A 405 16.20 -42.96 -26.38
C ALA A 405 17.35 -42.97 -25.36
N GLY A 406 17.15 -43.43 -24.12
CA GLY A 406 18.28 -43.57 -23.20
C GLY A 406 18.74 -42.28 -22.49
N ILE A 407 17.84 -41.29 -22.33
CA ILE A 407 18.19 -40.01 -21.69
C ILE A 407 18.47 -40.11 -20.18
N LEU A 408 17.93 -41.12 -19.56
CA LEU A 408 17.97 -41.24 -18.12
C LEU A 408 19.35 -41.18 -17.52
N ARG A 409 19.54 -40.37 -16.49
CA ARG A 409 20.81 -40.33 -15.77
C ARG A 409 21.94 -39.58 -16.50
N SER A 410 21.74 -39.11 -17.74
CA SER A 410 22.68 -38.16 -18.38
C SER A 410 22.69 -36.88 -17.54
N LYS A 411 23.84 -36.22 -17.51
CA LYS A 411 24.02 -35.03 -16.68
C LYS A 411 23.93 -33.74 -17.51
N LEU A 412 23.49 -32.65 -16.90
CA LEU A 412 23.53 -31.36 -17.56
C LEU A 412 25.02 -31.19 -17.78
N SER A 413 25.45 -31.08 -19.03
CA SER A 413 26.88 -30.91 -19.32
C SER A 413 27.43 -29.65 -18.63
N LYS A 414 28.73 -29.57 -18.53
CA LYS A 414 29.32 -28.53 -17.73
C LYS A 414 29.48 -27.33 -18.64
N ALA A 415 28.90 -26.19 -18.25
CA ALA A 415 28.86 -24.96 -19.06
C ALA A 415 30.27 -24.37 -19.03
N ARG A 416 30.60 -23.39 -19.87
CA ARG A 416 31.90 -22.66 -19.76
C ARG A 416 31.86 -21.62 -18.65
N VAL A 417 30.64 -21.18 -18.29
CA VAL A 417 30.54 -20.18 -17.26
C VAL A 417 29.60 -20.60 -16.15
N ALA A 418 30.05 -20.39 -14.92
CA ALA A 418 29.21 -20.59 -13.74
C ALA A 418 28.67 -19.23 -13.25
N ILE A 419 27.37 -19.14 -12.96
CA ILE A 419 26.81 -17.93 -12.37
C ILE A 419 26.48 -18.23 -10.92
N VAL A 420 27.12 -17.49 -10.04
CA VAL A 420 26.94 -17.67 -8.62
C VAL A 420 25.62 -17.13 -8.01
N GLN A 421 24.88 -18.05 -7.38
CA GLN A 421 23.71 -17.70 -6.62
C GLN A 421 23.95 -17.93 -5.13
N ASP A 422 23.38 -17.07 -4.28
CA ASP A 422 23.72 -17.11 -2.83
C ASP A 422 22.61 -16.51 -2.00
N ILE A 423 21.69 -17.36 -1.58
CA ILE A 423 20.56 -17.00 -0.70
C ILE A 423 20.98 -16.11 0.49
N GLN A 424 22.14 -16.40 1.07
CA GLN A 424 22.58 -15.62 2.23
C GLN A 424 22.91 -14.18 1.88
N SER A 425 23.58 -13.96 0.75
CA SER A 425 23.71 -12.63 0.21
C SER A 425 22.34 -12.03 -0.06
N GLU A 426 21.42 -12.82 -0.63
CA GLU A 426 20.02 -12.32 -0.77
C GLU A 426 19.41 -11.81 0.58
N TRP A 427 19.47 -12.61 1.63
CA TRP A 427 19.03 -12.16 2.95
C TRP A 427 19.64 -10.85 3.34
N ALA A 428 20.96 -10.76 3.27
CA ALA A 428 21.62 -9.53 3.72
C ALA A 428 21.09 -8.31 2.96
N THR A 429 20.79 -8.50 1.68
CA THR A 429 20.44 -7.36 0.83
C THR A 429 19.01 -6.88 1.05
N GLU A 430 18.24 -7.68 1.79
CA GLU A 430 16.84 -7.37 2.18
C GLU A 430 16.70 -6.42 3.36
N HIS A 431 17.80 -6.06 4.01
CA HIS A 431 17.64 -5.12 5.11
C HIS A 431 17.05 -3.82 4.61
N THR A 432 16.23 -3.18 5.45
CA THR A 432 15.61 -1.92 5.04
C THR A 432 16.50 -0.72 5.11
N ALA A 433 17.72 -0.85 5.60
CA ALA A 433 18.55 0.37 5.68
C ALA A 433 19.82 0.33 4.85
N THR A 434 19.83 -0.49 3.79
CA THR A 434 20.87 -0.50 2.77
C THR A 434 20.89 0.78 1.91
N PRO A 435 21.91 0.92 1.02
CA PRO A 435 21.89 2.12 0.17
C PRO A 435 20.58 2.32 -0.64
N THR A 436 19.93 1.22 -1.02
CA THR A 436 18.64 1.30 -1.70
C THR A 436 17.84 0.00 -1.65
N GLN A 437 16.53 0.12 -1.41
CA GLN A 437 15.64 -1.01 -1.48
C GLN A 437 15.48 -1.61 -2.89
N HIS A 438 16.05 -0.95 -3.91
CA HIS A 438 15.78 -1.31 -5.29
C HIS A 438 16.85 -2.28 -5.76
N ILE A 439 17.80 -2.59 -4.89
CA ILE A 439 18.77 -3.63 -5.18
C ILE A 439 18.55 -4.82 -4.22
N ARG A 440 18.44 -6.03 -4.80
CA ARG A 440 18.48 -7.27 -4.05
C ARG A 440 19.40 -8.16 -4.83
N GLU A 441 20.00 -9.16 -4.22
CA GLU A 441 20.98 -9.99 -4.92
C GLU A 441 20.32 -10.79 -6.03
N TRP A 442 19.08 -11.24 -5.81
CA TRP A 442 18.51 -12.25 -6.68
C TRP A 442 18.32 -11.86 -8.14
N THR A 443 18.13 -10.56 -8.42
CA THR A 443 17.86 -10.14 -9.81
C THR A 443 19.12 -10.23 -10.68
N GLU A 444 20.30 -10.07 -10.10
CA GLU A 444 21.49 -9.94 -10.91
C GLU A 444 22.00 -11.25 -11.57
N PRO A 445 22.15 -12.33 -10.82
CA PRO A 445 22.48 -13.61 -11.49
C PRO A 445 21.49 -13.98 -12.59
N LEU A 446 20.21 -13.62 -12.46
CA LEU A 446 19.21 -13.90 -13.50
C LEU A 446 19.48 -13.06 -14.72
N ASP A 447 19.76 -11.78 -14.50
CA ASP A 447 20.16 -10.89 -15.56
C ASP A 447 21.36 -11.44 -16.40
N TRP A 448 22.37 -11.97 -15.73
CA TRP A 448 23.54 -12.52 -16.41
C TRP A 448 23.20 -13.78 -17.09
N PHE A 449 22.30 -14.57 -16.50
CA PHE A 449 21.92 -15.82 -17.17
C PHE A 449 21.23 -15.51 -18.49
N ALA A 450 20.33 -14.56 -18.45
CA ALA A 450 19.60 -14.22 -19.68
C ALA A 450 20.51 -13.56 -20.72
N ALA A 451 21.47 -12.73 -20.28
CA ALA A 451 22.31 -11.96 -21.20
C ALA A 451 23.24 -12.91 -21.89
N PHE A 452 23.82 -13.85 -21.14
CA PHE A 452 24.65 -14.85 -21.80
C PHE A 452 23.82 -15.67 -22.78
N ALA A 453 22.60 -16.05 -22.40
CA ALA A 453 21.73 -16.78 -23.32
C ALA A 453 21.51 -15.98 -24.57
N ASN A 454 21.42 -14.66 -24.42
CA ASN A 454 21.26 -13.75 -25.55
C ASN A 454 22.42 -13.72 -26.53
N ARG A 455 23.60 -14.05 -26.02
CA ARG A 455 24.80 -14.19 -26.79
C ARG A 455 25.13 -15.66 -27.10
N GLY A 456 24.13 -16.54 -27.10
CA GLY A 456 24.37 -17.98 -27.43
C GLY A 456 25.10 -18.87 -26.41
N VAL A 457 25.13 -18.44 -25.16
CA VAL A 457 25.84 -19.16 -24.12
C VAL A 457 24.83 -19.61 -23.05
N THR A 458 24.83 -20.92 -22.72
CA THR A 458 24.02 -21.46 -21.62
C THR A 458 24.94 -21.54 -20.42
N ALA A 459 24.69 -20.71 -19.41
CA ALA A 459 25.57 -20.72 -18.24
C ALA A 459 25.00 -21.78 -17.29
N ASP A 460 25.81 -22.23 -16.33
CA ASP A 460 25.32 -23.05 -15.24
C ASP A 460 25.13 -22.13 -14.06
N VAL A 461 23.91 -22.09 -13.52
CA VAL A 461 23.71 -21.39 -12.26
C VAL A 461 24.15 -22.29 -11.12
N THR A 462 25.04 -21.79 -10.27
CA THR A 462 25.58 -22.61 -9.20
C THR A 462 25.47 -21.94 -7.85
N PRO A 463 25.00 -22.64 -6.81
CA PRO A 463 25.14 -22.05 -5.47
C PRO A 463 26.61 -21.76 -5.06
N ILE A 464 26.84 -20.81 -4.14
CA ILE A 464 28.18 -20.29 -3.83
C ILE A 464 29.15 -21.37 -3.34
N HIS A 465 28.60 -22.43 -2.77
CA HIS A 465 29.41 -23.49 -2.19
C HIS A 465 29.65 -24.62 -3.13
N ALA A 466 29.06 -24.55 -4.34
CA ALA A 466 29.29 -25.59 -5.33
C ALA A 466 30.64 -25.23 -5.92
N GLN A 467 31.05 -25.98 -6.93
CA GLN A 467 32.39 -25.87 -7.50
C GLN A 467 32.46 -24.93 -8.70
N TRP A 468 31.91 -23.73 -8.56
CA TRP A 468 32.06 -22.74 -9.59
C TRP A 468 33.52 -22.46 -9.84
N ASP A 469 34.40 -22.79 -8.90
CA ASP A 469 35.83 -22.53 -9.16
C ASP A 469 36.53 -23.59 -10.00
N THR A 470 35.77 -24.47 -10.64
CA THR A 470 36.33 -25.41 -11.61
C THR A 470 35.90 -25.02 -13.03
N TYR A 471 35.09 -23.96 -13.21
CA TYR A 471 34.64 -23.51 -14.56
C TYR A 471 35.69 -22.66 -15.23
N ASP A 472 35.67 -22.58 -16.55
CA ASP A 472 36.56 -21.63 -17.26
C ASP A 472 36.31 -20.17 -16.74
N ALA A 473 35.03 -19.88 -16.47
CA ALA A 473 34.61 -18.55 -16.06
C ALA A 473 33.49 -18.54 -14.99
N VAL A 474 33.46 -17.48 -14.20
CA VAL A 474 32.45 -17.34 -13.20
C VAL A 474 31.94 -15.90 -13.16
N VAL A 475 30.62 -15.79 -12.98
CA VAL A 475 29.96 -14.53 -12.63
C VAL A 475 29.71 -14.44 -11.14
N ILE A 476 30.20 -13.33 -10.57
CA ILE A 476 29.96 -12.93 -9.21
C ILE A 476 28.98 -11.76 -9.19
N PRO A 477 27.65 -12.05 -9.13
CA PRO A 477 26.63 -10.99 -9.20
C PRO A 477 26.06 -10.61 -7.84
N CYS A 478 26.23 -9.34 -7.44
CA CYS A 478 25.77 -8.87 -6.12
C CYS A 478 26.02 -9.88 -4.99
N VAL A 479 27.18 -10.52 -4.99
CA VAL A 479 27.53 -11.42 -3.88
C VAL A 479 28.01 -10.57 -2.72
N TYR A 480 27.02 -10.03 -2.02
CA TYR A 480 27.17 -9.04 -0.97
C TYR A 480 28.06 -9.52 0.20
N LEU A 481 27.95 -10.80 0.53
CA LEU A 481 28.72 -11.39 1.61
C LEU A 481 29.93 -12.12 1.04
N PHE A 482 31.12 -11.72 1.48
CA PHE A 482 32.38 -12.38 1.15
C PHE A 482 33.17 -12.62 2.46
N SER A 483 33.28 -13.90 2.85
CA SER A 483 34.22 -14.31 3.90
C SER A 483 35.66 -14.32 3.39
N GLU A 484 36.58 -14.50 4.32
CA GLU A 484 37.96 -14.76 3.99
C GLU A 484 38.13 -16.02 3.17
N GLU A 485 37.40 -17.10 3.45
CA GLU A 485 37.60 -18.30 2.59
C GLU A 485 37.08 -18.11 1.18
N MET A 486 36.07 -17.25 1.01
CA MET A 486 35.47 -16.93 -0.27
C MET A 486 36.43 -16.10 -1.07
N ALA A 487 37.01 -15.09 -0.42
CA ALA A 487 38.09 -14.25 -1.01
C ALA A 487 39.22 -15.08 -1.64
N GLU A 488 39.64 -16.09 -0.87
CA GLU A 488 40.80 -16.88 -1.18
C GLU A 488 40.38 -17.75 -2.36
N ARG A 489 39.20 -18.40 -2.28
CA ARG A 489 38.69 -19.23 -3.40
C ARG A 489 38.69 -18.44 -4.68
N LEU A 490 38.22 -17.20 -4.60
CA LEU A 490 38.15 -16.34 -5.77
C LEU A 490 39.55 -15.92 -6.24
N ARG A 491 40.38 -15.51 -5.28
CA ARG A 491 41.77 -15.12 -5.60
C ARG A 491 42.50 -16.26 -6.33
N THR A 492 42.40 -17.46 -5.74
CA THR A 492 43.10 -18.66 -6.22
C THR A 492 42.61 -18.98 -7.63
N PHE A 493 41.30 -18.94 -7.81
CA PHE A 493 40.67 -19.18 -9.11
C PHE A 493 41.23 -18.30 -10.22
N VAL A 494 41.39 -17.00 -9.95
CA VAL A 494 41.81 -16.06 -10.98
C VAL A 494 43.33 -16.17 -11.21
N ARG A 495 44.07 -16.29 -10.08
CA ARG A 495 45.52 -16.53 -10.13
C ARG A 495 45.87 -17.62 -11.15
N ASN A 496 45.16 -18.75 -11.10
CA ASN A 496 45.41 -19.93 -11.94
C ASN A 496 44.68 -19.98 -13.25
N GLY A 497 44.12 -18.87 -13.72
CA GLY A 497 43.63 -18.77 -15.12
C GLY A 497 42.13 -18.50 -15.24
N GLY A 498 41.47 -18.46 -14.09
CA GLY A 498 40.05 -18.14 -14.05
C GLY A 498 39.72 -16.78 -14.60
N LYS A 499 38.66 -16.76 -15.40
CA LYS A 499 37.95 -15.52 -15.73
C LYS A 499 36.70 -15.27 -14.87
N ALA A 500 36.64 -14.08 -14.28
CA ALA A 500 35.57 -13.63 -13.39
C ALA A 500 34.99 -12.29 -13.85
N PHE A 501 33.66 -12.26 -13.88
CA PHE A 501 32.85 -11.07 -14.07
C PHE A 501 32.29 -10.75 -12.68
N VAL A 502 32.63 -9.58 -12.15
CA VAL A 502 32.28 -9.22 -10.77
C VAL A 502 31.49 -7.94 -10.76
N THR A 503 30.36 -7.86 -10.04
CA THR A 503 29.53 -6.64 -10.13
C THR A 503 29.51 -5.82 -8.85
N TYR A 504 28.91 -4.63 -8.95
CA TYR A 504 28.50 -3.77 -7.84
C TYR A 504 27.76 -4.62 -6.82
N TYR A 505 27.73 -4.19 -5.57
CA TYR A 505 27.16 -4.95 -4.48
C TYR A 505 27.85 -6.29 -4.14
N SER A 506 29.02 -6.57 -4.70
CA SER A 506 29.78 -7.76 -4.30
C SER A 506 30.83 -7.48 -3.22
N ALA A 507 31.01 -8.43 -2.29
CA ALA A 507 32.02 -8.31 -1.22
C ALA A 507 31.97 -7.00 -0.45
N LEU A 508 30.76 -6.60 -0.07
CA LEU A 508 30.58 -5.47 0.82
C LEU A 508 30.81 -5.80 2.33
N ALA A 509 30.46 -7.02 2.73
CA ALA A 509 30.49 -7.38 4.14
C ALA A 509 31.06 -8.76 4.32
N ASP A 510 31.45 -9.06 5.56
CA ASP A 510 31.83 -10.44 5.88
C ASP A 510 30.58 -11.31 6.06
N GLU A 511 30.77 -12.61 6.29
CA GLU A 511 29.67 -13.54 6.56
C GLU A 511 28.75 -13.10 7.72
N HIS A 512 29.16 -12.11 8.49
CA HIS A 512 28.29 -11.68 9.58
C HIS A 512 27.54 -10.40 9.28
N ASP A 513 27.54 -9.97 8.01
CA ASP A 513 27.04 -8.66 7.64
C ASP A 513 27.85 -7.50 8.29
N ARG A 514 29.14 -7.71 8.53
CA ARG A 514 29.98 -6.61 9.00
C ARG A 514 30.72 -6.06 7.82
N LEU A 515 30.44 -4.79 7.54
CA LEU A 515 30.96 -4.15 6.34
C LEU A 515 32.47 -4.14 6.43
N HIS A 516 33.12 -4.50 5.31
CA HIS A 516 34.58 -4.48 5.17
C HIS A 516 35.05 -3.09 5.14
N THR A 517 36.27 -2.89 5.65
CA THR A 517 36.88 -1.56 5.73
C THR A 517 37.91 -1.28 4.61
N GLU A 518 38.18 0.01 4.39
CA GLU A 518 39.30 0.49 3.57
C GLU A 518 39.00 0.45 2.10
N GLY A 519 37.75 0.28 1.75
CA GLY A 519 37.34 0.31 0.33
C GLY A 519 36.79 -0.98 -0.23
N TRP A 520 35.93 -0.84 -1.23
CA TRP A 520 35.23 -1.96 -1.86
C TRP A 520 35.68 -2.17 -3.25
N PRO A 521 35.55 -3.43 -3.77
CA PRO A 521 35.03 -4.59 -3.00
C PRO A 521 35.96 -4.94 -1.84
N GLY A 522 35.42 -5.45 -0.72
CA GLY A 522 36.27 -5.79 0.44
C GLY A 522 37.12 -7.01 0.12
N LEU A 523 38.35 -7.05 0.67
CA LEU A 523 39.21 -8.25 0.67
C LEU A 523 39.91 -8.57 -0.67
N ILE A 524 39.15 -8.41 -1.76
CA ILE A 524 39.54 -8.83 -3.09
C ILE A 524 39.90 -7.68 -4.04
N GLY A 525 40.13 -6.49 -3.50
CA GLY A 525 40.44 -5.34 -4.32
C GLY A 525 41.67 -5.59 -5.16
N ASP A 526 42.59 -6.40 -4.63
CA ASP A 526 43.84 -6.76 -5.34
C ASP A 526 43.55 -7.54 -6.65
N VAL A 527 42.58 -8.46 -6.56
CA VAL A 527 42.20 -9.33 -7.69
C VAL A 527 41.46 -8.50 -8.72
N VAL A 528 40.53 -7.66 -8.26
CA VAL A 528 39.61 -6.90 -9.11
C VAL A 528 40.24 -5.62 -9.65
N GLY A 529 41.08 -5.01 -8.83
CA GLY A 529 41.89 -3.83 -9.23
C GLY A 529 41.03 -2.59 -9.42
N VAL A 530 40.11 -2.40 -8.46
CA VAL A 530 39.17 -1.30 -8.45
C VAL A 530 38.97 -0.83 -6.99
N ARG A 531 38.78 0.45 -6.73
CA ARG A 531 38.52 0.95 -5.36
C ARG A 531 37.34 1.95 -5.25
N ILE A 532 36.39 1.65 -4.38
CA ILE A 532 35.10 2.33 -4.30
C ILE A 532 34.91 2.76 -2.88
N GLU A 533 34.63 4.03 -2.66
CA GLU A 533 34.33 4.47 -1.30
C GLU A 533 32.85 4.55 -0.98
N GLU A 534 31.99 4.82 -1.95
CA GLU A 534 30.58 4.88 -1.65
C GLU A 534 29.78 4.55 -2.91
N HIS A 535 28.50 4.25 -2.73
CA HIS A 535 27.57 4.05 -3.82
C HIS A 535 26.86 5.30 -4.20
N CYS A 536 26.44 5.29 -5.46
CA CYS A 536 25.55 6.28 -6.03
C CYS A 536 24.18 5.66 -6.34
N PRO A 537 23.25 5.56 -5.35
CA PRO A 537 21.92 5.02 -5.72
C PRO A 537 21.13 5.96 -6.63
N LEU A 538 20.21 5.37 -7.39
CA LEU A 538 19.51 6.10 -8.42
C LEU A 538 18.04 5.81 -8.34
N GLY A 539 17.24 6.83 -8.64
CA GLY A 539 15.80 6.65 -8.72
C GLY A 539 14.98 7.92 -8.85
N THR A 540 13.67 7.77 -8.74
CA THR A 540 12.78 8.87 -8.99
C THR A 540 11.98 9.16 -7.71
N LEU A 541 12.53 8.87 -6.54
CA LEU A 541 11.81 9.09 -5.27
C LEU A 541 11.29 10.51 -5.08
N PHE A 542 12.10 11.51 -5.46
CA PHE A 542 11.83 12.93 -5.25
C PHE A 542 12.07 13.64 -6.55
N PRO A 543 11.44 14.80 -6.75
CA PRO A 543 11.74 15.44 -8.09
C PRO A 543 13.23 15.80 -8.25
N GLY A 544 13.73 15.65 -9.48
CA GLY A 544 15.09 16.06 -9.82
C GLY A 544 16.20 15.11 -9.35
N MET A 545 15.80 13.98 -8.77
CA MET A 545 16.78 12.98 -8.33
C MET A 545 17.50 12.35 -9.53
N LEU A 546 18.77 12.05 -9.35
CA LEU A 546 19.55 11.44 -10.39
C LEU A 546 18.96 10.03 -10.56
N ASP A 547 18.42 9.74 -11.75
CA ASP A 547 17.62 8.53 -11.90
C ASP A 547 18.14 7.48 -12.80
N HIS A 548 19.28 7.73 -13.42
CA HIS A 548 19.92 6.76 -14.36
C HIS A 548 21.29 7.31 -14.69
N LEU A 549 22.16 6.45 -15.20
CA LEU A 549 23.47 6.91 -15.61
C LEU A 549 23.80 6.22 -16.92
N ASP A 550 23.90 7.01 -17.99
CA ASP A 550 24.32 6.53 -19.27
C ASP A 550 25.72 5.99 -19.20
N VAL A 551 25.96 4.97 -20.03
CA VAL A 551 27.30 4.36 -20.12
C VAL A 551 27.82 4.63 -21.52
N SER A 552 29.14 4.74 -21.67
CA SER A 552 29.73 5.22 -22.94
C SER A 552 29.61 4.22 -24.11
N ASN A 553 29.33 2.95 -23.85
CA ASN A 553 29.03 2.02 -24.96
C ASN A 553 27.56 2.02 -25.33
N GLY A 554 26.81 3.04 -24.93
CA GLY A 554 25.38 3.12 -25.28
C GLY A 554 24.39 2.40 -24.39
N THR A 555 24.83 1.84 -23.27
CA THR A 555 23.90 1.27 -22.28
C THR A 555 23.55 2.24 -21.14
N VAL A 556 22.74 1.79 -20.18
CA VAL A 556 22.22 2.67 -19.13
C VAL A 556 22.04 1.89 -17.84
N VAL A 557 22.57 2.45 -16.75
CA VAL A 557 22.51 1.85 -15.44
C VAL A 557 21.34 2.48 -14.69
N HIS A 558 20.63 1.67 -13.90
CA HIS A 558 19.52 2.12 -13.06
C HIS A 558 19.70 1.58 -11.66
N ASP A 559 18.96 2.15 -10.72
CA ASP A 559 18.92 1.68 -9.33
C ASP A 559 20.20 2.04 -8.50
N LEU A 560 21.37 1.66 -8.99
CA LEU A 560 22.64 1.86 -8.26
C LEU A 560 23.84 1.71 -9.19
N ALA A 561 24.75 2.70 -9.13
CA ALA A 561 26.16 2.61 -9.57
C ALA A 561 27.14 2.68 -8.37
N ASP A 562 28.27 1.97 -8.51
CA ASP A 562 29.45 2.17 -7.64
C ASP A 562 30.13 3.50 -7.98
N VAL A 563 30.65 4.22 -6.97
CA VAL A 563 31.50 5.40 -7.27
C VAL A 563 32.95 4.91 -7.29
N ILE A 564 33.51 4.68 -8.47
CA ILE A 564 34.86 4.12 -8.44
C ILE A 564 35.88 5.24 -8.23
N ASP A 565 36.64 5.19 -7.12
CA ASP A 565 37.58 6.28 -6.82
C ASP A 565 38.88 6.20 -7.58
N ALA A 566 39.46 4.99 -7.60
CA ALA A 566 40.71 4.69 -8.30
C ALA A 566 40.72 3.24 -8.81
N ILE A 567 41.62 2.98 -9.75
CA ILE A 567 41.88 1.66 -10.29
C ILE A 567 43.37 1.35 -10.21
N ALA A 568 43.79 0.08 -10.29
CA ALA A 568 45.23 -0.26 -10.35
C ALA A 568 45.91 0.21 -11.65
N ASP A 569 47.23 0.35 -11.64
CA ASP A 569 47.95 0.73 -12.85
C ASP A 569 47.66 -0.17 -14.05
N ASP A 570 47.41 -1.46 -13.82
CA ASP A 570 47.21 -2.34 -14.97
C ASP A 570 45.70 -2.68 -15.22
N THR A 571 44.82 -1.89 -14.58
CA THR A 571 43.40 -1.94 -14.88
C THR A 571 43.14 -1.12 -16.15
N THR A 572 42.41 -1.70 -17.10
CA THR A 572 41.97 -0.99 -18.32
C THR A 572 40.50 -0.58 -18.19
N VAL A 573 40.12 0.57 -18.72
CA VAL A 573 38.74 1.04 -18.61
C VAL A 573 38.09 0.77 -19.96
N LEU A 574 37.06 -0.08 -19.99
CA LEU A 574 36.36 -0.41 -21.22
C LEU A 574 35.24 0.60 -21.44
N ALA A 575 34.66 1.12 -20.36
CA ALA A 575 33.54 2.02 -20.51
C ALA A 575 33.41 2.96 -19.32
N THR A 576 32.89 4.16 -19.57
CA THR A 576 32.75 5.13 -18.47
C THR A 576 31.34 5.65 -18.35
N PHE A 577 31.01 6.27 -17.22
CA PHE A 577 29.64 6.86 -17.06
C PHE A 577 29.55 8.19 -17.78
N GLU A 578 28.37 8.54 -18.27
CA GLU A 578 28.16 9.84 -18.91
C GLU A 578 27.02 10.51 -18.15
N ALA A 579 27.29 11.69 -17.54
CA ALA A 579 26.33 12.38 -16.65
C ALA A 579 26.54 13.86 -16.66
N ASP A 580 25.57 14.59 -16.16
CA ASP A 580 25.80 15.96 -15.81
C ASP A 580 27.11 16.09 -15.00
N PRO A 581 27.90 17.11 -15.26
CA PRO A 581 29.14 17.19 -14.48
C PRO A 581 28.94 17.43 -13.00
N ALA A 582 27.85 18.10 -12.60
CA ALA A 582 27.61 18.32 -11.16
C ALA A 582 27.47 17.02 -10.35
N THR A 583 27.24 15.90 -11.04
CA THR A 583 26.97 14.63 -10.33
C THR A 583 28.23 14.05 -9.73
N GLY A 584 29.39 14.43 -10.27
CA GLY A 584 30.66 13.74 -9.92
C GLY A 584 30.89 12.39 -10.62
N MET A 585 29.91 11.95 -11.44
CA MET A 585 29.97 10.66 -12.09
C MET A 585 30.45 10.70 -13.53
N ASP A 586 30.63 11.87 -14.09
CA ASP A 586 30.90 11.97 -15.52
C ASP A 586 32.33 11.53 -15.76
N GLY A 587 32.51 10.57 -16.65
CA GLY A 587 33.85 10.11 -16.98
C GLY A 587 34.42 9.13 -15.96
N ARG A 588 33.68 8.83 -14.87
CA ARG A 588 34.08 7.74 -13.93
C ARG A 588 33.95 6.40 -14.59
N ALA A 589 34.77 5.45 -14.11
CA ALA A 589 34.82 4.15 -14.71
C ALA A 589 33.50 3.39 -14.46
N ALA A 590 32.95 2.80 -15.53
CA ALA A 590 31.76 1.99 -15.39
C ALA A 590 32.00 0.52 -15.66
N ILE A 591 32.91 0.19 -16.57
CA ILE A 591 33.20 -1.21 -16.85
C ILE A 591 34.70 -1.27 -16.97
N THR A 592 35.34 -2.11 -16.16
CA THR A 592 36.79 -2.28 -16.20
C THR A 592 37.21 -3.76 -16.39
N VAL A 593 38.48 -3.96 -16.79
CA VAL A 593 39.09 -5.29 -16.90
C VAL A 593 40.53 -5.27 -16.34
N HIS A 594 40.88 -6.31 -15.60
CA HIS A 594 42.12 -6.28 -14.84
C HIS A 594 42.74 -7.66 -14.74
N PRO A 595 44.01 -7.80 -15.20
CA PRO A 595 44.67 -9.10 -15.11
C PRO A 595 45.12 -9.36 -13.71
N TYR A 596 45.19 -10.62 -13.33
CA TYR A 596 45.74 -11.02 -12.05
C TYR A 596 46.37 -12.39 -12.25
N HIS A 597 47.71 -12.40 -12.28
CA HIS A 597 48.51 -13.58 -12.68
C HIS A 597 47.95 -14.19 -13.93
N GLU A 598 47.46 -15.42 -13.94
CA GLU A 598 46.96 -15.96 -15.23
C GLU A 598 45.53 -15.58 -15.65
N GLY A 599 44.69 -15.06 -14.72
CA GLY A 599 43.36 -14.48 -15.07
C GLY A 599 43.51 -12.97 -15.36
N GLY A 600 42.42 -12.22 -15.62
CA GLY A 600 41.07 -12.68 -15.66
C GLY A 600 39.92 -11.93 -14.96
N VAL A 601 39.99 -10.63 -14.61
CA VAL A 601 38.82 -9.97 -13.87
C VAL A 601 38.06 -8.74 -14.48
N ALA A 602 36.77 -8.91 -14.80
CA ALA A 602 35.92 -7.79 -15.27
C ALA A 602 35.03 -7.26 -14.13
N TYR A 603 34.95 -5.93 -13.98
CA TYR A 603 34.09 -5.32 -12.96
C TYR A 603 33.01 -4.44 -13.59
N ILE A 604 31.75 -4.69 -13.19
CA ILE A 604 30.59 -4.02 -13.73
C ILE A 604 30.00 -3.20 -12.60
N ALA A 605 30.15 -1.90 -12.70
CA ALA A 605 29.93 -0.98 -11.58
C ALA A 605 28.52 -0.40 -11.46
N GLY A 606 27.53 -1.12 -11.99
CA GLY A 606 26.12 -0.82 -11.70
C GLY A 606 25.21 -1.80 -12.40
N LYS A 607 23.90 -1.64 -12.19
CA LYS A 607 22.85 -2.51 -12.75
C LYS A 607 22.53 -2.14 -14.21
N LEU A 608 22.92 -3.03 -15.12
CA LEU A 608 22.77 -2.78 -16.56
C LEU A 608 21.49 -3.38 -17.11
N GLY A 609 20.95 -4.42 -16.43
CA GLY A 609 19.77 -5.22 -16.86
C GLY A 609 20.21 -6.24 -17.88
N ARG A 610 19.34 -7.23 -18.21
CA ARG A 610 19.74 -8.29 -19.16
C ARG A 610 20.23 -7.66 -20.49
N ASP A 611 19.59 -6.59 -20.90
CA ASP A 611 19.82 -5.99 -22.20
C ASP A 611 21.17 -5.24 -22.22
N GLY A 612 21.42 -4.44 -21.19
CA GLY A 612 22.68 -3.76 -21.05
C GLY A 612 23.88 -4.69 -20.89
N ILE A 613 23.71 -5.77 -20.16
CA ILE A 613 24.78 -6.76 -19.98
C ILE A 613 25.07 -7.36 -21.36
N SER A 614 24.00 -7.77 -22.04
CA SER A 614 24.09 -8.34 -23.38
C SER A 614 24.82 -7.43 -24.38
N GLN A 615 24.47 -6.13 -24.42
CA GLN A 615 25.21 -5.16 -25.23
C GLN A 615 26.68 -5.13 -24.87
N SER A 616 26.99 -5.31 -23.58
CA SER A 616 28.38 -5.11 -23.11
C SER A 616 29.23 -6.38 -23.22
N LEU A 617 28.57 -7.52 -23.40
CA LEU A 617 29.23 -8.83 -23.36
C LEU A 617 30.35 -8.98 -24.40
N PRO A 618 30.11 -8.69 -25.70
CA PRO A 618 31.24 -8.79 -26.69
C PRO A 618 32.52 -8.07 -26.29
N GLU A 619 32.41 -6.84 -25.82
CA GLU A 619 33.58 -6.02 -25.51
C GLU A 619 34.30 -6.59 -24.27
N ILE A 620 33.54 -6.91 -23.22
CA ILE A 620 34.10 -7.47 -21.98
C ILE A 620 34.79 -8.82 -22.21
N CYS A 621 34.10 -9.76 -22.88
CA CYS A 621 34.63 -11.11 -23.23
C CYS A 621 35.89 -11.07 -24.12
N ALA A 622 35.86 -10.26 -25.17
CA ALA A 622 37.06 -10.00 -25.99
C ALA A 622 38.23 -9.63 -25.10
N ALA A 623 38.05 -8.66 -24.21
CA ALA A 623 39.17 -8.25 -23.38
C ALA A 623 39.61 -9.33 -22.35
N LEU A 624 38.73 -10.25 -22.00
CA LEU A 624 39.08 -11.27 -20.99
C LEU A 624 39.69 -12.56 -21.55
N GLY A 625 39.40 -12.82 -22.84
CA GLY A 625 39.86 -14.01 -23.56
C GLY A 625 38.74 -15.04 -23.70
N PHE A 626 37.51 -14.63 -23.40
CA PHE A 626 36.37 -15.56 -23.36
C PHE A 626 35.60 -15.46 -24.66
N GLU A 627 35.52 -16.59 -25.37
CA GLU A 627 35.21 -16.56 -26.76
C GLU A 627 33.69 -16.68 -26.88
N LEU A 628 33.11 -15.91 -27.78
CA LEU A 628 31.70 -15.92 -28.05
C LEU A 628 31.45 -16.20 -29.50
N ASP A 629 30.38 -16.94 -29.76
CA ASP A 629 29.87 -17.16 -31.10
C ASP A 629 29.74 -15.83 -31.84
N ALA A 630 30.21 -15.77 -33.07
CA ALA A 630 30.21 -14.49 -33.78
C ALA A 630 28.86 -14.27 -34.45
N ASP A 631 28.15 -15.37 -34.69
CA ASP A 631 26.74 -15.35 -35.14
C ASP A 631 25.76 -14.33 -34.44
N PRO A 632 25.18 -13.39 -35.22
CA PRO A 632 24.35 -12.48 -34.43
C PRO A 632 22.95 -13.07 -34.21
N ARG A 633 22.70 -14.28 -34.78
CA ARG A 633 21.51 -15.12 -34.48
C ARG A 633 21.66 -15.93 -33.18
N ALA A 634 22.82 -15.81 -32.54
CA ALA A 634 23.17 -16.55 -31.29
C ALA A 634 22.05 -16.61 -30.23
N GLY A 635 21.42 -15.46 -29.97
CA GLY A 635 20.34 -15.38 -29.01
C GLY A 635 18.96 -15.87 -29.46
N ASP A 636 18.79 -16.23 -30.73
CA ASP A 636 17.45 -16.74 -31.15
C ASP A 636 17.02 -17.99 -30.41
N VAL A 637 17.97 -18.89 -30.14
CA VAL A 637 17.64 -20.19 -29.54
C VAL A 637 18.49 -20.52 -28.30
N LEU A 638 17.82 -21.04 -27.26
CA LEU A 638 18.49 -21.66 -26.13
C LEU A 638 18.83 -23.13 -26.42
N ARG A 639 20.12 -23.44 -26.32
CA ARG A 639 20.66 -24.79 -26.57
C ARG A 639 21.07 -25.43 -25.27
N VAL A 640 20.35 -26.49 -24.90
CA VAL A 640 20.57 -27.21 -23.59
C VAL A 640 21.01 -28.68 -23.78
N VAL A 641 22.15 -29.06 -23.24
CA VAL A 641 22.77 -30.32 -23.61
C VAL A 641 22.95 -31.19 -22.34
N ARG A 642 22.32 -32.37 -22.31
CA ARG A 642 22.70 -33.42 -21.33
C ARG A 642 23.69 -34.48 -21.93
N GLU A 643 24.63 -34.98 -21.11
CA GLU A 643 25.61 -36.04 -21.50
C GLU A 643 25.58 -37.29 -20.64
N GLN A 644 25.57 -38.46 -21.27
CA GLN A 644 25.95 -39.72 -20.59
C GLN A 644 27.48 -39.83 -20.49
N GLU A 645 27.97 -40.42 -19.40
CA GLU A 645 29.36 -40.81 -19.29
C GLU A 645 29.82 -41.62 -20.51
N ASP A 646 28.98 -42.53 -21.02
CA ASP A 646 29.31 -43.35 -22.20
C ASP A 646 29.49 -42.57 -23.54
N GLY A 647 29.19 -41.26 -23.55
CA GLY A 647 29.40 -40.43 -24.73
C GLY A 647 28.18 -39.89 -25.46
N ALA A 648 27.02 -40.58 -25.36
CA ALA A 648 25.71 -40.18 -25.96
C ALA A 648 25.26 -38.74 -25.53
N ILE A 649 24.87 -37.91 -26.49
CA ILE A 649 24.58 -36.49 -26.18
C ILE A 649 23.15 -36.18 -26.57
N PHE A 650 22.45 -35.49 -25.66
CA PHE A 650 21.07 -35.06 -25.91
C PHE A 650 21.04 -33.52 -25.92
N GLU A 651 20.73 -32.94 -27.07
CA GLU A 651 20.68 -31.50 -27.19
C GLU A 651 19.25 -31.05 -27.46
N PHE A 652 18.79 -30.13 -26.63
CA PHE A 652 17.49 -29.50 -26.81
C PHE A 652 17.66 -28.08 -27.33
N LEU A 653 16.73 -27.69 -28.20
CA LEU A 653 16.68 -26.35 -28.71
C LEU A 653 15.33 -25.74 -28.38
N PHE A 654 15.40 -24.52 -27.82
CA PHE A 654 14.20 -23.73 -27.59
C PHE A 654 14.25 -22.39 -28.27
N ASN A 655 13.20 -22.05 -29.00
CA ASN A 655 13.07 -20.68 -29.46
C ASN A 655 12.91 -19.71 -28.26
N ARG A 656 13.82 -18.74 -28.11
CA ARG A 656 13.78 -17.71 -27.06
C ARG A 656 12.92 -16.45 -27.37
N THR A 657 12.36 -16.37 -28.58
CA THR A 657 11.88 -15.11 -29.13
C THR A 657 10.40 -15.23 -29.55
N ARG A 658 9.80 -14.10 -29.97
CA ARG A 658 8.36 -14.04 -30.31
C ARG A 658 8.09 -14.19 -31.84
N ASN A 659 9.08 -14.59 -32.61
CA ASN A 659 8.82 -15.05 -33.98
C ASN A 659 9.44 -16.38 -34.30
N THR A 660 8.88 -17.01 -35.31
CA THR A 660 9.42 -18.25 -35.85
C THR A 660 10.86 -18.07 -36.24
N VAL A 661 11.74 -18.96 -35.83
CA VAL A 661 13.13 -18.85 -36.24
C VAL A 661 13.65 -20.12 -36.93
N THR A 662 14.86 -19.99 -37.45
CA THR A 662 15.44 -20.96 -38.32
C THR A 662 16.79 -21.06 -37.72
N ALA A 663 17.34 -22.26 -37.64
CA ALA A 663 18.67 -22.39 -37.04
C ALA A 663 19.40 -23.59 -37.58
N ASP A 664 20.70 -23.62 -37.30
CA ASP A 664 21.59 -24.65 -37.85
C ASP A 664 21.13 -26.00 -37.27
N ARG A 665 20.91 -27.00 -38.13
CA ARG A 665 20.50 -28.33 -37.62
C ARG A 665 21.69 -28.96 -36.93
N PRO A 666 21.50 -29.41 -35.67
CA PRO A 666 22.65 -30.08 -35.08
C PRO A 666 22.74 -31.51 -35.63
N ALA A 667 23.91 -32.14 -35.46
CA ALA A 667 24.05 -33.54 -35.78
C ALA A 667 23.14 -34.37 -34.84
N GLY A 668 22.61 -35.48 -35.36
CA GLY A 668 21.98 -36.52 -34.54
C GLY A 668 20.59 -36.93 -34.96
N ASP A 669 19.98 -37.85 -34.21
CA ASP A 669 18.60 -38.28 -34.51
C ASP A 669 17.61 -37.34 -33.81
N MET A 670 16.62 -36.86 -34.56
CA MET A 670 15.59 -35.97 -34.00
C MET A 670 14.69 -36.84 -33.11
N LEU A 671 14.50 -36.43 -31.86
CA LEU A 671 13.75 -37.28 -30.93
C LEU A 671 12.36 -36.76 -30.67
N ILE A 672 12.25 -35.44 -30.51
CA ILE A 672 11.05 -34.82 -30.00
C ILE A 672 10.90 -33.49 -30.74
N CYS A 673 9.67 -33.13 -31.07
CA CYS A 673 9.39 -31.88 -31.72
C CYS A 673 7.99 -31.35 -31.38
N SER A 674 7.95 -30.11 -30.89
CA SER A 674 6.70 -29.38 -30.66
C SER A 674 6.88 -27.98 -31.24
N LEU A 675 5.98 -27.64 -32.16
CA LEU A 675 5.95 -26.32 -32.82
C LEU A 675 7.29 -26.10 -33.48
N ALA A 676 7.78 -27.15 -34.11
CA ALA A 676 9.04 -27.04 -34.82
C ALA A 676 9.01 -28.03 -35.98
N THR A 677 10.10 -28.08 -36.74
CA THR A 677 10.21 -28.68 -38.04
C THR A 677 11.67 -28.98 -38.26
N ASP A 678 11.91 -30.24 -38.59
CA ASP A 678 13.22 -30.72 -38.94
C ASP A 678 13.39 -30.61 -40.45
N SER A 679 14.61 -30.30 -40.88
CA SER A 679 14.88 -30.24 -42.31
C SER A 679 16.23 -30.84 -42.66
N THR A 680 16.72 -30.53 -43.85
CA THR A 680 18.00 -31.11 -44.30
C THR A 680 19.23 -30.31 -43.83
N ASP A 681 19.09 -28.98 -43.84
CA ASP A 681 20.17 -28.05 -43.45
C ASP A 681 19.77 -27.32 -42.17
N LYS A 682 18.49 -26.97 -42.13
CA LYS A 682 18.03 -25.98 -41.19
C LYS A 682 16.85 -26.52 -40.42
N VAL A 683 16.85 -26.20 -39.17
CA VAL A 683 15.76 -26.57 -38.32
C VAL A 683 14.80 -25.35 -38.21
N THR A 684 13.49 -25.57 -38.17
CA THR A 684 12.57 -24.44 -37.93
C THR A 684 11.89 -24.49 -36.54
N LEU A 685 11.80 -23.38 -35.81
CA LEU A 685 11.10 -23.41 -34.50
C LEU A 685 10.12 -22.25 -34.40
N GLU A 686 8.84 -22.54 -34.19
CA GLU A 686 7.83 -21.53 -33.95
C GLU A 686 8.02 -20.83 -32.62
N PRO A 687 7.26 -19.76 -32.34
CA PRO A 687 7.47 -19.29 -30.96
C PRO A 687 7.07 -20.42 -29.99
N ASN A 688 7.84 -20.58 -28.91
CA ASN A 688 7.50 -21.63 -27.94
C ASN A 688 7.76 -23.07 -28.46
N GLY A 689 8.43 -23.20 -29.60
CA GLY A 689 8.76 -24.48 -30.17
C GLY A 689 9.97 -25.07 -29.49
N VAL A 690 10.15 -26.38 -29.63
CA VAL A 690 11.31 -27.08 -29.02
C VAL A 690 11.62 -28.32 -29.83
N LEU A 691 12.93 -28.63 -29.91
CA LEU A 691 13.44 -29.85 -30.49
C LEU A 691 14.46 -30.49 -29.58
N ALA A 692 14.50 -31.81 -29.63
CA ALA A 692 15.55 -32.63 -28.96
C ALA A 692 16.23 -33.54 -29.96
N PHE A 693 17.56 -33.56 -29.91
CA PHE A 693 18.38 -34.44 -30.74
C PHE A 693 19.26 -35.35 -29.87
N ARG A 694 19.50 -36.57 -30.36
CA ARG A 694 20.56 -37.44 -29.81
C ARG A 694 21.74 -37.61 -30.80
N ARG A 695 22.96 -37.46 -30.30
CA ARG A 695 24.16 -37.64 -31.11
C ARG A 695 25.35 -38.18 -30.28
N ARG B 8 -43.75 -8.02 1.27
CA ARG B 8 -44.27 -7.58 2.62
C ARG B 8 -45.21 -6.38 2.67
N ALA B 9 -45.36 -5.60 1.60
CA ALA B 9 -46.51 -4.69 1.54
C ALA B 9 -46.24 -3.19 1.76
N HIS B 10 -46.53 -2.41 0.74
CA HIS B 10 -46.14 -1.04 0.66
C HIS B 10 -46.90 -0.11 1.56
N ARG B 11 -46.20 0.60 2.43
CA ARG B 11 -46.81 1.61 3.24
C ARG B 11 -45.94 2.85 3.11
N TRP B 12 -46.50 3.94 2.57
CA TRP B 12 -45.73 5.14 2.27
C TRP B 12 -46.06 6.15 3.33
N PRO B 13 -45.06 6.87 3.92
CA PRO B 13 -45.41 7.81 5.01
C PRO B 13 -46.36 8.90 4.51
N GLN B 14 -47.33 9.28 5.33
CA GLN B 14 -48.49 10.08 4.93
C GLN B 14 -48.36 11.47 5.49
N PRO B 15 -49.10 12.43 4.93
CA PRO B 15 -48.95 13.82 5.33
C PRO B 15 -49.27 14.04 6.78
N LEU B 16 -48.85 15.19 7.30
CA LEU B 16 -49.31 15.63 8.58
C LEU B 16 -50.79 15.96 8.45
N PRO B 17 -51.52 15.90 9.59
CA PRO B 17 -52.94 16.24 9.67
C PRO B 17 -53.30 17.56 8.97
N GLY B 18 -54.13 17.41 7.97
CA GLY B 18 -54.56 18.59 7.25
C GLY B 18 -53.71 18.96 6.05
N ASN B 19 -52.61 18.25 5.77
CA ASN B 19 -51.81 18.54 4.58
C ASN B 19 -52.13 17.60 3.41
N ASP B 20 -51.82 18.05 2.21
CA ASP B 20 -51.95 17.27 1.00
C ASP B 20 -50.75 16.37 0.89
N ARG B 21 -50.91 15.27 0.18
CA ARG B 21 -49.78 14.44 -0.26
C ARG B 21 -48.83 15.23 -1.18
N LYS B 22 -47.55 15.31 -0.78
CA LYS B 22 -46.47 15.98 -1.53
C LYS B 22 -45.26 15.06 -1.67
N ILE B 23 -44.46 15.26 -2.73
CA ILE B 23 -43.11 14.73 -2.75
C ILE B 23 -42.43 15.13 -1.44
N TRP B 24 -41.84 14.17 -0.76
CA TRP B 24 -41.20 14.52 0.50
C TRP B 24 -39.86 15.16 0.19
N PHE B 25 -39.42 16.15 0.96
CA PHE B 25 -38.17 16.84 0.67
C PHE B 25 -37.55 17.29 1.97
N GLY B 26 -36.39 16.78 2.30
CA GLY B 26 -35.82 17.11 3.58
C GLY B 26 -34.41 16.61 3.84
N ALA B 27 -34.12 16.20 5.07
CA ALA B 27 -32.76 15.94 5.51
C ALA B 27 -32.71 15.36 6.93
N ASP B 28 -31.66 14.59 7.22
CA ASP B 28 -31.13 14.39 8.61
C ASP B 28 -30.97 15.76 9.27
N TYR B 29 -31.59 15.93 10.44
CA TYR B 29 -31.54 17.19 11.18
C TYR B 29 -31.01 16.80 12.53
N ASN B 30 -30.06 17.56 13.02
CA ASN B 30 -29.33 17.18 14.22
CA ASN B 30 -29.33 17.19 14.24
C ASN B 30 -29.29 18.34 15.24
N PRO B 31 -30.49 18.84 15.67
CA PRO B 31 -30.65 20.00 16.61
C PRO B 31 -29.86 19.85 17.93
N ASP B 32 -29.59 18.60 18.29
CA ASP B 32 -28.85 18.28 19.48
C ASP B 32 -27.35 18.57 19.42
N GLN B 33 -26.80 19.01 18.29
CA GLN B 33 -25.40 19.51 18.25
C GLN B 33 -25.33 21.04 18.31
N TRP B 34 -26.49 21.67 18.45
CA TRP B 34 -26.59 23.11 18.34
C TRP B 34 -27.31 23.65 19.56
N PRO B 35 -27.03 24.94 19.93
CA PRO B 35 -27.88 25.59 20.94
C PRO B 35 -29.32 25.53 20.47
N GLU B 36 -30.21 25.36 21.44
CA GLU B 36 -31.64 25.39 21.22
C GLU B 36 -32.13 26.60 20.43
N ASP B 37 -31.56 27.78 20.68
CA ASP B 37 -32.07 29.04 20.08
C ASP B 37 -31.93 29.14 18.52
N VAL B 38 -31.23 28.16 17.92
CA VAL B 38 -30.95 28.12 16.48
C VAL B 38 -32.15 27.52 15.73
N GLN B 39 -33.03 26.84 16.45
CA GLN B 39 -34.09 26.05 15.78
C GLN B 39 -35.09 26.92 15.04
N ASP B 40 -35.40 28.12 15.58
CA ASP B 40 -36.42 28.97 14.92
C ASP B 40 -35.88 29.38 13.55
N GLU B 41 -34.57 29.68 13.52
CA GLU B 41 -33.90 30.03 12.26
C GLU B 41 -33.96 28.82 11.31
N ASP B 42 -33.50 27.67 11.80
CA ASP B 42 -33.54 26.44 10.98
C ASP B 42 -34.92 26.26 10.35
N ILE B 43 -35.96 26.32 11.17
CA ILE B 43 -37.28 26.07 10.67
C ILE B 43 -37.73 27.10 9.65
N ARG B 44 -37.42 28.38 9.91
CA ARG B 44 -37.75 29.44 8.95
C ARG B 44 -37.09 29.10 7.60
N LEU B 45 -35.84 28.67 7.64
CA LEU B 45 -35.11 28.38 6.43
C LEU B 45 -35.58 27.10 5.73
N MET B 46 -36.07 26.15 6.48
CA MET B 46 -36.66 24.94 5.93
C MET B 46 -37.95 25.31 5.19
N LYS B 47 -38.78 26.13 5.84
CA LYS B 47 -40.04 26.57 5.23
C LYS B 47 -39.77 27.31 3.90
N GLN B 48 -38.88 28.30 3.96
CA GLN B 48 -38.49 29.04 2.78
C GLN B 48 -37.92 28.08 1.72
N ALA B 49 -37.22 26.99 2.10
CA ALA B 49 -36.69 26.08 1.10
C ALA B 49 -37.72 25.09 0.62
N GLY B 50 -38.90 25.05 1.23
CA GLY B 50 -39.89 24.04 0.82
C GLY B 50 -39.58 22.67 1.43
N VAL B 51 -38.75 22.62 2.49
CA VAL B 51 -38.57 21.39 3.23
C VAL B 51 -39.85 21.04 3.98
N ASN B 52 -40.33 19.80 3.79
CA ASN B 52 -41.52 19.31 4.51
C ASN B 52 -41.32 18.04 5.38
N ILE B 53 -40.08 17.57 5.56
CA ILE B 53 -39.82 16.44 6.44
C ILE B 53 -38.37 16.53 6.91
N VAL B 54 -38.09 16.01 8.09
CA VAL B 54 -36.70 15.82 8.55
C VAL B 54 -36.56 14.45 9.20
N SER B 55 -35.33 13.92 9.22
CA SER B 55 -35.06 12.74 9.99
C SER B 55 -34.30 13.10 11.25
N LEU B 56 -34.86 12.77 12.39
CA LEU B 56 -34.40 13.21 13.67
C LEU B 56 -33.87 12.05 14.49
N ALA B 57 -32.87 12.34 15.34
CA ALA B 57 -32.42 11.41 16.38
C ALA B 57 -31.60 10.22 15.93
N ILE B 58 -31.13 10.21 14.69
CA ILE B 58 -30.49 9.01 14.16
C ILE B 58 -29.29 8.55 15.01
N PHE B 59 -28.48 9.49 15.48
CA PHE B 59 -27.29 9.15 16.23
C PHE B 59 -27.40 9.61 17.69
N SER B 60 -28.63 9.71 18.18
CA SER B 60 -28.90 10.51 19.38
C SER B 60 -28.95 9.67 20.66
N TRP B 61 -28.60 8.40 20.54
CA TRP B 61 -28.70 7.48 21.69
C TRP B 61 -28.20 8.10 22.96
N ALA B 62 -27.03 8.75 22.89
CA ALA B 62 -26.37 9.28 24.05
C ALA B 62 -27.07 10.50 24.62
N ASN B 63 -27.93 11.17 23.87
CA ASN B 63 -28.64 12.31 24.48
C ASN B 63 -30.07 11.91 24.86
N ILE B 64 -30.41 10.63 24.71
CA ILE B 64 -31.75 10.13 25.08
C ILE B 64 -31.63 9.16 26.26
N GLU B 65 -30.84 8.11 26.10
CA GLU B 65 -30.42 7.34 27.28
C GLU B 65 -29.10 7.93 27.74
N THR B 66 -29.18 9.02 28.50
CA THR B 66 -28.00 9.76 28.98
C THR B 66 -27.10 9.00 29.95
N SER B 67 -27.66 7.96 30.56
CA SER B 67 -26.92 7.03 31.36
C SER B 67 -27.82 5.82 31.52
N ASP B 68 -27.22 4.71 31.91
CA ASP B 68 -27.88 3.42 31.80
C ASP B 68 -29.28 3.49 32.43
N GLY B 69 -30.27 2.90 31.74
CA GLY B 69 -31.69 2.89 32.15
C GLY B 69 -32.43 4.23 32.29
N ASN B 70 -31.71 5.34 32.15
CA ASN B 70 -32.25 6.68 32.26
C ASN B 70 -32.62 7.42 30.92
N PHE B 71 -33.91 7.48 30.64
CA PHE B 71 -34.45 7.94 29.37
C PHE B 71 -35.04 9.36 29.39
N GLU B 72 -34.47 10.25 28.57
CA GLU B 72 -34.72 11.69 28.56
C GLU B 72 -35.22 12.13 27.17
N PHE B 73 -36.35 12.82 27.11
CA PHE B 73 -37.00 13.10 25.85
C PHE B 73 -37.21 14.58 25.56
N ASP B 74 -36.84 15.42 26.52
CA ASP B 74 -37.35 16.77 26.51
C ASP B 74 -36.96 17.61 25.30
N TRP B 75 -35.65 17.69 25.01
CA TRP B 75 -35.18 18.44 23.86
C TRP B 75 -35.78 17.87 22.58
N LEU B 76 -36.04 16.56 22.53
CA LEU B 76 -36.49 15.95 21.28
C LEU B 76 -37.99 16.25 21.07
N ASP B 77 -38.78 16.03 22.13
CA ASP B 77 -40.18 16.51 22.18
C ASP B 77 -40.33 17.97 21.78
N ARG B 78 -39.41 18.80 22.24
CA ARG B 78 -39.58 20.21 22.01
C ARG B 78 -39.39 20.64 20.54
N VAL B 79 -38.30 20.18 19.93
CA VAL B 79 -38.01 20.52 18.54
C VAL B 79 -39.08 19.85 17.64
N ILE B 80 -39.57 18.69 18.07
CA ILE B 80 -40.65 18.04 17.32
C ILE B 80 -41.90 18.88 17.38
N ASP B 81 -42.18 19.46 18.53
CA ASP B 81 -43.23 20.46 18.62
C ASP B 81 -43.01 21.65 17.67
N LYS B 82 -41.81 22.22 17.66
CA LYS B 82 -41.58 23.32 16.67
C LYS B 82 -41.77 22.80 15.24
N LEU B 83 -41.29 21.61 14.92
CA LEU B 83 -41.41 21.16 13.52
C LEU B 83 -42.87 20.89 13.05
N TYR B 84 -43.64 20.20 13.88
CA TYR B 84 -45.06 19.90 13.63
C TYR B 84 -45.81 21.21 13.46
N LYS B 85 -45.56 22.12 14.40
CA LYS B 85 -46.27 23.40 14.36
C LYS B 85 -45.98 24.18 13.08
N ALA B 86 -44.81 23.98 12.48
CA ALA B 86 -44.48 24.66 11.24
C ALA B 86 -44.86 23.83 9.96
N GLY B 87 -45.48 22.67 10.13
CA GLY B 87 -45.97 21.89 8.98
C GLY B 87 -44.90 20.96 8.48
N ILE B 88 -43.86 20.72 9.32
CA ILE B 88 -42.72 19.81 8.96
C ILE B 88 -42.83 18.41 9.60
N ALA B 89 -42.83 17.39 8.78
CA ALA B 89 -43.06 16.04 9.29
C ALA B 89 -41.76 15.47 9.90
N VAL B 90 -41.88 14.44 10.75
CA VAL B 90 -40.72 13.79 11.34
C VAL B 90 -40.65 12.29 10.99
N ASP B 91 -39.59 11.95 10.25
CA ASP B 91 -39.13 10.59 10.10
C ASP B 91 -38.22 10.31 11.31
N LEU B 92 -38.75 9.60 12.31
CA LEU B 92 -37.98 9.39 13.54
C LEU B 92 -37.15 8.14 13.52
N ALA B 93 -35.96 8.24 14.08
CA ALA B 93 -35.03 7.16 14.17
C ALA B 93 -35.31 6.35 15.45
N SER B 94 -35.03 5.04 15.43
CA SER B 94 -34.91 4.22 16.64
C SER B 94 -33.82 4.78 17.58
N ALA B 95 -32.95 5.64 17.06
CA ALA B 95 -31.84 6.23 17.83
C ALA B 95 -30.75 5.22 18.21
N THR B 96 -30.85 3.99 17.74
CA THR B 96 -29.93 2.92 18.08
C THR B 96 -28.70 2.69 17.19
N ALA B 97 -28.43 3.60 16.26
CA ALA B 97 -27.32 3.41 15.32
C ALA B 97 -25.95 3.30 16.03
N SER B 98 -25.80 4.03 17.14
CA SER B 98 -24.49 4.14 17.72
C SER B 98 -24.58 4.49 19.20
N PRO B 99 -24.08 3.58 20.05
CA PRO B 99 -24.24 3.59 21.52
C PRO B 99 -23.43 4.65 22.22
N PRO B 100 -23.87 5.00 23.41
CA PRO B 100 -23.19 6.04 24.16
C PRO B 100 -21.86 5.55 24.77
N MET B 101 -20.97 6.49 25.12
CA MET B 101 -19.69 6.14 25.77
C MET B 101 -19.94 5.38 27.07
N TRP B 102 -21.03 5.67 27.80
CA TRP B 102 -21.22 4.95 29.04
C TRP B 102 -21.46 3.52 28.78
N LEU B 103 -22.02 3.19 27.63
CA LEU B 103 -22.47 1.80 27.41
C LEU B 103 -21.28 0.91 27.07
N THR B 104 -20.29 1.48 26.41
CA THR B 104 -19.15 0.69 25.93
C THR B 104 -18.04 0.67 26.97
N SER B 105 -17.87 1.76 27.71
CA SER B 105 -17.12 1.75 28.98
C SER B 105 -17.53 0.58 29.90
N ALA B 106 -18.84 0.44 30.14
CA ALA B 106 -19.36 -0.53 31.06
C ALA B 106 -19.48 -1.89 30.41
N HIS B 107 -19.50 -1.93 29.09
CA HIS B 107 -19.66 -3.20 28.41
C HIS B 107 -18.86 -3.26 27.15
N PRO B 108 -17.52 -3.33 27.30
CA PRO B 108 -16.67 -3.36 26.10
C PRO B 108 -16.88 -4.62 25.25
N GLU B 109 -17.58 -5.62 25.80
CA GLU B 109 -17.85 -6.85 25.10
C GLU B 109 -18.87 -6.67 23.97
N VAL B 110 -19.22 -5.42 23.71
CA VAL B 110 -20.11 -5.14 22.57
C VAL B 110 -19.25 -4.64 21.37
N LEU B 111 -17.98 -4.33 21.63
CA LEU B 111 -17.11 -3.83 20.60
C LEU B 111 -16.77 -4.91 19.55
N ARG B 112 -16.89 -4.52 18.28
CA ARG B 112 -16.58 -5.38 17.15
C ARG B 112 -15.08 -5.75 17.14
N ARG B 113 -14.80 -6.89 16.53
CA ARG B 113 -13.44 -7.37 16.30
C ARG B 113 -13.16 -7.59 14.82
N ASP B 114 -12.02 -7.07 14.32
CA ASP B 114 -11.68 -7.26 12.90
C ASP B 114 -11.02 -8.62 12.61
N GLU B 115 -10.63 -8.78 11.35
CA GLU B 115 -10.14 -10.08 10.91
C GLU B 115 -8.88 -10.47 11.66
N GLN B 116 -8.17 -9.48 12.17
CA GLN B 116 -6.94 -9.73 12.92
C GLN B 116 -7.12 -9.72 14.43
N GLY B 117 -8.35 -9.53 14.90
CA GLY B 117 -8.64 -9.58 16.33
C GLY B 117 -8.50 -8.24 17.04
N HIS B 118 -8.29 -7.16 16.27
CA HIS B 118 -8.19 -5.80 16.86
C HIS B 118 -9.52 -5.49 17.47
N VAL B 119 -9.53 -4.84 18.63
CA VAL B 119 -10.77 -4.21 19.07
C VAL B 119 -11.01 -2.96 18.24
N ILE B 120 -12.27 -2.69 17.92
CA ILE B 120 -12.66 -1.42 17.30
C ILE B 120 -13.21 -0.51 18.41
N TRP B 121 -12.48 0.57 18.67
CA TRP B 121 -12.77 1.46 19.77
C TRP B 121 -13.91 2.34 19.43
N PRO B 122 -14.65 2.83 20.45
CA PRO B 122 -15.44 3.99 20.12
C PRO B 122 -14.52 5.17 19.71
N GLY B 123 -15.13 6.22 19.15
CA GLY B 123 -14.37 7.36 18.61
C GLY B 123 -14.76 7.74 17.17
N ALA B 124 -15.51 6.83 16.52
CA ALA B 124 -16.09 7.08 15.19
C ALA B 124 -17.58 6.68 15.25
N ARG B 125 -17.93 5.51 14.67
CA ARG B 125 -19.32 5.04 14.68
C ARG B 125 -19.57 3.59 14.22
N GLN B 126 -20.70 3.05 14.71
CA GLN B 126 -21.12 1.73 14.35
C GLN B 126 -20.13 0.65 14.72
N HIS B 127 -19.46 0.84 15.88
CA HIS B 127 -18.38 -0.05 16.38
C HIS B 127 -18.86 -1.23 17.24
N TRP B 128 -20.12 -1.64 17.07
CA TRP B 128 -20.69 -2.74 17.83
C TRP B 128 -20.79 -3.99 17.04
N ARG B 129 -20.85 -5.12 17.74
CA ARG B 129 -21.02 -6.43 17.11
C ARG B 129 -22.48 -6.68 16.78
N PRO B 130 -22.79 -6.90 15.48
CA PRO B 130 -24.16 -7.25 15.04
C PRO B 130 -24.88 -8.31 15.86
N THR B 131 -24.14 -9.27 16.41
CA THR B 131 -24.75 -10.43 17.09
C THR B 131 -24.50 -10.44 18.63
N SER B 132 -23.92 -9.39 19.20
CA SER B 132 -23.81 -9.27 20.66
C SER B 132 -25.18 -9.25 21.28
N PRO B 133 -25.57 -10.31 22.03
CA PRO B 133 -26.94 -10.24 22.58
C PRO B 133 -27.09 -9.14 23.69
N THR B 134 -25.99 -8.81 24.41
CA THR B 134 -25.98 -7.62 25.28
C THR B 134 -26.45 -6.35 24.54
N PHE B 135 -25.81 -6.07 23.41
CA PHE B 135 -26.14 -4.93 22.58
C PHE B 135 -27.57 -5.00 22.07
N ARG B 136 -27.96 -6.15 21.56
CA ARG B 136 -29.31 -6.35 21.14
C ARG B 136 -30.29 -5.88 22.20
N THR B 137 -29.97 -6.17 23.47
CA THR B 137 -30.87 -5.94 24.61
C THR B 137 -30.98 -4.47 24.90
N TYR B 138 -29.85 -3.76 24.89
CA TYR B 138 -29.89 -2.34 25.04
C TYR B 138 -30.76 -1.70 23.92
N ALA B 139 -30.45 -2.09 22.68
CA ALA B 139 -31.13 -1.59 21.49
C ALA B 139 -32.61 -1.87 21.55
N LEU B 140 -33.01 -3.12 21.74
CA LEU B 140 -34.42 -3.45 21.81
C LEU B 140 -35.13 -2.63 22.89
N ARG B 141 -34.40 -2.21 23.93
CA ARG B 141 -35.00 -1.47 24.99
C ARG B 141 -35.21 0.00 24.58
N LEU B 142 -34.19 0.62 23.97
CA LEU B 142 -34.34 1.98 23.49
C LEU B 142 -35.51 2.08 22.52
N CYS B 143 -35.61 1.10 21.63
CA CYS B 143 -36.65 1.03 20.64
C CYS B 143 -38.01 1.07 21.33
N ARG B 144 -38.20 0.19 22.30
CA ARG B 144 -39.42 0.19 23.06
C ARG B 144 -39.65 1.59 23.74
N GLU B 145 -38.63 2.15 24.36
CA GLU B 145 -38.80 3.45 24.99
C GLU B 145 -39.17 4.53 23.98
N MET B 146 -38.52 4.50 22.80
CA MET B 146 -38.85 5.44 21.75
C MET B 146 -40.29 5.24 21.31
N ALA B 147 -40.65 4.01 20.91
CA ALA B 147 -42.00 3.82 20.38
C ALA B 147 -43.04 4.21 21.45
N GLU B 148 -42.83 3.84 22.71
CA GLU B 148 -43.82 4.18 23.77
C GLU B 148 -43.93 5.69 23.95
N HIS B 149 -42.81 6.39 23.84
CA HIS B 149 -42.88 7.82 24.10
C HIS B 149 -43.52 8.58 22.97
N TYR B 150 -43.53 7.98 21.79
CA TYR B 150 -43.98 8.71 20.55
C TYR B 150 -45.23 8.18 19.86
N LYS B 151 -45.87 7.18 20.47
CA LYS B 151 -46.98 6.47 19.87
C LYS B 151 -48.23 7.29 19.70
N ASP B 152 -48.37 8.36 20.48
CA ASP B 152 -49.51 9.26 20.23
C ASP B 152 -49.08 10.64 19.70
N ASN B 153 -47.90 10.73 19.09
CA ASN B 153 -47.37 12.01 18.67
C ASN B 153 -47.61 12.08 17.15
N PRO B 154 -48.47 13.02 16.72
CA PRO B 154 -48.91 13.08 15.32
C PRO B 154 -47.85 13.70 14.36
N ALA B 155 -46.71 14.15 14.90
CA ALA B 155 -45.61 14.62 14.02
C ALA B 155 -44.93 13.46 13.35
N ILE B 156 -45.06 12.27 13.90
CA ILE B 156 -44.20 11.19 13.47
C ILE B 156 -44.84 10.45 12.29
N VAL B 157 -44.26 10.47 11.10
CA VAL B 157 -44.98 9.88 9.96
C VAL B 157 -44.25 8.60 9.50
N SER B 158 -43.12 8.29 10.13
CA SER B 158 -42.33 7.10 9.77
C SER B 158 -41.21 6.79 10.73
N TRP B 159 -40.73 5.53 10.70
CA TRP B 159 -39.54 5.10 11.44
C TRP B 159 -38.34 4.86 10.55
N HIS B 160 -37.21 5.38 11.01
CA HIS B 160 -35.92 5.24 10.41
C HIS B 160 -35.13 4.32 11.29
N VAL B 161 -35.15 3.05 10.97
CA VAL B 161 -34.56 2.07 11.90
C VAL B 161 -33.05 1.97 11.77
N GLY B 162 -32.35 2.14 12.91
CA GLY B 162 -30.89 2.19 12.95
C GLY B 162 -30.35 3.28 12.03
N ASN B 163 -29.23 3.00 11.36
CA ASN B 163 -28.73 3.80 10.25
C ASN B 163 -27.74 2.99 9.43
N GLU B 164 -27.92 2.92 8.11
CA GLU B 164 -26.93 2.20 7.27
C GLU B 164 -26.25 0.96 7.90
N TYR B 165 -27.05 -0.06 8.19
CA TYR B 165 -26.51 -1.22 8.90
C TYR B 165 -25.36 -1.81 8.09
N GLY B 166 -24.26 -2.08 8.77
CA GLY B 166 -23.19 -2.83 8.20
C GLY B 166 -22.29 -1.98 7.39
N CYS B 167 -22.49 -0.66 7.43
CA CYS B 167 -21.60 0.26 6.70
C CYS B 167 -20.18 0.11 7.21
N HIS B 168 -20.05 0.04 8.53
CA HIS B 168 -18.74 -0.20 9.16
C HIS B 168 -18.63 -1.58 9.81
N ASN B 169 -19.73 -2.14 10.31
CA ASN B 169 -19.67 -3.34 11.13
C ASN B 169 -20.14 -4.61 10.42
N TYR B 170 -20.18 -4.59 9.13
CA TYR B 170 -20.60 -5.77 8.39
C TYR B 170 -19.84 -7.05 8.76
N PHE B 171 -18.51 -6.95 8.77
CA PHE B 171 -17.62 -8.04 9.06
C PHE B 171 -17.21 -8.01 10.53
N ASP B 172 -17.84 -8.83 11.38
CA ASP B 172 -17.39 -9.05 12.76
C ASP B 172 -16.77 -10.44 12.96
N TYR B 173 -15.68 -10.48 13.74
CA TYR B 173 -14.91 -11.75 13.99
C TYR B 173 -14.83 -12.09 15.47
N SER B 174 -15.63 -11.42 16.29
CA SER B 174 -15.76 -11.73 17.72
C SER B 174 -16.28 -13.12 17.95
N ASP B 175 -16.24 -13.51 19.22
CA ASP B 175 -16.80 -14.78 19.66
C ASP B 175 -18.33 -14.88 19.45
N ASP B 176 -19.05 -13.76 19.47
CA ASP B 176 -20.49 -13.82 19.18
C ASP B 176 -20.69 -14.17 17.71
N ALA B 177 -19.88 -13.58 16.83
CA ALA B 177 -19.94 -13.96 15.42
C ALA B 177 -19.57 -15.43 15.19
N VAL B 178 -18.60 -15.96 15.92
CA VAL B 178 -18.17 -17.38 15.76
C VAL B 178 -19.43 -18.22 16.02
N GLN B 179 -20.05 -17.93 17.15
CA GLN B 179 -21.13 -18.72 17.64
C GLN B 179 -22.33 -18.69 16.70
N ALA B 180 -22.68 -17.48 16.23
CA ALA B 180 -23.88 -17.21 15.38
C ALA B 180 -23.68 -17.73 13.98
N PHE B 181 -22.46 -17.61 13.46
CA PHE B 181 -22.13 -18.24 12.17
C PHE B 181 -22.35 -19.78 12.18
N ARG B 182 -21.87 -20.48 13.22
CA ARG B 182 -22.16 -21.91 13.38
C ARG B 182 -23.65 -22.14 13.35
N GLU B 183 -24.40 -21.31 14.08
CA GLU B 183 -25.85 -21.53 14.16
C GLU B 183 -26.54 -21.29 12.83
N TRP B 184 -26.12 -20.23 12.15
CA TRP B 184 -26.53 -19.99 10.78
C TRP B 184 -26.21 -21.18 9.86
N CYS B 185 -25.02 -21.74 9.95
CA CYS B 185 -24.71 -22.92 9.11
C CYS B 185 -25.59 -24.14 9.44
N ARG B 186 -25.76 -24.37 10.75
CA ARG B 186 -26.57 -25.48 11.25
C ARG B 186 -28.00 -25.33 10.74
N ASP B 187 -28.49 -24.09 10.77
CA ASP B 187 -29.83 -23.78 10.29
C ASP B 187 -29.91 -23.96 8.79
N ARG B 188 -28.86 -23.56 8.09
CA ARG B 188 -28.93 -23.60 6.62
C ARG B 188 -28.70 -25.01 6.07
N TYR B 189 -27.78 -25.75 6.68
CA TYR B 189 -27.41 -27.09 6.16
C TYR B 189 -27.91 -28.31 6.96
N GLY B 190 -28.32 -28.15 8.23
CA GLY B 190 -28.79 -29.33 9.04
C GLY B 190 -27.67 -30.24 9.58
N THR B 191 -26.99 -30.95 8.69
CA THR B 191 -25.90 -31.86 9.04
C THR B 191 -24.55 -31.39 8.45
N ILE B 192 -23.47 -31.78 9.14
CA ILE B 192 -22.14 -31.35 8.85
C ILE B 192 -21.64 -31.85 7.49
N ASP B 193 -22.14 -33.00 7.05
CA ASP B 193 -21.74 -33.56 5.76
C ASP B 193 -22.08 -32.60 4.64
N LYS B 194 -23.23 -31.92 4.79
CA LYS B 194 -23.76 -30.98 3.79
C LYS B 194 -22.97 -29.70 3.78
N VAL B 195 -22.38 -29.34 4.92
CA VAL B 195 -21.49 -28.20 4.98
C VAL B 195 -20.20 -28.58 4.26
N ASN B 196 -19.67 -29.75 4.58
CA ASN B 196 -18.46 -30.27 3.92
C ASN B 196 -18.63 -30.34 2.39
N ALA B 197 -19.83 -30.69 1.93
CA ALA B 197 -20.17 -30.77 0.51
C ALA B 197 -20.31 -29.37 -0.15
N ALA B 198 -20.74 -28.38 0.63
CA ALA B 198 -20.98 -27.04 0.09
C ALA B 198 -19.64 -26.38 -0.16
N TRP B 199 -18.71 -26.60 0.76
CA TRP B 199 -17.49 -25.83 0.82
C TRP B 199 -16.27 -26.53 0.29
N GLY B 200 -16.35 -27.81 -0.05
CA GLY B 200 -15.16 -28.58 -0.49
C GLY B 200 -13.98 -28.62 0.50
N THR B 201 -14.33 -28.73 1.79
CA THR B 201 -13.35 -28.80 2.90
C THR B 201 -12.38 -30.00 2.88
N ASN B 202 -12.55 -30.91 1.92
CA ASN B 202 -11.59 -32.00 1.73
C ASN B 202 -10.28 -31.51 1.09
N PHE B 203 -10.27 -30.23 0.72
CA PHE B 203 -9.03 -29.57 0.30
C PHE B 203 -8.23 -29.03 1.48
N TRP B 204 -6.92 -29.22 1.41
CA TRP B 204 -6.02 -28.97 2.56
C TRP B 204 -6.49 -29.31 3.94
N SER B 205 -7.27 -30.38 4.15
CA SER B 205 -7.35 -30.95 5.54
C SER B 205 -8.17 -30.00 6.41
N GLN B 206 -9.25 -29.49 5.83
CA GLN B 206 -10.15 -28.64 6.62
C GLN B 206 -11.45 -29.39 6.94
N ARG B 207 -11.59 -30.63 6.43
CA ARG B 207 -12.81 -31.42 6.66
C ARG B 207 -13.28 -31.34 8.11
N LEU B 208 -14.57 -31.06 8.24
CA LEU B 208 -15.20 -30.81 9.54
C LEU B 208 -15.84 -32.06 10.13
N ASN B 209 -15.57 -32.31 11.42
CA ASN B 209 -16.24 -33.38 12.18
C ASN B 209 -17.59 -32.93 12.74
N SER B 210 -17.66 -31.70 13.23
CA SER B 210 -18.90 -31.18 13.79
C SER B 210 -19.00 -29.69 13.52
N PHE B 211 -20.18 -29.15 13.80
CA PHE B 211 -20.42 -27.73 13.67
C PHE B 211 -19.50 -26.96 14.62
N GLU B 212 -19.17 -27.51 15.78
CA GLU B 212 -18.27 -26.80 16.70
C GLU B 212 -16.89 -26.55 16.12
N GLU B 213 -16.56 -27.24 15.02
CA GLU B 213 -15.29 -26.98 14.32
C GLU B 213 -15.30 -25.80 13.32
N ILE B 214 -16.48 -25.44 12.80
CA ILE B 214 -16.67 -24.31 11.89
C ILE B 214 -16.23 -22.99 12.52
N LEU B 215 -15.38 -22.25 11.83
CA LEU B 215 -14.89 -20.96 12.32
C LEU B 215 -15.08 -19.93 11.21
N PRO B 216 -15.24 -18.65 11.55
CA PRO B 216 -15.31 -17.73 10.41
C PRO B 216 -13.92 -17.52 9.77
N PRO B 217 -13.86 -17.08 8.50
CA PRO B 217 -12.62 -16.57 7.86
C PRO B 217 -11.73 -15.56 8.62
N ARG B 218 -11.28 -15.87 9.84
CA ARG B 218 -10.25 -15.01 10.49
C ARG B 218 -8.96 -15.01 9.71
N TYR B 219 -8.11 -14.05 10.04
CA TYR B 219 -6.75 -13.92 9.45
C TYR B 219 -5.99 -15.25 9.27
N VAL B 220 -5.61 -15.49 8.02
CA VAL B 220 -4.96 -16.72 7.60
C VAL B 220 -3.52 -16.44 7.12
N GLY B 221 -3.00 -15.26 7.47
CA GLY B 221 -1.60 -14.97 7.19
C GLY B 221 -1.40 -13.92 6.13
N GLY B 222 -2.50 -13.41 5.60
CA GLY B 222 -2.44 -12.40 4.55
C GLY B 222 -1.93 -12.92 3.21
N GLU B 223 -1.01 -12.16 2.62
CA GLU B 223 -0.66 -12.34 1.24
C GLU B 223 -0.02 -13.70 0.96
N GLY B 224 -0.50 -14.34 -0.08
CA GLY B 224 0.01 -15.65 -0.45
C GLY B 224 -0.68 -16.74 0.32
N ASN B 225 -1.67 -16.37 1.17
CA ASN B 225 -2.52 -17.33 1.90
C ASN B 225 -4.01 -17.17 1.47
N PHE B 226 -4.69 -18.28 1.20
CA PHE B 226 -5.98 -18.23 0.52
C PHE B 226 -6.99 -19.03 1.31
N THR B 227 -8.01 -18.30 1.76
CA THR B 227 -9.06 -18.82 2.59
C THR B 227 -10.10 -19.59 1.74
N ASN B 228 -10.95 -20.38 2.38
CA ASN B 228 -11.82 -21.31 1.63
C ASN B 228 -12.92 -20.46 0.99
N PRO B 229 -12.97 -20.40 -0.36
CA PRO B 229 -13.92 -19.62 -1.13
C PRO B 229 -15.41 -19.84 -0.82
N GLY B 230 -15.84 -21.10 -0.73
CA GLY B 230 -17.26 -21.40 -0.53
C GLY B 230 -17.66 -20.98 0.88
N ARG B 231 -16.75 -21.14 1.84
CA ARG B 231 -16.99 -20.71 3.23
C ARG B 231 -17.10 -19.18 3.26
N LEU B 232 -16.19 -18.50 2.53
CA LEU B 232 -16.21 -17.04 2.48
C LEU B 232 -17.53 -16.57 1.87
N LEU B 233 -18.00 -17.29 0.84
CA LEU B 233 -19.28 -16.96 0.20
C LEU B 233 -20.41 -16.99 1.26
N ASP B 234 -20.55 -18.12 1.96
CA ASP B 234 -21.52 -18.26 3.05
C ASP B 234 -21.34 -17.23 4.20
N PHE B 235 -20.10 -16.97 4.62
CA PHE B 235 -19.83 -15.93 5.64
C PHE B 235 -20.41 -14.55 5.29
N LYS B 236 -20.27 -14.19 4.02
CA LYS B 236 -20.79 -12.90 3.51
C LYS B 236 -22.32 -12.87 3.57
N HIS B 237 -22.93 -13.94 3.06
CA HIS B 237 -24.35 -14.16 3.20
C HIS B 237 -24.74 -14.07 4.64
N PHE B 238 -24.07 -14.82 5.53
CA PHE B 238 -24.40 -14.74 6.98
C PHE B 238 -24.23 -13.31 7.52
N CYS B 239 -23.24 -12.57 7.05
CA CYS B 239 -23.01 -11.27 7.62
C CYS B 239 -24.18 -10.36 7.27
N SER B 240 -24.73 -10.55 6.08
CA SER B 240 -25.93 -9.81 5.69
C SER B 240 -27.12 -10.26 6.53
N ASP B 241 -27.33 -11.57 6.64
CA ASP B 241 -28.50 -12.09 7.40
C ASP B 241 -28.49 -11.72 8.89
N ALA B 242 -27.32 -11.69 9.48
CA ALA B 242 -27.22 -11.45 10.90
C ALA B 242 -27.70 -10.05 11.23
N LEU B 243 -27.29 -9.06 10.42
CA LEU B 243 -27.73 -7.68 10.56
C LEU B 243 -29.19 -7.55 10.11
N LYS B 244 -29.60 -8.37 9.12
CA LYS B 244 -30.99 -8.37 8.73
C LYS B 244 -31.87 -8.82 9.89
N GLU B 245 -31.51 -9.90 10.58
CA GLU B 245 -32.26 -10.32 11.78
C GLU B 245 -32.32 -9.17 12.84
N PHE B 246 -31.20 -8.55 13.08
CA PHE B 246 -31.13 -7.52 14.05
C PHE B 246 -32.11 -6.41 13.62
N PHE B 247 -32.07 -6.00 12.35
CA PHE B 247 -33.01 -4.99 11.88
C PHE B 247 -34.46 -5.46 12.11
N CYS B 248 -34.77 -6.70 11.73
CA CYS B 248 -36.10 -7.25 11.95
C CYS B 248 -36.52 -7.17 13.42
N ALA B 249 -35.61 -7.49 14.33
CA ALA B 249 -35.92 -7.37 15.74
C ALA B 249 -36.25 -5.88 16.14
N GLU B 250 -35.45 -4.91 15.69
CA GLU B 250 -35.66 -3.51 16.02
C GLU B 250 -36.98 -3.06 15.51
N ARG B 251 -37.32 -3.42 14.29
CA ARG B 251 -38.58 -2.96 13.75
C ARG B 251 -39.81 -3.61 14.38
N ASP B 252 -39.72 -4.92 14.64
CA ASP B 252 -40.84 -5.66 15.26
C ASP B 252 -41.25 -5.02 16.58
N VAL B 253 -40.27 -4.57 17.35
CA VAL B 253 -40.54 -3.90 18.59
C VAL B 253 -41.19 -2.53 18.36
N LEU B 254 -40.80 -1.78 17.30
CA LEU B 254 -41.38 -0.45 17.09
C LEU B 254 -42.80 -0.56 16.58
N SER B 255 -43.01 -1.52 15.70
CA SER B 255 -44.23 -1.68 14.99
C SER B 255 -45.34 -2.12 15.93
N GLU B 256 -44.96 -2.82 17.00
CA GLU B 256 -45.91 -3.42 17.90
C GLU B 256 -46.67 -2.32 18.66
N VAL B 257 -45.91 -1.30 19.03
CA VAL B 257 -46.38 -0.19 19.82
C VAL B 257 -46.99 0.87 18.89
N THR B 258 -46.50 0.96 17.64
CA THR B 258 -46.97 1.96 16.71
C THR B 258 -47.37 1.30 15.36
N PRO B 259 -48.39 0.43 15.39
CA PRO B 259 -48.69 -0.40 14.19
C PRO B 259 -49.07 0.38 12.93
N ASN B 260 -49.41 1.65 13.06
CA ASN B 260 -49.82 2.43 11.88
C ASN B 260 -48.68 3.23 11.26
N ILE B 261 -47.45 3.13 11.83
CA ILE B 261 -46.30 3.95 11.38
C ILE B 261 -45.28 3.11 10.59
N PRO B 262 -45.23 3.33 9.27
CA PRO B 262 -44.42 2.58 8.30
C PRO B 262 -42.97 2.69 8.71
N LEU B 263 -42.24 1.60 8.44
CA LEU B 263 -40.84 1.47 8.82
C LEU B 263 -39.94 1.20 7.65
N THR B 264 -38.80 1.88 7.66
CA THR B 264 -37.76 1.67 6.66
C THR B 264 -36.39 1.67 7.37
N THR B 265 -35.35 1.28 6.66
CA THR B 265 -33.96 1.49 7.11
C THR B 265 -33.23 1.90 5.83
N ASN B 266 -32.17 2.71 5.97
CA ASN B 266 -31.51 3.30 4.79
C ASN B 266 -30.48 2.41 4.14
N PHE B 267 -30.76 1.96 2.92
CA PHE B 267 -29.81 1.10 2.18
C PHE B 267 -28.69 1.97 1.59
N MET B 268 -27.67 1.34 1.02
CA MET B 268 -26.61 2.09 0.36
C MET B 268 -26.37 1.48 -1.02
N VAL B 269 -27.38 1.56 -1.87
CA VAL B 269 -27.38 0.92 -3.15
C VAL B 269 -26.56 1.80 -4.06
N SER B 270 -25.46 1.28 -4.61
CA SER B 270 -24.70 2.03 -5.59
C SER B 270 -23.99 0.95 -6.40
N ALA B 271 -23.32 1.34 -7.48
CA ALA B 271 -22.80 0.37 -8.38
C ALA B 271 -21.90 -0.62 -7.72
N SER B 272 -21.01 -0.09 -6.87
CA SER B 272 -19.95 -0.90 -6.34
C SER B 272 -20.23 -1.47 -4.97
N GLN B 273 -21.40 -1.20 -4.36
CA GLN B 273 -21.62 -1.81 -3.03
C GLN B 273 -21.58 -3.32 -3.13
N ASN B 274 -20.90 -3.92 -2.17
CA ASN B 274 -20.57 -5.33 -2.27
C ASN B 274 -20.76 -6.07 -0.97
N THR B 275 -21.48 -5.47 0.00
CA THR B 275 -21.78 -6.17 1.26
C THR B 275 -23.24 -6.68 1.38
N LEU B 276 -24.11 -5.89 2.04
CA LEU B 276 -25.50 -6.29 2.30
C LEU B 276 -26.22 -6.74 1.04
N ASP B 277 -27.06 -7.73 1.18
CA ASP B 277 -27.89 -8.18 0.06
C ASP B 277 -29.18 -7.40 0.16
N TYR B 278 -29.24 -6.23 -0.48
CA TYR B 278 -30.38 -5.36 -0.30
C TYR B 278 -31.65 -5.85 -0.91
N ASP B 279 -31.57 -6.60 -2.02
CA ASP B 279 -32.80 -7.13 -2.61
C ASP B 279 -33.57 -8.03 -1.63
N ASP B 280 -32.78 -8.78 -0.86
CA ASP B 280 -33.28 -9.63 0.20
C ASP B 280 -33.82 -8.80 1.38
N TRP B 281 -33.11 -7.78 1.83
CA TRP B 281 -33.59 -6.92 2.91
C TRP B 281 -34.85 -6.15 2.53
N ALA B 282 -35.01 -5.83 1.24
CA ALA B 282 -36.18 -5.09 0.75
C ALA B 282 -37.52 -5.78 1.08
N HIS B 283 -37.52 -7.10 1.27
CA HIS B 283 -38.73 -7.85 1.69
C HIS B 283 -39.08 -7.52 3.11
N GLU B 284 -38.22 -6.79 3.81
CA GLU B 284 -38.42 -6.58 5.23
C GLU B 284 -38.87 -5.17 5.62
N VAL B 285 -39.09 -4.29 4.64
CA VAL B 285 -39.32 -2.86 4.94
C VAL B 285 -40.67 -2.52 4.35
N ASP B 286 -41.29 -1.46 4.87
CA ASP B 286 -42.58 -1.07 4.29
C ASP B 286 -42.43 -0.24 2.96
N PHE B 287 -41.28 0.40 2.80
CA PHE B 287 -40.96 1.20 1.66
C PHE B 287 -39.46 1.21 1.63
N VAL B 288 -38.87 1.12 0.44
CA VAL B 288 -37.44 1.03 0.26
C VAL B 288 -36.86 2.42 0.36
N SER B 289 -35.76 2.56 1.11
CA SER B 289 -35.09 3.85 1.09
C SER B 289 -33.57 3.75 0.85
N ASN B 290 -33.03 4.76 0.19
CA ASN B 290 -31.63 4.68 -0.21
C ASN B 290 -30.82 5.95 0.08
N ASP B 291 -29.53 5.74 0.36
CA ASP B 291 -28.52 6.81 0.44
C ASP B 291 -27.57 6.61 -0.76
N HIS B 292 -27.30 7.68 -1.48
CA HIS B 292 -26.41 7.56 -2.61
C HIS B 292 -25.66 8.84 -2.77
N TYR B 293 -24.36 8.71 -2.96
CA TYR B 293 -23.45 9.88 -3.11
C TYR B 293 -22.79 9.79 -4.46
N PHE B 294 -22.70 10.92 -5.16
CA PHE B 294 -22.26 10.92 -6.57
C PHE B 294 -20.85 10.37 -6.72
N THR B 295 -20.59 9.76 -7.86
CA THR B 295 -19.23 9.42 -8.22
C THR B 295 -18.60 10.59 -8.96
N PRO B 296 -17.48 11.14 -8.44
CA PRO B 296 -16.85 12.22 -9.24
C PRO B 296 -16.46 11.82 -10.69
N GLY B 297 -16.44 12.81 -11.58
CA GLY B 297 -16.03 12.70 -12.96
C GLY B 297 -17.06 12.20 -13.99
N SER B 298 -16.53 11.67 -15.10
CA SER B 298 -17.32 11.02 -16.18
C SER B 298 -18.48 10.09 -15.80
N TRP B 299 -18.33 9.39 -14.67
CA TRP B 299 -19.35 8.37 -14.27
C TRP B 299 -20.49 8.97 -13.49
N HIS B 300 -20.34 10.23 -13.11
CA HIS B 300 -21.29 10.92 -12.29
C HIS B 300 -22.69 10.61 -12.66
N ILE B 301 -23.06 10.84 -13.90
CA ILE B 301 -24.45 10.75 -14.30
C ILE B 301 -24.84 9.28 -14.49
N ASP B 302 -24.08 8.50 -15.26
CA ASP B 302 -24.53 7.12 -15.48
C ASP B 302 -24.59 6.25 -14.24
N GLU B 303 -23.63 6.43 -13.31
CA GLU B 303 -23.60 5.60 -12.12
C GLU B 303 -24.73 6.01 -11.13
N LEU B 304 -25.10 7.27 -11.08
CA LEU B 304 -26.27 7.68 -10.27
C LEU B 304 -27.56 7.10 -10.89
N ALA B 305 -27.76 7.30 -12.17
CA ALA B 305 -28.95 6.78 -12.81
C ALA B 305 -29.06 5.26 -12.65
N TYR B 306 -27.92 4.57 -12.78
CA TYR B 306 -27.80 3.09 -12.63
C TYR B 306 -28.29 2.71 -11.23
N SER B 307 -27.73 3.38 -10.25
CA SER B 307 -28.11 3.16 -8.88
C SER B 307 -29.55 3.32 -8.60
N ALA B 308 -30.10 4.42 -9.09
CA ALA B 308 -31.45 4.70 -8.74
C ALA B 308 -32.36 3.76 -9.54
N SER B 309 -31.97 3.35 -10.76
CA SER B 309 -32.73 2.34 -11.48
C SER B 309 -32.76 1.02 -10.69
N LEU B 310 -31.63 0.67 -10.07
CA LEU B 310 -31.51 -0.55 -9.25
C LEU B 310 -32.39 -0.53 -8.01
N VAL B 311 -32.47 0.62 -7.35
CA VAL B 311 -33.32 0.71 -6.20
C VAL B 311 -34.73 0.44 -6.64
N ASP B 312 -35.09 1.01 -7.77
CA ASP B 312 -36.44 0.89 -8.26
C ASP B 312 -36.64 -0.59 -8.62
N GLY B 313 -35.63 -1.26 -9.20
CA GLY B 313 -35.73 -2.68 -9.50
C GLY B 313 -35.94 -3.46 -8.20
N ILE B 314 -35.16 -3.09 -7.18
CA ILE B 314 -35.23 -3.66 -5.88
C ILE B 314 -36.63 -3.38 -5.31
N SER B 315 -37.22 -2.23 -5.56
CA SER B 315 -38.50 -2.00 -5.00
C SER B 315 -39.62 -2.57 -5.87
N ARG B 316 -39.28 -3.37 -6.88
CA ARG B 316 -40.30 -3.93 -7.80
C ARG B 316 -41.22 -2.88 -8.41
N LYS B 317 -40.61 -1.72 -8.74
CA LYS B 317 -41.27 -0.54 -9.27
C LYS B 317 -42.20 0.17 -8.31
N LYS B 318 -42.23 -0.19 -7.02
CA LYS B 318 -43.01 0.65 -6.05
C LYS B 318 -42.26 1.95 -5.74
N PRO B 319 -42.97 3.05 -5.41
CA PRO B 319 -42.20 4.26 -5.13
C PRO B 319 -41.22 4.06 -4.01
N TRP B 320 -40.07 4.72 -4.08
CA TRP B 320 -39.07 4.63 -3.00
C TRP B 320 -38.61 5.98 -2.54
N PHE B 321 -37.74 6.02 -1.55
CA PHE B 321 -37.48 7.20 -0.74
C PHE B 321 -35.95 7.42 -0.77
N LEU B 322 -35.48 8.54 -1.35
CA LEU B 322 -34.07 8.86 -1.30
C LEU B 322 -33.81 9.57 0.01
N MET B 323 -33.18 8.85 0.92
CA MET B 323 -32.99 9.27 2.29
C MET B 323 -31.78 10.20 2.47
N ALA B 324 -30.77 10.05 1.62
CA ALA B 324 -29.55 10.86 1.73
C ALA B 324 -28.80 10.87 0.37
N GLN B 325 -27.95 11.89 0.23
CA GLN B 325 -27.19 12.28 -0.95
C GLN B 325 -26.64 13.63 -0.51
N SER B 326 -25.66 14.12 -1.26
CA SER B 326 -24.98 15.38 -0.88
C SER B 326 -25.34 16.56 -1.79
N THR B 327 -25.39 17.76 -1.20
CA THR B 327 -25.68 18.98 -1.98
C THR B 327 -24.44 19.34 -2.80
N SER B 328 -23.26 19.02 -2.24
CA SER B 328 -22.03 19.32 -2.91
C SER B 328 -20.99 18.30 -2.50
N ALA B 329 -19.87 18.70 -1.93
CA ALA B 329 -18.82 17.71 -1.59
C ALA B 329 -19.23 16.78 -0.47
N VAL B 330 -18.68 15.53 -0.47
CA VAL B 330 -18.76 14.61 0.73
C VAL B 330 -17.47 14.87 1.57
N ASN B 331 -17.20 14.09 2.62
CA ASN B 331 -15.98 14.29 3.44
C ASN B 331 -15.10 13.04 3.41
N TRP B 332 -15.58 11.97 2.80
CA TRP B 332 -14.96 10.67 3.10
C TRP B 332 -14.15 10.07 2.01
N ARG B 333 -13.89 10.80 0.94
CA ARG B 333 -12.88 10.32 -0.05
C ARG B 333 -11.53 10.97 0.16
N GLU B 334 -10.53 10.39 -0.49
CA GLU B 334 -9.17 10.93 -0.43
C GLU B 334 -9.13 12.33 -1.04
N ILE B 335 -10.01 12.58 -2.03
CA ILE B 335 -10.19 13.89 -2.65
C ILE B 335 -11.70 14.08 -2.75
N ASN B 336 -12.21 15.13 -2.09
CA ASN B 336 -13.65 15.44 -2.11
C ASN B 336 -14.19 16.55 -3.04
N PRO B 337 -14.38 16.28 -4.33
CA PRO B 337 -14.74 17.35 -5.25
C PRO B 337 -16.10 17.95 -4.93
N ARG B 338 -16.29 19.22 -5.26
CA ARG B 338 -17.59 19.85 -5.14
C ARG B 338 -18.48 19.55 -6.34
N LYS B 339 -19.78 19.81 -6.16
CA LYS B 339 -20.70 19.65 -7.30
C LYS B 339 -20.58 20.86 -8.23
N GLU B 340 -20.67 20.62 -9.52
CA GLU B 340 -20.75 21.71 -10.52
C GLU B 340 -22.11 22.40 -10.53
N PRO B 341 -22.22 23.61 -11.11
CA PRO B 341 -23.57 24.24 -11.05
C PRO B 341 -24.59 23.39 -11.77
N GLY B 342 -25.82 23.33 -11.24
CA GLY B 342 -26.89 22.53 -11.82
C GLY B 342 -26.92 21.05 -11.36
N GLU B 343 -25.82 20.57 -10.81
CA GLU B 343 -25.73 19.20 -10.45
C GLU B 343 -26.62 18.85 -9.24
N LEU B 344 -26.84 19.84 -8.36
CA LEU B 344 -27.66 19.62 -7.16
C LEU B 344 -29.10 19.26 -7.57
N ILE B 345 -29.69 20.09 -8.43
CA ILE B 345 -31.03 19.89 -8.90
C ILE B 345 -31.08 18.65 -9.83
N ARG B 346 -30.15 18.57 -10.79
CA ARG B 346 -30.09 17.45 -11.70
C ARG B 346 -30.02 16.08 -11.03
N ASP B 347 -29.12 15.91 -10.08
CA ASP B 347 -29.01 14.66 -9.38
C ASP B 347 -30.32 14.29 -8.65
N SER B 348 -30.88 15.24 -7.92
CA SER B 348 -32.23 15.04 -7.28
C SER B 348 -33.27 14.66 -8.31
N MET B 349 -33.19 15.25 -9.51
CA MET B 349 -34.20 14.96 -10.54
C MET B 349 -33.96 13.60 -11.16
N LEU B 350 -32.71 13.13 -11.23
CA LEU B 350 -32.45 11.73 -11.68
C LEU B 350 -33.03 10.67 -10.70
N HIS B 351 -32.85 10.90 -9.41
CA HIS B 351 -33.44 10.03 -8.42
C HIS B 351 -34.94 10.04 -8.57
N LEU B 352 -35.52 11.24 -8.74
CA LEU B 352 -36.96 11.41 -8.84
C LEU B 352 -37.41 10.69 -10.11
N ALA B 353 -36.89 11.10 -11.26
CA ALA B 353 -37.16 10.34 -12.53
C ALA B 353 -37.12 8.80 -12.41
N MET B 354 -36.11 8.28 -11.73
CA MET B 354 -36.08 6.81 -11.48
C MET B 354 -37.04 6.26 -10.42
N GLY B 355 -37.99 7.09 -9.94
CA GLY B 355 -39.11 6.57 -9.15
C GLY B 355 -39.17 6.93 -7.67
N ALA B 356 -38.22 7.69 -7.16
CA ALA B 356 -38.34 8.21 -5.78
C ALA B 356 -39.56 9.10 -5.68
N ASP B 357 -40.31 9.00 -4.57
CA ASP B 357 -41.35 10.01 -4.24
C ASP B 357 -40.92 10.86 -3.03
N ALA B 358 -39.64 10.82 -2.71
CA ALA B 358 -39.06 11.57 -1.59
C ALA B 358 -37.63 11.82 -1.96
N ILE B 359 -37.17 13.03 -1.68
CA ILE B 359 -35.79 13.45 -1.91
C ILE B 359 -35.21 14.12 -0.66
N CYS B 360 -34.18 13.51 -0.06
CA CYS B 360 -33.57 13.99 1.17
C CYS B 360 -32.00 14.08 1.10
N TYR B 361 -31.41 14.99 1.88
CA TYR B 361 -29.98 15.16 1.97
C TYR B 361 -29.45 14.73 3.30
N PHE B 362 -28.23 14.21 3.33
CA PHE B 362 -27.44 14.43 4.53
C PHE B 362 -26.67 15.71 4.31
N GLN B 363 -26.88 16.76 5.12
CA GLN B 363 -27.86 16.91 6.22
C GLN B 363 -28.39 18.34 6.15
N TRP B 364 -29.30 18.71 7.04
CA TRP B 364 -29.82 20.07 7.01
C TRP B 364 -28.74 21.16 7.11
N ARG B 365 -27.93 21.14 8.16
CA ARG B 365 -27.06 22.26 8.47
C ARG B 365 -25.62 21.75 8.58
N GLN B 366 -24.65 22.44 8.01
CA GLN B 366 -23.27 21.89 7.99
C GLN B 366 -22.73 21.99 9.39
N SER B 367 -22.08 20.94 9.93
CA SER B 367 -21.46 21.06 11.27
C SER B 367 -20.21 21.94 11.23
N ARG B 368 -19.90 22.67 12.30
CA ARG B 368 -18.59 23.34 12.52
C ARG B 368 -17.47 22.37 12.97
N SER B 369 -17.87 21.25 13.57
CA SER B 369 -16.94 20.30 14.20
C SER B 369 -17.41 18.84 14.07
N GLY B 370 -16.50 17.95 14.48
CA GLY B 370 -16.69 16.53 14.18
C GLY B 370 -16.30 16.11 12.75
N ALA B 371 -16.29 14.80 12.55
CA ALA B 371 -15.62 14.19 11.39
C ALA B 371 -16.36 14.60 10.12
N GLU B 372 -17.57 15.13 10.26
CA GLU B 372 -18.32 15.47 9.10
C GLU B 372 -18.38 16.97 8.83
N LYS B 373 -17.50 17.73 9.46
CA LYS B 373 -17.61 19.16 9.37
C LYS B 373 -17.41 19.68 7.93
N PHE B 374 -16.66 18.93 7.10
CA PHE B 374 -16.43 19.40 5.73
C PHE B 374 -17.43 18.79 4.74
N HIS B 375 -18.33 17.97 5.23
CA HIS B 375 -19.42 17.47 4.40
C HIS B 375 -20.40 18.55 4.14
N SER B 376 -20.72 18.79 2.88
CA SER B 376 -21.75 19.76 2.48
C SER B 376 -23.13 19.44 3.05
N ALA B 377 -23.98 20.45 3.11
CA ALA B 377 -25.31 20.33 3.71
C ALA B 377 -26.27 21.20 2.91
N MET B 378 -27.54 21.24 3.30
CA MET B 378 -28.48 22.20 2.71
C MET B 378 -28.23 23.66 3.14
N LEU B 379 -27.73 23.84 4.37
CA LEU B 379 -27.52 25.16 4.90
C LEU B 379 -26.05 25.17 5.23
N PRO B 380 -25.25 25.67 4.30
CA PRO B 380 -23.80 25.61 4.51
C PRO B 380 -23.36 26.52 5.67
N LEU B 381 -22.13 26.33 6.11
CA LEU B 381 -21.54 27.18 7.14
C LEU B 381 -21.58 28.62 6.69
N ALA B 382 -21.54 28.83 5.38
CA ALA B 382 -21.49 30.17 4.81
C ALA B 382 -22.83 30.83 5.01
N GLY B 383 -23.83 30.01 5.30
CA GLY B 383 -25.15 30.48 5.68
C GLY B 383 -26.17 30.66 4.56
N GLU B 384 -27.29 31.32 4.89
CA GLU B 384 -28.37 31.46 3.92
C GLU B 384 -28.00 32.18 2.59
N HIS B 385 -27.01 33.07 2.62
CA HIS B 385 -26.55 33.77 1.42
C HIS B 385 -25.43 32.96 0.84
N SER B 386 -25.81 31.92 0.12
CA SER B 386 -24.89 30.97 -0.46
C SER B 386 -25.62 30.34 -1.61
N GLN B 387 -24.85 30.03 -2.63
CA GLN B 387 -25.37 29.36 -3.80
C GLN B 387 -26.12 28.05 -3.45
N ILE B 388 -25.51 27.22 -2.61
CA ILE B 388 -26.13 25.93 -2.25
C ILE B 388 -27.53 26.15 -1.69
N TYR B 389 -27.68 27.12 -0.81
CA TYR B 389 -28.99 27.27 -0.17
C TYR B 389 -30.02 27.79 -1.18
N ARG B 390 -29.60 28.69 -2.05
CA ARG B 390 -30.52 29.21 -3.07
C ARG B 390 -30.97 28.12 -3.99
N ASP B 391 -30.06 27.18 -4.30
CA ASP B 391 -30.31 26.03 -5.16
C ASP B 391 -31.27 25.04 -4.50
N VAL B 392 -31.13 24.86 -3.18
CA VAL B 392 -32.05 24.01 -2.41
C VAL B 392 -33.48 24.60 -2.48
N CYS B 393 -33.59 25.90 -2.28
CA CYS B 393 -34.89 26.59 -2.42
C CYS B 393 -35.48 26.36 -3.77
N ALA B 394 -34.68 26.54 -4.80
CA ALA B 394 -35.19 26.37 -6.15
C ALA B 394 -35.64 24.90 -6.36
N LEU B 395 -34.89 23.97 -5.78
CA LEU B 395 -35.25 22.53 -5.76
C LEU B 395 -36.57 22.22 -5.02
N GLY B 396 -36.75 22.82 -3.85
CA GLY B 396 -38.02 22.76 -3.15
C GLY B 396 -39.23 23.22 -3.95
N ALA B 397 -39.12 24.38 -4.60
CA ALA B 397 -40.18 24.90 -5.45
C ALA B 397 -40.43 23.89 -6.59
N ASP B 398 -39.37 23.40 -7.21
CA ASP B 398 -39.51 22.45 -8.28
C ASP B 398 -40.24 21.15 -7.84
N LEU B 399 -39.86 20.60 -6.67
CA LEU B 399 -40.58 19.43 -6.14
C LEU B 399 -42.06 19.66 -5.86
N ASP B 400 -42.35 20.81 -5.27
CA ASP B 400 -43.73 21.27 -5.11
C ASP B 400 -44.46 21.34 -6.47
N THR B 401 -43.79 21.88 -7.47
CA THR B 401 -44.39 21.95 -8.78
C THR B 401 -44.71 20.56 -9.32
N LEU B 402 -43.73 19.64 -9.22
CA LEU B 402 -43.99 18.25 -9.58
C LEU B 402 -45.05 17.54 -8.74
N SER B 403 -45.19 17.92 -7.49
CA SER B 403 -46.29 17.39 -6.68
C SER B 403 -47.62 17.79 -7.27
N ASP B 404 -47.79 19.09 -7.50
CA ASP B 404 -49.01 19.66 -8.11
C ASP B 404 -49.32 19.11 -9.48
N ALA B 405 -48.31 18.79 -10.27
CA ALA B 405 -48.55 18.14 -11.52
C ALA B 405 -48.96 16.66 -11.37
N GLY B 406 -48.99 16.09 -10.18
CA GLY B 406 -49.55 14.71 -10.01
C GLY B 406 -48.58 13.54 -10.32
N ILE B 407 -47.27 13.74 -10.09
CA ILE B 407 -46.26 12.68 -10.33
C ILE B 407 -46.33 11.55 -9.28
N LEU B 408 -46.77 11.89 -8.09
CA LEU B 408 -46.82 10.92 -6.98
C LEU B 408 -47.43 9.57 -7.35
N ARG B 409 -46.72 8.46 -7.00
CA ARG B 409 -47.17 7.08 -7.27
C ARG B 409 -47.10 6.64 -8.71
N SER B 410 -46.70 7.52 -9.62
CA SER B 410 -46.35 7.08 -10.96
C SER B 410 -45.17 6.10 -10.92
N LYS B 411 -45.17 5.14 -11.83
CA LYS B 411 -44.21 4.05 -11.80
C LYS B 411 -43.11 4.27 -12.80
N LEU B 412 -41.91 3.87 -12.47
CA LEU B 412 -40.87 3.91 -13.48
C LEU B 412 -41.28 2.95 -14.59
N SER B 413 -41.48 3.49 -15.79
CA SER B 413 -42.00 2.70 -16.90
C SER B 413 -41.11 1.46 -17.18
N LYS B 414 -41.71 0.44 -17.76
CA LYS B 414 -41.00 -0.83 -17.95
C LYS B 414 -40.07 -0.73 -19.15
N ALA B 415 -38.76 -0.94 -18.98
CA ALA B 415 -37.85 -0.80 -20.13
C ALA B 415 -37.99 -1.99 -21.12
N ARG B 416 -37.35 -1.90 -22.28
CA ARG B 416 -37.23 -3.04 -23.22
C ARG B 416 -36.17 -4.07 -22.83
N VAL B 417 -35.14 -3.63 -22.14
CA VAL B 417 -34.11 -4.50 -21.68
C VAL B 417 -33.95 -4.34 -20.16
N ALA B 418 -33.81 -5.49 -19.48
CA ALA B 418 -33.42 -5.55 -18.08
C ALA B 418 -31.97 -6.02 -17.99
N ILE B 419 -31.24 -5.41 -17.06
CA ILE B 419 -29.81 -5.64 -16.93
C ILE B 419 -29.71 -6.30 -15.57
N VAL B 420 -29.17 -7.52 -15.53
CA VAL B 420 -29.11 -8.25 -14.26
C VAL B 420 -28.01 -7.87 -13.27
N GLN B 421 -28.43 -7.50 -12.06
CA GLN B 421 -27.48 -7.29 -10.97
C GLN B 421 -27.60 -8.39 -9.90
N ASP B 422 -26.51 -8.72 -9.24
CA ASP B 422 -26.48 -9.89 -8.35
C ASP B 422 -25.35 -9.87 -7.33
N ILE B 423 -25.70 -9.40 -6.15
CA ILE B 423 -24.75 -9.28 -5.04
C ILE B 423 -23.99 -10.58 -4.71
N GLN B 424 -24.65 -11.73 -4.83
CA GLN B 424 -24.02 -13.00 -4.48
C GLN B 424 -22.90 -13.33 -5.47
N SER B 425 -23.14 -13.09 -6.77
CA SER B 425 -22.12 -13.31 -7.78
C SER B 425 -20.98 -12.35 -7.51
N GLU B 426 -21.33 -11.15 -7.04
CA GLU B 426 -20.32 -10.16 -6.72
C GLU B 426 -19.44 -10.72 -5.62
N TRP B 427 -20.05 -11.24 -4.54
CA TRP B 427 -19.25 -11.84 -3.45
C TRP B 427 -18.33 -12.88 -4.00
N ALA B 428 -18.89 -13.86 -4.69
CA ALA B 428 -18.11 -14.89 -5.36
C ALA B 428 -16.90 -14.36 -6.20
N THR B 429 -17.10 -13.32 -7.02
CA THR B 429 -15.96 -12.75 -7.79
C THR B 429 -14.89 -12.04 -6.92
N GLU B 430 -15.14 -11.85 -5.64
CA GLU B 430 -14.16 -11.19 -4.78
C GLU B 430 -13.06 -12.09 -4.18
N HIS B 431 -13.14 -13.40 -4.36
CA HIS B 431 -12.06 -14.25 -3.87
C HIS B 431 -10.71 -13.84 -4.43
N THR B 432 -9.67 -13.95 -3.62
CA THR B 432 -8.37 -13.53 -4.09
C THR B 432 -7.73 -14.57 -5.02
N ALA B 433 -8.41 -15.69 -5.28
CA ALA B 433 -7.76 -16.74 -6.12
C ALA B 433 -8.53 -17.08 -7.38
N THR B 434 -9.34 -16.13 -7.86
CA THR B 434 -10.01 -16.18 -9.17
C THR B 434 -8.99 -16.02 -10.31
N PRO B 435 -9.42 -16.18 -11.57
CA PRO B 435 -8.43 -15.97 -12.61
C PRO B 435 -7.74 -14.58 -12.56
N THR B 436 -8.40 -13.57 -12.00
CA THR B 436 -7.81 -12.23 -11.90
C THR B 436 -8.58 -11.30 -10.96
N GLN B 437 -7.85 -10.48 -10.22
CA GLN B 437 -8.45 -9.63 -9.23
C GLN B 437 -9.08 -8.42 -9.92
N HIS B 438 -8.83 -8.30 -11.23
CA HIS B 438 -9.30 -7.17 -11.99
C HIS B 438 -10.71 -7.36 -12.53
N ILE B 439 -11.32 -8.54 -12.37
CA ILE B 439 -12.73 -8.81 -12.72
C ILE B 439 -13.54 -8.92 -11.41
N ARG B 440 -14.58 -8.10 -11.25
CA ARG B 440 -15.62 -8.27 -10.21
C ARG B 440 -16.90 -8.24 -11.04
N GLU B 441 -17.97 -8.86 -10.53
CA GLU B 441 -19.22 -8.81 -11.24
C GLU B 441 -19.73 -7.35 -11.39
N TRP B 442 -19.55 -6.48 -10.38
CA TRP B 442 -20.34 -5.23 -10.34
C TRP B 442 -20.08 -4.21 -11.44
N THR B 443 -18.85 -4.15 -11.97
CA THR B 443 -18.58 -3.19 -13.07
C THR B 443 -19.39 -3.53 -14.33
N GLU B 444 -19.66 -4.81 -14.57
CA GLU B 444 -20.22 -5.18 -15.90
C GLU B 444 -21.67 -4.76 -16.15
N PRO B 445 -22.59 -5.02 -15.22
CA PRO B 445 -23.94 -4.45 -15.41
C PRO B 445 -23.94 -2.89 -15.59
N LEU B 446 -23.05 -2.17 -14.90
CA LEU B 446 -22.93 -0.73 -15.03
C LEU B 446 -22.45 -0.35 -16.44
N ASP B 447 -21.43 -1.06 -16.95
CA ASP B 447 -20.97 -0.84 -18.31
C ASP B 447 -22.14 -1.01 -19.32
N TRP B 448 -23.03 -1.99 -19.09
CA TRP B 448 -24.10 -2.29 -20.05
C TRP B 448 -25.12 -1.18 -19.96
N PHE B 449 -25.38 -0.71 -18.74
CA PHE B 449 -26.32 0.42 -18.54
C PHE B 449 -25.83 1.67 -19.26
N ALA B 450 -24.56 2.03 -19.03
CA ALA B 450 -23.98 3.18 -19.68
C ALA B 450 -24.03 3.05 -21.22
N ALA B 451 -23.68 1.87 -21.71
CA ALA B 451 -23.68 1.59 -23.13
C ALA B 451 -25.05 1.69 -23.79
N PHE B 452 -26.08 1.05 -23.23
CA PHE B 452 -27.42 1.18 -23.82
C PHE B 452 -27.84 2.63 -23.81
N ALA B 453 -27.53 3.34 -22.72
CA ALA B 453 -27.81 4.77 -22.67
C ALA B 453 -27.12 5.49 -23.80
N ASN B 454 -25.91 5.10 -24.16
CA ASN B 454 -25.18 5.73 -25.27
C ASN B 454 -25.86 5.52 -26.61
N ARG B 455 -26.68 4.49 -26.68
CA ARG B 455 -27.46 4.20 -27.88
C ARG B 455 -28.92 4.60 -27.69
N GLY B 456 -29.25 5.33 -26.63
CA GLY B 456 -30.61 5.92 -26.52
C GLY B 456 -31.63 4.96 -25.97
N VAL B 457 -31.13 3.90 -25.33
CA VAL B 457 -31.95 2.98 -24.57
C VAL B 457 -31.74 3.19 -23.06
N THR B 458 -32.81 3.47 -22.32
CA THR B 458 -32.79 3.41 -20.85
C THR B 458 -33.18 1.96 -20.42
N ALA B 459 -32.19 1.19 -19.98
CA ALA B 459 -32.35 -0.12 -19.39
C ALA B 459 -32.93 0.00 -17.98
N ASP B 460 -33.60 -1.07 -17.52
CA ASP B 460 -34.03 -1.25 -16.13
C ASP B 460 -33.02 -2.23 -15.52
N VAL B 461 -32.30 -1.75 -14.52
CA VAL B 461 -31.43 -2.63 -13.74
C VAL B 461 -32.33 -3.43 -12.77
N THR B 462 -32.20 -4.76 -12.78
CA THR B 462 -33.06 -5.64 -11.97
C THR B 462 -32.18 -6.59 -11.19
N PRO B 463 -32.40 -6.68 -9.84
CA PRO B 463 -31.73 -7.75 -9.12
C PRO B 463 -32.19 -9.10 -9.68
N ILE B 464 -31.37 -10.13 -9.44
CA ILE B 464 -31.53 -11.38 -10.18
C ILE B 464 -32.84 -12.11 -9.95
N HIS B 465 -33.44 -11.91 -8.78
CA HIS B 465 -34.68 -12.60 -8.49
C HIS B 465 -35.84 -11.75 -8.89
N ALA B 466 -35.59 -10.60 -9.50
CA ALA B 466 -36.69 -9.79 -9.98
C ALA B 466 -37.17 -10.45 -11.28
N GLN B 467 -38.19 -9.85 -11.89
CA GLN B 467 -38.78 -10.42 -13.10
C GLN B 467 -38.10 -10.02 -14.43
N TRP B 468 -36.80 -10.11 -14.48
CA TRP B 468 -36.12 -9.81 -15.72
C TRP B 468 -36.61 -10.72 -16.83
N ASP B 469 -37.12 -11.90 -16.46
CA ASP B 469 -37.71 -12.83 -17.45
C ASP B 469 -39.09 -12.45 -18.01
N THR B 470 -39.58 -11.25 -17.71
CA THR B 470 -40.80 -10.74 -18.37
C THR B 470 -40.43 -9.62 -19.38
N TYR B 471 -39.14 -9.27 -19.47
CA TYR B 471 -38.66 -8.21 -20.36
C TYR B 471 -38.46 -8.73 -21.78
N ASP B 472 -38.40 -7.83 -22.78
CA ASP B 472 -38.08 -8.26 -24.16
C ASP B 472 -36.65 -8.85 -24.25
N ALA B 473 -35.74 -8.23 -23.51
CA ALA B 473 -34.33 -8.60 -23.59
C ALA B 473 -33.70 -8.49 -22.24
N VAL B 474 -32.68 -9.29 -21.99
CA VAL B 474 -32.04 -9.28 -20.69
C VAL B 474 -30.55 -9.32 -20.92
N VAL B 475 -29.81 -8.56 -20.10
CA VAL B 475 -28.34 -8.63 -20.03
C VAL B 475 -27.97 -9.51 -18.85
N ILE B 476 -27.09 -10.47 -19.10
CA ILE B 476 -26.59 -11.34 -18.06
C ILE B 476 -25.11 -11.04 -18.00
N PRO B 477 -24.69 -10.11 -17.09
CA PRO B 477 -23.34 -9.57 -17.13
C PRO B 477 -22.53 -10.08 -15.95
N CYS B 478 -21.50 -10.89 -16.21
CA CYS B 478 -20.74 -11.52 -15.12
C CYS B 478 -21.59 -12.15 -13.97
N VAL B 479 -22.66 -12.86 -14.33
CA VAL B 479 -23.48 -13.55 -13.35
C VAL B 479 -22.81 -14.91 -13.16
N TYR B 480 -21.72 -14.84 -12.42
CA TYR B 480 -20.80 -15.91 -12.18
C TYR B 480 -21.45 -17.18 -11.57
N LEU B 481 -22.44 -17.00 -10.69
CA LEU B 481 -23.16 -18.06 -9.97
C LEU B 481 -24.46 -18.38 -10.69
N PHE B 482 -24.64 -19.63 -11.10
CA PHE B 482 -25.87 -20.05 -11.79
C PHE B 482 -26.31 -21.40 -11.20
N SER B 483 -27.46 -21.36 -10.53
CA SER B 483 -28.16 -22.58 -10.04
C SER B 483 -28.86 -23.20 -11.24
N GLU B 484 -29.33 -24.44 -11.06
CA GLU B 484 -30.15 -25.10 -12.06
C GLU B 484 -31.42 -24.35 -12.25
N GLU B 485 -31.98 -23.79 -11.18
CA GLU B 485 -33.21 -22.99 -11.34
C GLU B 485 -33.00 -21.71 -12.16
N MET B 486 -31.84 -21.07 -11.98
CA MET B 486 -31.48 -19.90 -12.77
C MET B 486 -31.32 -20.32 -14.22
N ALA B 487 -30.73 -21.50 -14.44
CA ALA B 487 -30.47 -21.97 -15.81
C ALA B 487 -31.78 -22.16 -16.54
N GLU B 488 -32.76 -22.72 -15.82
CA GLU B 488 -34.05 -23.04 -16.44
C GLU B 488 -34.74 -21.74 -16.80
N ARG B 489 -34.79 -20.81 -15.83
CA ARG B 489 -35.36 -19.47 -16.05
C ARG B 489 -34.82 -18.83 -17.32
N LEU B 490 -33.51 -18.87 -17.56
CA LEU B 490 -32.99 -18.28 -18.79
C LEU B 490 -33.39 -19.09 -20.04
N ARG B 491 -33.31 -20.41 -19.91
CA ARG B 491 -33.62 -21.33 -21.04
C ARG B 491 -35.05 -21.09 -21.46
N THR B 492 -35.95 -21.03 -20.46
CA THR B 492 -37.37 -20.78 -20.72
C THR B 492 -37.59 -19.42 -21.37
N PHE B 493 -36.94 -18.39 -20.80
CA PHE B 493 -37.04 -17.02 -21.33
C PHE B 493 -36.64 -16.93 -22.81
N VAL B 494 -35.51 -17.56 -23.16
CA VAL B 494 -35.03 -17.52 -24.53
C VAL B 494 -35.89 -18.40 -25.45
N ARG B 495 -36.42 -19.53 -24.93
CA ARG B 495 -37.18 -20.49 -25.80
C ARG B 495 -38.38 -19.77 -26.35
N ASN B 496 -39.05 -19.08 -25.44
CA ASN B 496 -40.23 -18.28 -25.75
C ASN B 496 -39.98 -16.90 -26.35
N GLY B 497 -38.78 -16.68 -26.91
CA GLY B 497 -38.55 -15.50 -27.75
C GLY B 497 -37.80 -14.34 -27.10
N GLY B 498 -37.36 -14.52 -25.85
CA GLY B 498 -36.57 -13.51 -25.19
C GLY B 498 -35.21 -13.39 -25.85
N LYS B 499 -34.69 -12.18 -25.84
CA LYS B 499 -33.28 -11.98 -26.22
C LYS B 499 -32.34 -11.74 -25.03
N ALA B 500 -31.14 -12.30 -25.13
CA ALA B 500 -30.19 -12.25 -24.08
C ALA B 500 -28.83 -11.96 -24.64
N PHE B 501 -28.17 -11.03 -23.94
CA PHE B 501 -26.77 -10.70 -24.09
C PHE B 501 -26.10 -11.36 -22.89
N VAL B 502 -25.12 -12.24 -23.12
CA VAL B 502 -24.49 -13.00 -22.00
C VAL B 502 -23.00 -12.78 -22.08
N THR B 503 -22.31 -12.59 -20.94
CA THR B 503 -20.88 -12.16 -21.01
C THR B 503 -20.01 -13.20 -20.36
N TYR B 504 -18.72 -13.15 -20.68
CA TYR B 504 -17.66 -13.80 -19.91
C TYR B 504 -17.95 -13.73 -18.40
N TYR B 505 -17.50 -14.72 -17.61
CA TYR B 505 -17.69 -14.77 -16.17
C TYR B 505 -19.12 -15.06 -15.72
N SER B 506 -19.98 -15.48 -16.63
CA SER B 506 -21.31 -15.92 -16.25
C SER B 506 -21.35 -17.44 -16.18
N ALA B 507 -22.12 -17.98 -15.22
CA ALA B 507 -22.39 -19.44 -15.08
C ALA B 507 -21.13 -20.26 -15.01
N LEU B 508 -20.19 -19.75 -14.23
CA LEU B 508 -18.95 -20.45 -13.91
C LEU B 508 -19.21 -21.48 -12.80
N ALA B 509 -20.09 -21.15 -11.88
CA ALA B 509 -20.23 -21.95 -10.70
C ALA B 509 -21.69 -22.09 -10.33
N ASP B 510 -21.98 -23.18 -9.60
CA ASP B 510 -23.25 -23.34 -8.91
C ASP B 510 -23.40 -22.35 -7.70
N GLU B 511 -24.57 -22.37 -7.04
CA GLU B 511 -24.88 -21.34 -6.00
C GLU B 511 -23.97 -21.50 -4.78
N HIS B 512 -23.18 -22.56 -4.75
CA HIS B 512 -22.31 -22.81 -3.61
C HIS B 512 -20.88 -22.47 -3.97
N ASP B 513 -20.71 -21.79 -5.12
CA ASP B 513 -19.38 -21.55 -5.66
C ASP B 513 -18.65 -22.83 -6.06
N ARG B 514 -19.37 -23.91 -6.41
CA ARG B 514 -18.68 -25.12 -6.90
C ARG B 514 -18.64 -25.02 -8.40
N LEU B 515 -17.46 -24.98 -8.99
CA LEU B 515 -17.40 -24.69 -10.41
C LEU B 515 -18.11 -25.75 -11.24
N HIS B 516 -18.88 -25.35 -12.25
CA HIS B 516 -19.51 -26.30 -13.18
C HIS B 516 -18.48 -26.97 -14.04
N THR B 517 -18.80 -28.20 -14.44
CA THR B 517 -17.87 -29.06 -15.15
C THR B 517 -18.23 -29.19 -16.62
N GLU B 518 -17.27 -29.65 -17.42
CA GLU B 518 -17.54 -29.96 -18.85
C GLU B 518 -17.65 -28.73 -19.77
N GLY B 519 -17.22 -27.57 -19.30
CA GLY B 519 -17.19 -26.39 -20.14
C GLY B 519 -18.14 -25.27 -19.73
N TRP B 520 -17.65 -24.05 -19.98
CA TRP B 520 -18.37 -22.85 -19.68
C TRP B 520 -18.93 -22.19 -20.91
N PRO B 521 -19.98 -21.39 -20.73
CA PRO B 521 -20.74 -21.25 -19.47
C PRO B 521 -21.38 -22.58 -19.05
N GLY B 522 -21.39 -22.85 -17.74
CA GLY B 522 -21.97 -24.09 -17.19
C GLY B 522 -23.48 -24.13 -17.35
N LEU B 523 -24.03 -25.32 -17.57
CA LEU B 523 -25.49 -25.54 -17.57
C LEU B 523 -26.30 -24.98 -18.76
N ILE B 524 -25.91 -23.83 -19.26
CA ILE B 524 -26.70 -23.08 -20.27
C ILE B 524 -25.98 -23.11 -21.62
N GLY B 525 -24.96 -23.96 -21.73
CA GLY B 525 -24.17 -24.11 -22.93
C GLY B 525 -25.03 -24.34 -24.16
N ASP B 526 -26.11 -25.13 -24.01
CA ASP B 526 -27.09 -25.36 -25.07
C ASP B 526 -27.79 -24.06 -25.49
N VAL B 527 -28.20 -23.25 -24.51
CA VAL B 527 -28.85 -22.00 -24.83
C VAL B 527 -27.88 -21.01 -25.52
N VAL B 528 -26.63 -20.93 -25.05
CA VAL B 528 -25.69 -19.93 -25.51
C VAL B 528 -24.98 -20.30 -26.80
N GLY B 529 -24.63 -21.57 -26.99
CA GLY B 529 -24.05 -22.02 -28.27
C GLY B 529 -22.53 -21.88 -28.30
N VAL B 530 -21.91 -21.91 -27.13
CA VAL B 530 -20.47 -21.64 -27.05
C VAL B 530 -19.86 -22.60 -26.01
N ARG B 531 -18.60 -23.00 -26.18
CA ARG B 531 -17.95 -23.82 -25.15
C ARG B 531 -16.53 -23.35 -24.84
N ILE B 532 -16.26 -23.21 -23.54
CA ILE B 532 -15.04 -22.58 -23.05
C ILE B 532 -14.39 -23.50 -22.01
N GLU B 533 -13.12 -23.80 -22.24
CA GLU B 533 -12.28 -24.61 -21.33
C GLU B 533 -11.52 -23.77 -20.30
N GLU B 534 -11.05 -22.55 -20.67
CA GLU B 534 -10.23 -21.73 -19.75
C GLU B 534 -10.32 -20.25 -20.07
N HIS B 535 -9.92 -19.40 -19.13
CA HIS B 535 -9.84 -17.95 -19.39
C HIS B 535 -8.49 -17.48 -19.83
N CYS B 536 -8.49 -16.30 -20.39
CA CYS B 536 -7.27 -15.66 -20.82
C CYS B 536 -7.22 -14.29 -20.14
N PRO B 537 -6.74 -14.23 -18.88
CA PRO B 537 -6.60 -12.94 -18.20
C PRO B 537 -5.54 -12.07 -18.83
N LEU B 538 -5.76 -10.77 -18.82
CA LEU B 538 -4.89 -9.80 -19.47
C LEU B 538 -4.43 -8.79 -18.45
N GLY B 539 -3.19 -8.31 -18.57
CA GLY B 539 -2.72 -7.16 -17.77
C GLY B 539 -1.24 -6.81 -17.89
N THR B 540 -0.78 -5.99 -16.97
CA THR B 540 0.57 -5.44 -17.11
C THR B 540 1.40 -5.76 -15.90
N LEU B 541 1.08 -6.86 -15.22
CA LEU B 541 1.78 -7.28 -13.97
C LEU B 541 3.30 -7.49 -14.15
N PHE B 542 3.69 -8.18 -15.22
CA PHE B 542 5.09 -8.45 -15.52
C PHE B 542 5.48 -7.88 -16.90
N PRO B 543 6.77 -7.57 -17.11
CA PRO B 543 7.02 -7.08 -18.48
C PRO B 543 6.64 -8.14 -19.49
N GLY B 544 5.97 -7.69 -20.54
CA GLY B 544 5.79 -8.49 -21.71
C GLY B 544 4.51 -9.28 -21.66
N MET B 545 3.74 -9.16 -20.57
CA MET B 545 2.46 -9.87 -20.43
C MET B 545 1.43 -9.39 -21.47
N LEU B 546 0.57 -10.29 -21.93
CA LEU B 546 -0.45 -9.92 -22.90
C LEU B 546 -1.42 -9.06 -22.13
N ASP B 547 -1.72 -7.89 -22.62
CA ASP B 547 -2.39 -6.92 -21.79
C ASP B 547 -3.68 -6.37 -22.41
N HIS B 548 -3.97 -6.82 -23.63
CA HIS B 548 -5.21 -6.44 -24.29
C HIS B 548 -5.42 -7.40 -25.45
N LEU B 549 -6.67 -7.55 -25.91
CA LEU B 549 -6.91 -8.27 -27.14
C LEU B 549 -7.82 -7.42 -28.03
N ASP B 550 -7.34 -7.04 -29.22
CA ASP B 550 -8.16 -6.29 -30.18
C ASP B 550 -9.21 -7.18 -30.69
N VAL B 551 -10.34 -6.57 -31.08
CA VAL B 551 -11.48 -7.28 -31.62
C VAL B 551 -11.65 -6.74 -33.05
N SER B 552 -12.16 -7.60 -33.95
CA SER B 552 -12.16 -7.30 -35.39
C SER B 552 -13.11 -6.13 -35.76
N ASN B 553 -14.04 -5.74 -34.89
CA ASN B 553 -14.94 -4.61 -35.18
C ASN B 553 -14.33 -3.30 -34.63
N GLY B 554 -13.05 -3.34 -34.25
CA GLY B 554 -12.33 -2.13 -33.81
C GLY B 554 -12.41 -1.81 -32.34
N THR B 555 -12.93 -2.74 -31.55
CA THR B 555 -12.93 -2.58 -30.08
C THR B 555 -11.72 -3.33 -29.47
N VAL B 556 -11.54 -3.26 -28.16
CA VAL B 556 -10.35 -3.86 -27.49
C VAL B 556 -10.89 -4.49 -26.19
N VAL B 557 -10.48 -5.72 -25.88
CA VAL B 557 -10.85 -6.30 -24.58
C VAL B 557 -9.69 -6.04 -23.61
N HIS B 558 -10.00 -5.77 -22.35
CA HIS B 558 -8.99 -5.72 -21.29
C HIS B 558 -9.35 -6.62 -20.11
N ASP B 559 -8.39 -6.85 -19.22
CA ASP B 559 -8.58 -7.61 -17.95
C ASP B 559 -8.82 -9.12 -18.13
N LEU B 560 -9.78 -9.52 -18.96
CA LEU B 560 -10.03 -10.94 -19.20
C LEU B 560 -10.73 -11.22 -20.53
N ALA B 561 -10.31 -12.28 -21.22
CA ALA B 561 -11.12 -12.86 -22.32
C ALA B 561 -11.42 -14.32 -22.03
N ASP B 562 -12.51 -14.86 -22.58
CA ASP B 562 -12.78 -16.29 -22.57
C ASP B 562 -11.98 -16.86 -23.73
N VAL B 563 -11.55 -18.10 -23.61
CA VAL B 563 -10.99 -18.83 -24.74
C VAL B 563 -12.16 -19.72 -25.24
N ILE B 564 -12.82 -19.30 -26.29
CA ILE B 564 -13.91 -20.11 -26.75
C ILE B 564 -13.31 -21.27 -27.54
N ASP B 565 -13.50 -22.52 -27.08
CA ASP B 565 -12.88 -23.69 -27.78
C ASP B 565 -13.66 -24.10 -29.06
N ALA B 566 -15.00 -24.15 -28.96
CA ALA B 566 -15.87 -24.48 -30.09
C ALA B 566 -17.20 -23.72 -29.97
N ILE B 567 -17.84 -23.49 -31.10
CA ILE B 567 -19.26 -23.04 -31.15
C ILE B 567 -20.22 -24.07 -31.79
N ALA B 568 -21.50 -24.05 -31.40
CA ALA B 568 -22.55 -24.83 -32.06
C ALA B 568 -22.68 -24.64 -33.59
N ASP B 569 -23.20 -25.69 -34.25
CA ASP B 569 -23.49 -25.65 -35.69
C ASP B 569 -24.23 -24.35 -36.15
N ASP B 570 -25.16 -23.85 -35.35
CA ASP B 570 -25.92 -22.67 -35.75
C ASP B 570 -25.55 -21.35 -35.01
N THR B 571 -24.35 -21.29 -34.45
CA THR B 571 -23.78 -20.06 -33.92
C THR B 571 -23.06 -19.31 -35.04
N THR B 572 -23.38 -18.02 -35.21
CA THR B 572 -22.65 -17.12 -36.08
C THR B 572 -21.67 -16.28 -35.24
N VAL B 573 -20.42 -16.15 -35.74
CA VAL B 573 -19.43 -15.27 -35.18
C VAL B 573 -19.58 -13.84 -35.74
N LEU B 574 -19.76 -12.86 -34.86
CA LEU B 574 -19.89 -11.48 -35.33
C LEU B 574 -18.57 -10.81 -35.29
N ALA B 575 -17.70 -11.22 -34.39
CA ALA B 575 -16.35 -10.65 -34.34
C ALA B 575 -15.39 -11.68 -33.75
N THR B 576 -14.12 -11.59 -34.10
CA THR B 576 -13.12 -12.50 -33.59
C THR B 576 -12.09 -11.62 -32.88
N PHE B 577 -11.20 -12.20 -32.07
CA PHE B 577 -10.06 -11.45 -31.53
C PHE B 577 -8.96 -11.43 -32.53
N GLU B 578 -8.13 -10.41 -32.47
CA GLU B 578 -6.97 -10.24 -33.35
C GLU B 578 -5.73 -10.09 -32.46
N ALA B 579 -4.72 -10.94 -32.67
CA ALA B 579 -3.53 -11.00 -31.74
C ALA B 579 -2.34 -11.70 -32.37
N ASP B 580 -1.16 -11.54 -31.78
CA ASP B 580 -0.02 -12.32 -32.16
C ASP B 580 -0.47 -13.80 -32.30
N PRO B 581 -0.09 -14.47 -33.39
CA PRO B 581 -0.48 -15.88 -33.55
C PRO B 581 -0.02 -16.76 -32.38
N ALA B 582 1.13 -16.44 -31.80
CA ALA B 582 1.66 -17.21 -30.64
C ALA B 582 0.75 -17.27 -29.39
N THR B 583 -0.18 -16.32 -29.22
CA THR B 583 -1.03 -16.24 -28.02
C THR B 583 -2.07 -17.32 -28.05
N GLY B 584 -2.31 -17.90 -29.24
CA GLY B 584 -3.43 -18.86 -29.44
C GLY B 584 -4.81 -18.21 -29.55
N MET B 585 -4.85 -16.89 -29.52
CA MET B 585 -6.12 -16.15 -29.50
C MET B 585 -6.51 -15.54 -30.86
N ASP B 586 -5.59 -15.54 -31.81
CA ASP B 586 -5.85 -14.93 -33.10
C ASP B 586 -6.99 -15.65 -33.83
N GLY B 587 -8.07 -14.97 -34.12
CA GLY B 587 -9.11 -15.58 -34.98
C GLY B 587 -10.15 -16.31 -34.17
N ARG B 588 -9.98 -16.34 -32.85
CA ARG B 588 -10.98 -16.96 -31.98
C ARG B 588 -12.19 -16.10 -31.89
N ALA B 589 -13.34 -16.70 -31.66
CA ALA B 589 -14.57 -15.96 -31.46
C ALA B 589 -14.53 -14.92 -30.30
N ALA B 590 -14.98 -13.70 -30.56
CA ALA B 590 -15.03 -12.67 -29.51
C ALA B 590 -16.47 -12.30 -29.17
N ILE B 591 -17.33 -12.17 -30.18
CA ILE B 591 -18.75 -11.89 -29.92
C ILE B 591 -19.51 -12.85 -30.82
N THR B 592 -20.52 -13.53 -30.30
CA THR B 592 -21.28 -14.50 -31.09
C THR B 592 -22.79 -14.31 -30.88
N VAL B 593 -23.58 -14.99 -31.74
CA VAL B 593 -25.02 -14.94 -31.63
C VAL B 593 -25.60 -16.33 -31.97
N HIS B 594 -26.64 -16.71 -31.26
CA HIS B 594 -27.16 -18.07 -31.32
C HIS B 594 -28.65 -18.09 -31.14
N PRO B 595 -29.40 -18.59 -32.17
CA PRO B 595 -30.82 -18.88 -32.06
C PRO B 595 -31.06 -19.99 -31.07
N TYR B 596 -32.20 -19.95 -30.41
CA TYR B 596 -32.59 -21.03 -29.54
C TYR B 596 -34.09 -21.01 -29.48
N HIS B 597 -34.71 -21.85 -30.30
CA HIS B 597 -36.16 -21.85 -30.51
C HIS B 597 -36.54 -20.46 -30.87
N GLU B 598 -37.43 -19.80 -30.12
CA GLU B 598 -37.88 -18.49 -30.58
C GLU B 598 -36.93 -17.28 -30.32
N GLY B 599 -36.03 -17.34 -29.31
CA GLY B 599 -34.98 -16.30 -29.12
C GLY B 599 -33.69 -16.83 -29.70
N GLY B 600 -32.50 -16.25 -29.48
CA GLY B 600 -32.25 -14.91 -29.00
C GLY B 600 -31.04 -14.84 -28.09
N VAL B 601 -29.87 -15.37 -28.46
CA VAL B 601 -28.69 -15.23 -27.51
C VAL B 601 -27.35 -14.70 -28.01
N ALA B 602 -26.92 -13.55 -27.53
CA ALA B 602 -25.57 -13.06 -27.88
C ALA B 602 -24.56 -13.28 -26.75
N TYR B 603 -23.31 -13.64 -27.11
CA TYR B 603 -22.27 -13.94 -26.15
C TYR B 603 -21.07 -12.99 -26.34
N ILE B 604 -20.66 -12.32 -25.28
CA ILE B 604 -19.55 -11.37 -25.30
C ILE B 604 -18.44 -11.91 -24.43
N ALA B 605 -17.39 -12.38 -25.11
CA ALA B 605 -16.34 -13.20 -24.52
C ALA B 605 -15.20 -12.43 -23.93
N GLY B 606 -15.48 -11.21 -23.47
CA GLY B 606 -14.46 -10.46 -22.75
C GLY B 606 -14.94 -9.08 -22.34
N LYS B 607 -14.13 -8.36 -21.56
CA LYS B 607 -14.53 -7.03 -21.01
C LYS B 607 -14.26 -5.91 -22.01
N LEU B 608 -15.34 -5.35 -22.54
CA LEU B 608 -15.24 -4.34 -23.58
C LEU B 608 -15.24 -2.91 -23.09
N GLY B 609 -15.70 -2.64 -21.85
CA GLY B 609 -15.94 -1.22 -21.30
C GLY B 609 -17.22 -0.60 -21.90
N ARG B 610 -17.79 0.43 -21.29
CA ARG B 610 -18.94 1.08 -21.91
C ARG B 610 -18.69 1.44 -23.41
N ASP B 611 -17.51 1.95 -23.77
CA ASP B 611 -17.23 2.29 -25.18
C ASP B 611 -17.27 1.11 -26.19
N GLY B 612 -16.65 -0.01 -25.85
CA GLY B 612 -16.61 -1.14 -26.76
C GLY B 612 -17.96 -1.83 -26.86
N ILE B 613 -18.70 -1.91 -25.74
CA ILE B 613 -20.03 -2.44 -25.75
C ILE B 613 -20.89 -1.57 -26.65
N SER B 614 -20.79 -0.28 -26.41
CA SER B 614 -21.52 0.73 -27.18
C SER B 614 -21.19 0.61 -28.67
N GLN B 615 -19.89 0.54 -29.04
CA GLN B 615 -19.48 0.37 -30.44
C GLN B 615 -20.06 -0.91 -31.05
N SER B 616 -20.11 -1.99 -30.25
CA SER B 616 -20.62 -3.27 -30.73
C SER B 616 -22.13 -3.41 -30.76
N LEU B 617 -22.82 -2.58 -29.99
CA LEU B 617 -24.25 -2.77 -29.78
C LEU B 617 -25.05 -2.88 -31.09
N PRO B 618 -24.79 -1.99 -32.06
CA PRO B 618 -25.60 -1.98 -33.29
C PRO B 618 -25.57 -3.32 -34.07
N GLU B 619 -24.38 -3.89 -34.23
CA GLU B 619 -24.15 -5.19 -34.91
C GLU B 619 -24.86 -6.27 -34.10
N ILE B 620 -24.78 -6.20 -32.78
CA ILE B 620 -25.32 -7.30 -31.98
C ILE B 620 -26.83 -7.26 -31.97
N CYS B 621 -27.39 -6.07 -31.76
CA CYS B 621 -28.87 -5.88 -31.78
C CYS B 621 -29.57 -6.22 -33.14
N ALA B 622 -28.95 -5.79 -34.24
CA ALA B 622 -29.41 -6.13 -35.59
C ALA B 622 -29.54 -7.66 -35.72
N ALA B 623 -28.48 -8.36 -35.41
CA ALA B 623 -28.49 -9.81 -35.47
C ALA B 623 -29.47 -10.47 -34.45
N LEU B 624 -29.83 -9.78 -33.37
CA LEU B 624 -30.78 -10.38 -32.42
C LEU B 624 -32.22 -9.98 -32.72
N GLY B 625 -32.39 -9.02 -33.63
CA GLY B 625 -33.70 -8.39 -33.83
C GLY B 625 -34.13 -7.38 -32.76
N PHE B 626 -33.18 -6.73 -32.08
CA PHE B 626 -33.57 -5.74 -31.09
C PHE B 626 -33.32 -4.41 -31.73
N GLU B 627 -34.37 -3.58 -31.78
CA GLU B 627 -34.35 -2.36 -32.54
C GLU B 627 -33.71 -1.25 -31.72
N LEU B 628 -32.90 -0.43 -32.38
CA LEU B 628 -32.20 0.71 -31.80
C LEU B 628 -32.55 2.01 -32.53
N ASP B 629 -32.59 3.11 -31.80
CA ASP B 629 -32.73 4.41 -32.43
C ASP B 629 -31.62 4.63 -33.47
N ALA B 630 -31.98 5.11 -34.66
CA ALA B 630 -31.00 5.26 -35.74
C ALA B 630 -30.24 6.58 -35.62
N ASP B 631 -30.94 7.58 -35.10
CA ASP B 631 -30.36 8.87 -34.76
C ASP B 631 -29.01 8.76 -34.02
N PRO B 632 -27.90 9.18 -34.66
CA PRO B 632 -26.60 9.03 -34.02
C PRO B 632 -26.38 10.01 -32.83
N ARG B 633 -27.24 11.02 -32.73
CA ARG B 633 -27.38 11.89 -31.57
C ARG B 633 -28.05 11.13 -30.40
N ALA B 634 -28.41 9.86 -30.58
CA ALA B 634 -29.22 9.14 -29.57
C ALA B 634 -28.69 9.22 -28.11
N GLY B 635 -27.37 9.11 -27.93
CA GLY B 635 -26.72 9.08 -26.62
C GLY B 635 -26.56 10.42 -25.93
N ASP B 636 -26.78 11.53 -26.64
CA ASP B 636 -26.65 12.87 -26.04
C ASP B 636 -27.49 13.06 -24.76
N VAL B 637 -28.71 12.49 -24.74
CA VAL B 637 -29.67 12.74 -23.68
C VAL B 637 -30.28 11.43 -23.18
N LEU B 638 -30.39 11.34 -21.84
CA LEU B 638 -31.01 10.22 -21.17
C LEU B 638 -32.45 10.61 -20.90
N ARG B 639 -33.38 9.74 -21.37
CA ARG B 639 -34.86 9.90 -21.20
C ARG B 639 -35.40 8.88 -20.22
N VAL B 640 -36.03 9.41 -19.17
CA VAL B 640 -36.47 8.59 -18.07
C VAL B 640 -37.94 8.84 -17.92
N VAL B 641 -38.71 7.77 -17.84
CA VAL B 641 -40.17 7.89 -18.04
C VAL B 641 -40.93 7.23 -16.89
N ARG B 642 -41.75 8.05 -16.19
CA ARG B 642 -42.72 7.53 -15.20
C ARG B 642 -44.18 7.58 -15.76
N GLU B 643 -45.03 6.62 -15.34
CA GLU B 643 -46.42 6.45 -15.83
C GLU B 643 -47.41 6.32 -14.68
N GLN B 644 -48.59 6.96 -14.78
CA GLN B 644 -49.73 6.68 -13.88
C GLN B 644 -50.55 5.60 -14.53
N GLU B 645 -51.30 4.84 -13.75
CA GLU B 645 -52.25 3.86 -14.32
C GLU B 645 -53.27 4.54 -15.24
N ASP B 646 -53.78 5.70 -14.80
CA ASP B 646 -54.75 6.54 -15.56
C ASP B 646 -54.35 6.96 -17.01
N GLY B 647 -53.06 6.87 -17.31
CA GLY B 647 -52.50 7.31 -18.59
C GLY B 647 -51.53 8.52 -18.60
N ALA B 648 -51.45 9.30 -17.51
CA ALA B 648 -50.46 10.44 -17.48
C ALA B 648 -48.98 10.01 -17.44
N ILE B 649 -48.18 10.63 -18.30
CA ILE B 649 -46.76 10.30 -18.46
C ILE B 649 -45.85 11.49 -18.05
N PHE B 650 -44.80 11.20 -17.27
CA PHE B 650 -43.82 12.22 -16.85
C PHE B 650 -42.44 11.84 -17.44
N GLU B 651 -41.97 12.59 -18.45
CA GLU B 651 -40.68 12.32 -19.15
C GLU B 651 -39.64 13.33 -18.75
N PHE B 652 -38.51 12.81 -18.24
CA PHE B 652 -37.33 13.64 -17.86
C PHE B 652 -36.21 13.48 -18.88
N LEU B 653 -35.61 14.61 -19.28
CA LEU B 653 -34.50 14.65 -20.20
C LEU B 653 -33.25 15.14 -19.44
N PHE B 654 -32.15 14.39 -19.55
CA PHE B 654 -30.86 14.77 -18.90
C PHE B 654 -29.76 14.75 -19.93
N ASN B 655 -29.06 15.91 -20.01
CA ASN B 655 -27.90 15.96 -20.86
C ASN B 655 -26.84 14.99 -20.28
N ARG B 656 -26.43 13.99 -21.06
CA ARG B 656 -25.40 13.06 -20.64
C ARG B 656 -23.98 13.54 -20.88
N THR B 657 -23.81 14.68 -21.56
CA THR B 657 -22.51 15.06 -22.11
C THR B 657 -21.98 16.36 -21.50
N ARG B 658 -20.75 16.68 -21.85
CA ARG B 658 -20.08 17.92 -21.48
C ARG B 658 -20.36 19.07 -22.47
N ASN B 659 -21.21 18.90 -23.46
CA ASN B 659 -21.54 20.07 -24.31
C ASN B 659 -23.02 20.43 -24.31
N THR B 660 -23.37 21.66 -24.62
CA THR B 660 -24.75 22.00 -24.77
C THR B 660 -25.35 21.15 -25.89
N VAL B 661 -26.47 20.49 -25.62
CA VAL B 661 -27.10 19.69 -26.68
C VAL B 661 -28.51 20.14 -26.96
N THR B 662 -29.07 19.56 -28.00
CA THR B 662 -30.29 20.04 -28.60
C THR B 662 -31.01 18.75 -28.91
N ALA B 663 -32.32 18.68 -28.64
CA ALA B 663 -33.06 17.49 -28.98
C ALA B 663 -34.56 17.71 -29.15
N ASP B 664 -35.23 16.69 -29.72
CA ASP B 664 -36.67 16.73 -29.93
C ASP B 664 -37.46 16.97 -28.65
N ARG B 665 -38.30 18.00 -28.65
CA ARG B 665 -39.17 18.27 -27.49
C ARG B 665 -40.24 17.20 -27.38
N PRO B 666 -40.43 16.66 -26.16
CA PRO B 666 -41.57 15.75 -25.91
C PRO B 666 -42.91 16.49 -26.00
N ALA B 667 -43.99 15.78 -26.30
CA ALA B 667 -45.31 16.33 -26.22
C ALA B 667 -45.50 16.90 -24.79
N GLY B 668 -46.48 17.79 -24.58
CA GLY B 668 -47.00 18.06 -23.24
C GLY B 668 -46.47 19.28 -22.51
N ASP B 669 -46.83 19.41 -21.23
CA ASP B 669 -46.47 20.61 -20.47
C ASP B 669 -45.11 20.49 -19.89
N MET B 670 -44.29 21.50 -20.15
CA MET B 670 -43.04 21.77 -19.43
C MET B 670 -43.29 21.96 -17.91
N LEU B 671 -42.60 21.21 -17.08
CA LEU B 671 -42.88 21.31 -15.65
C LEU B 671 -41.70 21.89 -14.91
N ILE B 672 -40.51 21.44 -15.25
CA ILE B 672 -39.31 21.78 -14.51
C ILE B 672 -38.21 22.01 -15.52
N CYS B 673 -37.43 23.06 -15.32
CA CYS B 673 -36.24 23.19 -16.12
C CYS B 673 -35.03 23.76 -15.35
N SER B 674 -33.87 23.17 -15.61
CA SER B 674 -32.68 23.68 -15.01
C SER B 674 -31.52 23.59 -15.99
N LEU B 675 -30.80 24.72 -16.17
CA LEU B 675 -29.80 24.85 -17.22
C LEU B 675 -30.35 24.25 -18.53
N ALA B 676 -31.59 24.60 -18.86
CA ALA B 676 -32.21 24.04 -20.04
C ALA B 676 -33.13 25.11 -20.60
N THR B 677 -33.52 24.97 -21.86
CA THR B 677 -34.37 25.93 -22.53
C THR B 677 -35.43 25.15 -23.30
N ASP B 678 -36.65 25.66 -23.27
CA ASP B 678 -37.74 25.08 -24.02
C ASP B 678 -38.02 25.90 -25.27
N SER B 679 -38.48 25.21 -26.31
CA SER B 679 -38.86 25.85 -27.57
C SER B 679 -39.97 24.98 -28.10
N THR B 680 -40.59 25.39 -29.19
CA THR B 680 -41.78 24.63 -29.68
C THR B 680 -41.38 23.31 -30.38
N ASP B 681 -40.34 23.39 -31.19
CA ASP B 681 -39.78 22.27 -31.89
C ASP B 681 -38.68 21.50 -31.10
N LYS B 682 -37.79 22.21 -30.44
CA LYS B 682 -36.51 21.65 -30.00
C LYS B 682 -36.19 22.15 -28.60
N VAL B 683 -35.63 21.27 -27.81
CA VAL B 683 -35.32 21.57 -26.44
C VAL B 683 -33.80 21.77 -26.37
N THR B 684 -33.33 22.65 -25.52
CA THR B 684 -31.89 22.84 -25.40
C THR B 684 -31.42 22.45 -23.98
N LEU B 685 -30.36 21.66 -23.87
CA LEU B 685 -29.82 21.37 -22.52
C LEU B 685 -28.38 21.73 -22.40
N GLU B 686 -28.07 22.59 -21.45
CA GLU B 686 -26.69 22.88 -21.18
C GLU B 686 -26.05 21.68 -20.50
N PRO B 687 -24.73 21.67 -20.36
CA PRO B 687 -24.22 20.53 -19.58
C PRO B 687 -24.88 20.49 -18.18
N ASN B 688 -25.17 19.29 -17.70
CA ASN B 688 -25.88 19.17 -16.42
C ASN B 688 -27.32 19.69 -16.40
N GLY B 689 -27.88 20.03 -17.56
CA GLY B 689 -29.30 20.42 -17.54
C GLY B 689 -30.29 19.25 -17.45
N VAL B 690 -31.53 19.58 -17.08
CA VAL B 690 -32.66 18.63 -16.97
C VAL B 690 -33.94 19.38 -17.34
N LEU B 691 -34.81 18.66 -18.05
CA LEU B 691 -36.18 19.06 -18.25
C LEU B 691 -37.16 17.93 -17.91
N ALA B 692 -38.36 18.33 -17.51
CA ALA B 692 -39.45 17.40 -17.29
C ALA B 692 -40.76 17.88 -17.90
N PHE B 693 -41.40 16.97 -18.60
CA PHE B 693 -42.67 17.23 -19.26
C PHE B 693 -43.76 16.29 -18.76
N ARG B 694 -44.98 16.81 -18.62
CA ARG B 694 -46.18 15.95 -18.47
C ARG B 694 -46.98 15.81 -19.79
N ARG B 695 -47.12 14.56 -20.23
CA ARG B 695 -47.76 14.19 -21.50
C ARG B 695 -48.94 13.24 -21.17
N ARG C 8 13.83 31.19 28.13
CA ARG C 8 14.96 31.24 29.14
C ARG C 8 16.26 31.87 28.62
N ALA C 9 17.21 32.09 29.52
CA ALA C 9 18.45 32.82 29.20
C ALA C 9 19.24 32.02 28.15
N HIS C 10 19.65 32.68 27.07
CA HIS C 10 20.57 32.09 26.14
C HIS C 10 21.92 31.87 26.83
N ARG C 11 22.31 30.59 26.97
CA ARG C 11 23.69 30.19 27.33
C ARG C 11 24.31 29.30 26.22
N TRP C 12 25.47 29.71 25.71
CA TRP C 12 26.09 29.02 24.60
C TRP C 12 27.23 28.19 25.11
N PRO C 13 27.40 26.94 24.63
CA PRO C 13 28.53 26.13 25.16
C PRO C 13 29.88 26.86 25.01
N GLN C 14 30.66 26.94 26.10
CA GLN C 14 31.87 27.78 26.22
C GLN C 14 33.16 26.99 25.97
N PRO C 15 34.24 27.69 25.55
CA PRO C 15 35.46 26.96 25.20
C PRO C 15 36.04 26.24 26.42
N LEU C 16 36.92 25.26 26.16
CA LEU C 16 37.71 24.60 27.21
C LEU C 16 38.64 25.67 27.86
N PRO C 17 39.10 25.45 29.12
CA PRO C 17 40.03 26.42 29.74
C PRO C 17 41.22 26.80 28.84
N GLY C 18 41.40 28.10 28.62
CA GLY C 18 42.52 28.55 27.80
C GLY C 18 42.36 28.44 26.28
N ASN C 19 41.16 28.08 25.82
CA ASN C 19 40.86 28.15 24.38
C ASN C 19 40.07 29.42 24.06
N ASP C 20 40.23 29.91 22.84
CA ASP C 20 39.41 30.99 22.32
C ASP C 20 38.05 30.44 21.88
N ARG C 21 37.10 31.33 21.65
CA ARG C 21 35.85 30.91 21.04
C ARG C 21 36.08 30.67 19.55
N LYS C 22 35.54 29.53 19.11
CA LYS C 22 35.55 29.06 17.73
C LYS C 22 34.18 28.55 17.36
N ILE C 23 33.87 28.53 16.08
CA ILE C 23 32.69 27.76 15.63
C ILE C 23 32.96 26.33 16.04
N TRP C 24 31.98 25.71 16.70
CA TRP C 24 32.09 24.32 17.07
C TRP C 24 31.95 23.48 15.86
N PHE C 25 32.69 22.36 15.84
CA PHE C 25 32.74 21.55 14.64
C PHE C 25 33.07 20.15 15.03
N GLY C 26 32.08 19.28 14.91
CA GLY C 26 32.31 17.91 15.31
C GLY C 26 31.21 16.94 14.94
N ALA C 27 31.01 15.97 15.83
CA ALA C 27 30.13 14.82 15.55
C ALA C 27 29.71 14.06 16.81
N ASP C 28 28.61 13.28 16.69
CA ASP C 28 28.30 12.18 17.59
C ASP C 28 29.51 11.28 17.45
N TYR C 29 30.06 10.87 18.59
CA TYR C 29 31.20 9.98 18.67
C TYR C 29 30.79 8.77 19.48
N ASN C 30 31.16 7.59 18.99
CA ASN C 30 30.64 6.35 19.56
C ASN C 30 31.71 5.29 19.90
N PRO C 31 32.72 5.67 20.72
CA PRO C 31 33.93 4.85 20.99
C PRO C 31 33.61 3.50 21.58
N ASP C 32 32.48 3.44 22.30
CA ASP C 32 31.93 2.17 22.86
C ASP C 32 31.52 1.13 21.81
N GLN C 33 31.50 1.51 20.54
CA GLN C 33 31.25 0.54 19.50
C GLN C 33 32.57 -0.03 18.94
N TRP C 34 33.71 0.58 19.30
CA TRP C 34 34.97 0.16 18.73
C TRP C 34 35.94 -0.36 19.78
N PRO C 35 36.96 -1.14 19.35
CA PRO C 35 38.00 -1.47 20.34
C PRO C 35 38.67 -0.22 20.81
N GLU C 36 39.07 -0.21 22.08
CA GLU C 36 39.70 0.96 22.68
C GLU C 36 40.89 1.56 21.94
N ASP C 37 41.72 0.72 21.35
CA ASP C 37 43.01 1.20 20.76
C ASP C 37 42.86 2.03 19.47
N VAL C 38 41.61 2.13 19.00
CA VAL C 38 41.15 2.93 17.85
C VAL C 38 41.11 4.44 18.16
N GLN C 39 41.05 4.79 19.45
CA GLN C 39 40.86 6.18 19.89
C GLN C 39 42.00 7.12 19.50
N ASP C 40 43.25 6.69 19.65
CA ASP C 40 44.36 7.57 19.29
C ASP C 40 44.26 7.92 17.78
N GLU C 41 43.78 6.97 16.98
CA GLU C 41 43.49 7.29 15.55
C GLU C 41 42.32 8.27 15.38
N ASP C 42 41.17 7.98 15.98
CA ASP C 42 40.09 8.98 16.02
C ASP C 42 40.58 10.41 16.37
N ILE C 43 41.25 10.54 17.52
CA ILE C 43 41.69 11.84 18.05
C ILE C 43 42.63 12.53 17.06
N ARG C 44 43.56 11.74 16.52
CA ARG C 44 44.49 12.26 15.53
C ARG C 44 43.76 12.82 14.27
N LEU C 45 42.89 12.03 13.66
CA LEU C 45 42.11 12.47 12.48
C LEU C 45 41.12 13.59 12.81
N MET C 46 40.52 13.56 14.01
CA MET C 46 39.76 14.71 14.51
C MET C 46 40.59 16.04 14.52
N LYS C 47 41.81 15.97 15.05
CA LYS C 47 42.66 17.18 15.10
C LYS C 47 42.98 17.66 13.72
N GLN C 48 43.33 16.71 12.85
CA GLN C 48 43.67 17.02 11.51
C GLN C 48 42.48 17.65 10.76
N ALA C 49 41.25 17.24 11.05
CA ALA C 49 40.06 17.82 10.41
C ALA C 49 39.59 19.14 11.04
N GLY C 50 40.22 19.54 12.14
CA GLY C 50 39.82 20.79 12.83
C GLY C 50 38.60 20.59 13.70
N VAL C 51 38.32 19.34 14.10
CA VAL C 51 37.15 19.00 14.94
C VAL C 51 37.50 19.43 16.35
N ASN C 52 36.62 20.15 17.03
CA ASN C 52 36.92 20.72 18.35
C ASN C 52 35.85 20.34 19.38
N ILE C 53 34.83 19.60 18.94
CA ILE C 53 33.83 19.09 19.88
C ILE C 53 33.33 17.73 19.44
N VAL C 54 32.95 16.90 20.42
CA VAL C 54 32.18 15.66 20.14
C VAL C 54 31.02 15.50 21.13
N SER C 55 30.04 14.69 20.77
CA SER C 55 28.88 14.44 21.58
C SER C 55 28.98 12.99 21.90
N LEU C 56 29.05 12.67 23.19
CA LEU C 56 29.21 11.26 23.51
C LEU C 56 28.21 10.67 24.45
N ALA C 57 28.13 9.34 24.38
CA ALA C 57 27.23 8.54 25.23
C ALA C 57 25.71 8.70 24.97
N ILE C 58 25.31 9.25 23.83
CA ILE C 58 23.89 9.47 23.52
C ILE C 58 23.04 8.20 23.64
N PHE C 59 23.54 7.07 23.16
CA PHE C 59 22.82 5.77 23.30
C PHE C 59 23.59 4.77 24.19
N SER C 60 24.17 5.27 25.28
CA SER C 60 25.17 4.48 26.01
C SER C 60 24.68 3.89 27.34
N TRP C 61 23.38 4.00 27.60
CA TRP C 61 22.80 3.46 28.83
C TRP C 61 23.37 2.13 29.18
N ALA C 62 23.34 1.18 28.22
CA ALA C 62 23.65 -0.22 28.48
C ALA C 62 25.09 -0.46 28.87
N ASN C 63 25.96 0.50 28.55
CA ASN C 63 27.37 0.38 28.87
C ASN C 63 27.74 1.31 29.95
N ILE C 64 26.74 1.97 30.55
CA ILE C 64 26.97 2.72 31.77
C ILE C 64 26.29 2.02 33.00
N GLU C 65 24.96 2.00 33.07
CA GLU C 65 24.25 1.14 34.01
C GLU C 65 24.19 -0.24 33.38
N THR C 66 25.26 -1.02 33.51
CA THR C 66 25.41 -2.29 32.79
C THR C 66 24.45 -3.37 33.33
N SER C 67 23.92 -3.11 34.52
CA SER C 67 22.84 -3.93 35.12
C SER C 67 22.13 -3.07 36.20
N ASP C 68 20.90 -3.43 36.58
CA ASP C 68 20.05 -2.52 37.39
C ASP C 68 20.81 -1.96 38.60
N GLY C 69 20.76 -0.64 38.83
CA GLY C 69 21.59 0.00 39.87
C GLY C 69 23.14 -0.04 39.75
N ASN C 70 23.71 -0.85 38.85
CA ASN C 70 25.19 -0.87 38.65
C ASN C 70 25.78 0.08 37.57
N PHE C 71 26.44 1.14 38.03
CA PHE C 71 26.99 2.22 37.19
C PHE C 71 28.51 2.28 37.01
N GLU C 72 29.04 1.88 35.85
CA GLU C 72 30.48 2.06 35.63
C GLU C 72 30.83 3.08 34.58
N PHE C 73 31.85 3.88 34.87
CA PHE C 73 32.19 5.04 34.06
C PHE C 73 33.55 4.98 33.42
N ASP C 74 34.27 3.86 33.60
CA ASP C 74 35.70 3.83 33.27
C ASP C 74 36.04 4.15 31.84
N TRP C 75 35.48 3.38 30.91
CA TRP C 75 35.65 3.58 29.47
C TRP C 75 35.29 5.00 29.08
N LEU C 76 34.30 5.56 29.76
CA LEU C 76 33.84 6.87 29.41
C LEU C 76 34.80 7.97 29.94
N ASP C 77 35.26 7.87 31.18
CA ASP C 77 36.31 8.78 31.69
C ASP C 77 37.60 8.69 30.85
N ARG C 78 37.98 7.48 30.45
CA ARG C 78 39.18 7.27 29.60
C ARG C 78 39.19 8.07 28.29
N VAL C 79 38.13 7.91 27.47
CA VAL C 79 38.05 8.63 26.18
C VAL C 79 37.91 10.15 26.42
N ILE C 80 37.14 10.54 27.43
CA ILE C 80 37.01 11.95 27.77
C ILE C 80 38.38 12.54 28.13
N ASP C 81 39.21 11.74 28.79
CA ASP C 81 40.56 12.20 29.05
C ASP C 81 41.40 12.37 27.77
N LYS C 82 41.40 11.35 26.89
CA LYS C 82 42.13 11.51 25.62
C LYS C 82 41.64 12.75 24.86
N LEU C 83 40.35 13.00 24.89
CA LEU C 83 39.81 14.10 24.11
C LEU C 83 40.19 15.44 24.73
N TYR C 84 40.04 15.57 26.06
CA TYR C 84 40.43 16.78 26.79
C TYR C 84 41.89 17.12 26.56
N LYS C 85 42.77 16.12 26.67
CA LYS C 85 44.20 16.28 26.35
C LYS C 85 44.38 16.87 24.96
N ALA C 86 43.54 16.45 24.00
CA ALA C 86 43.73 16.92 22.60
C ALA C 86 43.01 18.23 22.26
N GLY C 87 42.48 18.91 23.29
CA GLY C 87 41.75 20.18 23.10
C GLY C 87 40.34 20.04 22.50
N ILE C 88 39.76 18.83 22.61
CA ILE C 88 38.43 18.53 22.07
C ILE C 88 37.39 18.45 23.19
N ALA C 89 36.41 19.34 23.10
CA ALA C 89 35.41 19.49 24.14
C ALA C 89 34.39 18.40 24.01
N VAL C 90 33.53 18.31 25.02
CA VAL C 90 32.54 17.28 25.07
C VAL C 90 31.17 17.81 25.37
N ASP C 91 30.27 17.56 24.42
CA ASP C 91 28.83 17.75 24.58
C ASP C 91 28.33 16.36 25.07
N LEU C 92 28.02 16.28 26.36
CA LEU C 92 27.80 14.98 26.99
C LEU C 92 26.33 14.73 27.07
N ALA C 93 25.95 13.51 26.76
CA ALA C 93 24.55 13.12 26.77
C ALA C 93 24.12 12.71 28.19
N SER C 94 22.81 12.85 28.44
CA SER C 94 22.21 12.22 29.58
C SER C 94 22.29 10.68 29.47
N ALA C 95 22.60 10.17 28.28
CA ALA C 95 22.71 8.74 28.02
C ALA C 95 21.34 8.02 28.11
N THR C 96 20.27 8.77 28.38
CA THR C 96 18.94 8.18 28.54
C THR C 96 18.02 7.94 27.29
N ALA C 97 18.56 8.04 26.09
CA ALA C 97 17.74 7.98 24.87
C ALA C 97 17.13 6.59 24.68
N SER C 98 17.92 5.58 25.00
CA SER C 98 17.42 4.26 24.78
C SER C 98 17.92 3.33 25.86
N PRO C 99 16.99 2.71 26.60
CA PRO C 99 17.21 1.84 27.77
C PRO C 99 17.82 0.48 27.40
N PRO C 100 18.56 -0.16 28.36
CA PRO C 100 19.23 -1.47 28.11
C PRO C 100 18.26 -2.66 27.98
N MET C 101 18.73 -3.77 27.41
CA MET C 101 17.92 -4.98 27.34
C MET C 101 17.53 -5.47 28.74
N TRP C 102 18.37 -5.31 29.76
CA TRP C 102 17.94 -5.70 31.09
C TRP C 102 16.78 -4.89 31.63
N LEU C 103 16.72 -3.61 31.31
CA LEU C 103 15.61 -2.80 31.83
C LEU C 103 14.27 -3.16 31.22
N THR C 104 14.27 -3.61 29.97
CA THR C 104 12.99 -3.93 29.28
C THR C 104 12.57 -5.39 29.52
N SER C 105 13.56 -6.28 29.63
CA SER C 105 13.38 -7.60 30.26
C SER C 105 12.57 -7.58 31.54
N ALA C 106 13.00 -6.76 32.50
CA ALA C 106 12.41 -6.80 33.84
C ALA C 106 11.18 -5.92 33.97
N HIS C 107 11.08 -4.90 33.13
CA HIS C 107 9.89 -4.04 33.19
C HIS C 107 9.29 -3.83 31.82
N PRO C 108 8.59 -4.86 31.28
CA PRO C 108 8.05 -4.72 29.91
C PRO C 108 6.97 -3.64 29.83
N GLU C 109 6.45 -3.20 30.98
CA GLU C 109 5.44 -2.16 31.00
C GLU C 109 6.00 -0.78 30.55
N VAL C 110 7.28 -0.73 30.14
CA VAL C 110 7.80 0.55 29.64
C VAL C 110 7.57 0.64 28.15
N LEU C 111 7.20 -0.47 27.53
CA LEU C 111 7.18 -0.55 26.07
C LEU C 111 6.00 0.23 25.50
N ARG C 112 6.32 1.15 24.60
CA ARG C 112 5.37 1.86 23.78
C ARG C 112 4.34 0.93 23.12
N ARG C 113 3.12 1.43 23.09
CA ARG C 113 1.94 0.72 22.58
C ARG C 113 1.43 1.44 21.32
N ASP C 114 1.27 0.73 20.20
CA ASP C 114 0.80 1.46 19.00
C ASP C 114 -0.72 1.65 18.90
N GLU C 115 -1.10 2.38 17.85
CA GLU C 115 -2.49 2.74 17.53
C GLU C 115 -3.43 1.54 17.63
N GLN C 116 -2.92 0.38 17.21
CA GLN C 116 -3.70 -0.87 17.27
C GLN C 116 -3.45 -1.71 18.49
N GLY C 117 -2.69 -1.20 19.46
CA GLY C 117 -2.35 -1.95 20.65
C GLY C 117 -1.15 -2.90 20.56
N HIS C 118 -0.43 -2.97 19.45
CA HIS C 118 0.76 -3.83 19.41
C HIS C 118 1.81 -3.30 20.38
N VAL C 119 2.56 -4.21 21.02
CA VAL C 119 3.75 -3.81 21.78
C VAL C 119 4.84 -3.43 20.81
N ILE C 120 5.58 -2.37 21.16
CA ILE C 120 6.81 -2.06 20.42
C ILE C 120 8.03 -2.67 21.14
N TRP C 121 8.65 -3.67 20.50
CA TRP C 121 9.72 -4.44 21.11
C TRP C 121 11.01 -3.70 21.10
N PRO C 122 11.95 -4.05 22.00
CA PRO C 122 13.30 -3.57 21.71
C PRO C 122 13.85 -4.25 20.40
N GLY C 123 15.05 -3.86 20.00
CA GLY C 123 15.56 -4.27 18.69
C GLY C 123 15.79 -3.11 17.72
N ALA C 124 15.32 -1.92 18.10
CA ALA C 124 15.65 -0.69 17.34
C ALA C 124 16.03 0.44 18.33
N ARG C 125 15.09 1.37 18.54
CA ARG C 125 15.28 2.44 19.49
C ARG C 125 14.01 3.19 19.85
N GLN C 126 14.10 3.81 21.05
CA GLN C 126 13.14 4.75 21.57
C GLN C 126 11.77 4.07 21.69
N HIS C 127 11.78 2.84 22.14
CA HIS C 127 10.55 2.05 22.24
C HIS C 127 9.86 2.21 23.57
N TRP C 128 10.12 3.33 24.25
CA TRP C 128 9.50 3.56 25.53
C TRP C 128 8.32 4.49 25.45
N ARG C 129 7.35 4.26 26.34
CA ARG C 129 6.30 5.22 26.66
C ARG C 129 6.77 6.54 27.32
N PRO C 130 6.58 7.67 26.63
CA PRO C 130 6.89 9.00 27.18
C PRO C 130 6.35 9.30 28.59
N THR C 131 5.24 8.67 28.99
CA THR C 131 4.59 8.99 30.29
C THR C 131 4.71 7.83 31.30
N SER C 132 5.37 6.73 30.94
CA SER C 132 5.61 5.59 31.85
C SER C 132 6.36 6.02 33.11
N PRO C 133 5.71 5.98 34.28
CA PRO C 133 6.36 6.43 35.53
C PRO C 133 7.64 5.60 35.89
N THR C 134 7.64 4.32 35.56
CA THR C 134 8.78 3.44 35.78
C THR C 134 9.98 3.89 34.95
N PHE C 135 9.78 4.12 33.66
CA PHE C 135 10.86 4.60 32.84
C PHE C 135 11.35 5.97 33.26
N ARG C 136 10.43 6.85 33.64
CA ARG C 136 10.88 8.13 34.19
C ARG C 136 11.85 7.90 35.39
N THR C 137 11.51 6.94 36.25
CA THR C 137 12.32 6.67 37.47
C THR C 137 13.78 6.32 37.13
N TYR C 138 13.91 5.29 36.33
CA TYR C 138 15.18 4.89 35.75
C TYR C 138 15.94 6.03 35.07
N ALA C 139 15.33 6.68 34.09
CA ALA C 139 15.99 7.80 33.42
C ALA C 139 16.51 8.86 34.43
N LEU C 140 15.63 9.31 35.33
CA LEU C 140 15.97 10.41 36.19
C LEU C 140 17.15 10.04 37.15
N ARG C 141 17.27 8.76 37.51
CA ARG C 141 18.43 8.29 38.26
C ARG C 141 19.69 8.31 37.38
N LEU C 142 19.63 7.74 36.17
CA LEU C 142 20.82 7.79 35.32
C LEU C 142 21.30 9.21 35.12
N CYS C 143 20.35 10.17 35.03
CA CYS C 143 20.70 11.59 34.90
C CYS C 143 21.51 12.01 36.13
N ARG C 144 21.02 11.70 37.31
CA ARG C 144 21.71 12.10 38.53
C ARG C 144 23.14 11.55 38.55
N GLU C 145 23.26 10.26 38.25
CA GLU C 145 24.55 9.61 38.26
C GLU C 145 25.58 10.24 37.29
N MET C 146 25.13 10.54 36.06
CA MET C 146 25.97 11.20 35.06
C MET C 146 26.37 12.53 35.58
N ALA C 147 25.39 13.30 36.03
CA ALA C 147 25.68 14.65 36.54
C ALA C 147 26.66 14.60 37.72
N GLU C 148 26.42 13.71 38.69
CA GLU C 148 27.29 13.56 39.87
C GLU C 148 28.71 13.20 39.45
N HIS C 149 28.81 12.27 38.49
CA HIS C 149 30.11 11.77 38.08
C HIS C 149 30.91 12.77 37.26
N TYR C 150 30.25 13.71 36.58
CA TYR C 150 30.97 14.63 35.67
C TYR C 150 30.97 16.11 36.08
N LYS C 151 30.29 16.45 37.18
CA LYS C 151 30.37 17.81 37.75
C LYS C 151 31.84 18.17 37.97
N ASP C 152 32.20 19.40 37.62
CA ASP C 152 33.60 19.90 37.78
C ASP C 152 34.61 19.40 36.73
N ASN C 153 34.33 18.24 36.11
CA ASN C 153 35.14 17.74 34.99
C ASN C 153 35.08 18.80 33.90
N PRO C 154 36.26 19.33 33.48
CA PRO C 154 36.27 20.59 32.70
C PRO C 154 36.12 20.34 31.19
N ALA C 155 36.13 19.07 30.79
CA ALA C 155 35.92 18.72 29.39
C ALA C 155 34.46 18.88 28.96
N ILE C 156 33.52 18.83 29.90
CA ILE C 156 32.11 18.87 29.56
C ILE C 156 31.70 20.33 29.41
N VAL C 157 31.31 20.72 28.19
CA VAL C 157 30.89 22.09 27.88
C VAL C 157 29.39 22.27 27.66
N SER C 158 28.63 21.16 27.65
CA SER C 158 27.17 21.18 27.47
C SER C 158 26.59 19.81 27.73
N TRP C 159 25.28 19.78 28.00
CA TRP C 159 24.45 18.56 28.14
C TRP C 159 23.57 18.32 26.93
N HIS C 160 23.56 17.09 26.46
CA HIS C 160 22.81 16.69 25.27
C HIS C 160 21.72 15.86 25.86
N VAL C 161 20.57 16.44 26.13
CA VAL C 161 19.61 15.72 26.97
C VAL C 161 18.77 14.87 26.07
N GLY C 162 18.78 13.57 26.40
CA GLY C 162 18.14 12.49 25.64
C GLY C 162 18.63 12.52 24.22
N ASN C 163 17.70 12.29 23.28
CA ASN C 163 18.00 12.38 21.83
C ASN C 163 16.69 12.40 21.10
N GLU C 164 16.43 13.44 20.32
CA GLU C 164 15.35 13.36 19.33
C GLU C 164 14.06 12.78 19.88
N TYR C 165 13.63 13.36 21.00
CA TYR C 165 12.40 12.98 21.63
C TYR C 165 11.30 12.91 20.59
N GLY C 166 10.60 11.81 20.62
CA GLY C 166 9.39 11.72 19.83
C GLY C 166 9.72 11.35 18.40
N CYS C 167 10.98 11.17 18.08
CA CYS C 167 11.29 10.63 16.78
C CYS C 167 10.50 9.35 16.46
N HIS C 168 10.44 8.39 17.37
CA HIS C 168 9.63 7.19 17.10
C HIS C 168 8.51 6.99 18.08
N ASN C 169 8.64 7.52 19.30
CA ASN C 169 7.69 7.27 20.39
C ASN C 169 6.67 8.41 20.60
N TYR C 170 6.55 9.31 19.64
CA TYR C 170 5.60 10.42 19.74
C TYR C 170 4.21 9.95 20.06
N PHE C 171 3.70 8.98 19.30
CA PHE C 171 2.34 8.44 19.53
C PHE C 171 2.33 7.15 20.34
N ASP C 172 1.90 7.25 21.59
CA ASP C 172 1.74 6.11 22.46
C ASP C 172 0.29 6.02 22.88
N TYR C 173 -0.19 4.79 22.98
CA TYR C 173 -1.58 4.48 23.28
C TYR C 173 -1.71 3.57 24.49
N SER C 174 -0.63 3.44 25.25
CA SER C 174 -0.61 2.61 26.45
C SER C 174 -1.55 3.19 27.47
N ASP C 175 -1.87 2.40 28.51
CA ASP C 175 -2.65 2.87 29.67
C ASP C 175 -2.01 4.11 30.33
N ASP C 176 -0.67 4.25 30.29
CA ASP C 176 -0.08 5.46 30.81
C ASP C 176 -0.54 6.66 29.96
N ALA C 177 -0.62 6.47 28.64
CA ALA C 177 -1.00 7.58 27.80
C ALA C 177 -2.48 7.90 28.03
N VAL C 178 -3.30 6.86 28.13
CA VAL C 178 -4.72 7.01 28.46
C VAL C 178 -4.84 7.87 29.71
N GLN C 179 -4.15 7.47 30.76
CA GLN C 179 -4.28 8.19 32.03
C GLN C 179 -3.77 9.66 31.97
N ALA C 180 -2.59 9.86 31.37
CA ALA C 180 -2.01 11.20 31.18
C ALA C 180 -2.75 12.16 30.20
N PHE C 181 -3.38 11.59 29.17
CA PHE C 181 -4.19 12.41 28.24
C PHE C 181 -5.40 13.03 28.96
N ARG C 182 -6.14 12.20 29.71
CA ARG C 182 -7.21 12.69 30.64
C ARG C 182 -6.69 13.82 31.49
N GLU C 183 -5.54 13.63 32.13
CA GLU C 183 -5.04 14.66 33.02
C GLU C 183 -4.73 15.94 32.29
N TRP C 184 -4.14 15.80 31.10
CA TRP C 184 -3.81 16.97 30.31
C TRP C 184 -5.10 17.67 29.92
N CYS C 185 -6.13 16.89 29.60
CA CYS C 185 -7.44 17.48 29.23
C CYS C 185 -8.10 18.19 30.43
N ARG C 186 -8.05 17.54 31.60
CA ARG C 186 -8.63 18.09 32.82
C ARG C 186 -7.91 19.38 33.16
N ASP C 187 -6.61 19.41 32.93
CA ASP C 187 -5.85 20.61 33.21
C ASP C 187 -6.09 21.67 32.14
N ARG C 188 -6.16 21.28 30.86
CA ARG C 188 -6.50 22.29 29.83
C ARG C 188 -7.92 22.85 29.88
N TYR C 189 -8.91 22.04 30.23
CA TYR C 189 -10.35 22.47 30.10
C TYR C 189 -11.12 22.70 31.41
N GLY C 190 -10.61 22.17 32.52
CA GLY C 190 -11.26 22.33 33.85
C GLY C 190 -12.48 21.44 33.99
N THR C 191 -13.49 21.71 33.18
CA THR C 191 -14.69 20.92 33.23
C THR C 191 -14.94 20.15 31.95
N ILE C 192 -15.67 19.06 32.08
CA ILE C 192 -16.00 18.23 30.94
C ILE C 192 -16.89 18.92 29.90
N ASP C 193 -17.71 19.86 30.31
CA ASP C 193 -18.56 20.47 29.29
C ASP C 193 -17.70 21.28 28.28
N LYS C 194 -16.53 21.76 28.72
CA LYS C 194 -15.61 22.57 27.88
C LYS C 194 -14.87 21.68 26.86
N VAL C 195 -14.64 20.43 27.27
CA VAL C 195 -14.05 19.40 26.45
C VAL C 195 -15.07 19.07 25.36
N ASN C 196 -16.34 18.88 25.75
CA ASN C 196 -17.40 18.57 24.79
C ASN C 196 -17.57 19.68 23.76
N ALA C 197 -17.41 20.92 24.21
CA ALA C 197 -17.49 22.12 23.36
C ALA C 197 -16.31 22.24 22.38
N ALA C 198 -15.12 21.91 22.86
CA ALA C 198 -13.95 22.09 22.05
C ALA C 198 -13.93 21.01 20.94
N TRP C 199 -14.47 19.83 21.20
CA TRP C 199 -14.38 18.72 20.28
C TRP C 199 -15.64 18.30 19.57
N GLY C 200 -16.79 18.95 19.84
CA GLY C 200 -18.05 18.69 19.08
C GLY C 200 -18.54 17.26 19.16
N THR C 201 -18.32 16.67 20.33
CA THR C 201 -18.72 15.30 20.69
C THR C 201 -20.24 14.99 20.58
N ASN C 202 -21.06 16.00 20.28
CA ASN C 202 -22.49 15.74 20.05
C ASN C 202 -22.76 15.15 18.66
N PHE C 203 -21.71 15.15 17.84
CA PHE C 203 -21.71 14.32 16.63
C PHE C 203 -21.47 12.82 16.94
N TRP C 204 -22.38 11.97 16.44
CA TRP C 204 -22.33 10.49 16.57
C TRP C 204 -22.26 9.99 17.96
N SER C 205 -23.02 10.57 18.88
CA SER C 205 -23.22 10.00 20.25
C SER C 205 -21.89 9.87 20.96
N GLN C 206 -21.07 10.90 20.83
CA GLN C 206 -19.77 10.89 21.52
C GLN C 206 -19.73 11.73 22.80
N ARG C 207 -20.78 12.54 23.06
CA ARG C 207 -20.80 13.44 24.27
C ARG C 207 -20.33 12.74 25.56
N LEU C 208 -19.38 13.39 26.23
CA LEU C 208 -18.74 12.78 27.40
C LEU C 208 -19.48 13.11 28.72
N ASN C 209 -19.69 12.09 29.55
CA ASN C 209 -20.24 12.28 30.92
C ASN C 209 -19.19 12.75 31.95
N SER C 210 -17.95 12.30 31.80
CA SER C 210 -16.86 12.70 32.66
C SER C 210 -15.52 12.55 31.94
N PHE C 211 -14.48 13.15 32.53
CA PHE C 211 -13.14 12.90 32.06
C PHE C 211 -12.80 11.44 32.01
N GLU C 212 -13.37 10.60 32.86
CA GLU C 212 -13.03 9.17 32.81
C GLU C 212 -13.40 8.52 31.48
N GLU C 213 -14.26 9.17 30.70
CA GLU C 213 -14.67 8.60 29.43
C GLU C 213 -13.70 9.01 28.30
N ILE C 214 -12.90 10.07 28.52
CA ILE C 214 -11.87 10.51 27.55
C ILE C 214 -10.89 9.38 27.26
N LEU C 215 -10.83 8.95 25.99
CA LEU C 215 -9.83 7.99 25.52
C LEU C 215 -8.98 8.63 24.45
N PRO C 216 -7.73 8.18 24.28
CA PRO C 216 -7.04 8.70 23.08
C PRO C 216 -7.53 8.03 21.77
N PRO C 217 -7.23 8.63 20.59
CA PRO C 217 -7.67 8.05 19.32
C PRO C 217 -6.99 6.70 18.91
N ARG C 218 -7.41 5.63 19.58
CA ARG C 218 -7.04 4.28 19.22
C ARG C 218 -7.72 3.97 17.91
N TYR C 219 -7.42 2.77 17.40
CA TYR C 219 -7.93 2.29 16.12
C TYR C 219 -9.49 2.36 16.04
N VAL C 220 -10.00 3.00 14.98
CA VAL C 220 -11.44 3.04 14.69
C VAL C 220 -11.84 2.11 13.48
N GLY C 221 -10.94 1.19 13.11
CA GLY C 221 -11.26 0.24 12.05
C GLY C 221 -10.67 0.59 10.69
N GLY C 222 -9.87 1.66 10.65
CA GLY C 222 -9.16 2.09 9.42
C GLY C 222 -10.06 2.76 8.37
N GLU C 223 -9.74 2.45 7.12
CA GLU C 223 -10.41 2.95 5.90
C GLU C 223 -11.97 3.06 5.97
N GLY C 224 -12.48 4.26 5.74
CA GLY C 224 -13.93 4.46 5.76
C GLY C 224 -14.42 4.88 7.14
N ASN C 225 -13.53 4.88 8.14
CA ASN C 225 -13.87 5.35 9.49
C ASN C 225 -13.03 6.57 9.85
N PHE C 226 -13.62 7.50 10.59
CA PHE C 226 -13.10 8.88 10.75
C PHE C 226 -13.22 9.22 12.18
N THR C 227 -12.06 9.46 12.78
CA THR C 227 -11.94 9.78 14.19
C THR C 227 -12.33 11.23 14.44
N ASN C 228 -12.68 11.57 15.69
CA ASN C 228 -13.08 12.94 16.02
C ASN C 228 -11.89 13.86 15.77
N PRO C 229 -12.04 14.85 14.88
CA PRO C 229 -10.88 15.67 14.50
C PRO C 229 -10.42 16.63 15.58
N GLY C 230 -11.34 17.10 16.43
CA GLY C 230 -10.94 18.03 17.52
C GLY C 230 -10.13 17.31 18.59
N ARG C 231 -10.51 16.06 18.86
CA ARG C 231 -9.82 15.19 19.81
C ARG C 231 -8.41 14.90 19.28
N LEU C 232 -8.31 14.57 17.99
CA LEU C 232 -7.05 14.22 17.38
C LEU C 232 -6.09 15.38 17.44
N LEU C 233 -6.59 16.57 17.11
CA LEU C 233 -5.78 17.79 17.21
C LEU C 233 -5.13 17.92 18.62
N ASP C 234 -5.96 17.89 19.67
CA ASP C 234 -5.50 18.05 21.05
C ASP C 234 -4.56 16.91 21.42
N PHE C 235 -4.84 15.71 20.92
CA PHE C 235 -3.98 14.55 21.19
C PHE C 235 -2.56 14.74 20.69
N LYS C 236 -2.42 15.33 19.51
CA LYS C 236 -1.11 15.67 18.99
C LYS C 236 -0.43 16.73 19.90
N HIS C 237 -1.14 17.79 20.25
CA HIS C 237 -0.67 18.76 21.23
C HIS C 237 -0.22 18.05 22.48
N PHE C 238 -1.05 17.15 23.00
CA PHE C 238 -0.71 16.42 24.19
C PHE C 238 0.59 15.58 24.00
N CYS C 239 0.73 14.89 22.85
CA CYS C 239 1.90 14.01 22.66
C CYS C 239 3.20 14.83 22.72
N SER C 240 3.12 16.04 22.19
CA SER C 240 4.25 16.95 22.26
C SER C 240 4.50 17.49 23.69
N ASP C 241 3.46 17.91 24.41
CA ASP C 241 3.63 18.41 25.81
C ASP C 241 4.14 17.31 26.76
N ALA C 242 3.63 16.09 26.55
CA ALA C 242 3.97 14.99 27.39
C ALA C 242 5.47 14.69 27.27
N LEU C 243 6.03 14.76 26.05
CA LEU C 243 7.47 14.58 25.93
C LEU C 243 8.23 15.81 26.34
N LYS C 244 7.60 16.98 26.28
CA LYS C 244 8.31 18.21 26.58
C LYS C 244 8.58 18.15 28.08
N GLU C 245 7.60 17.69 28.82
CA GLU C 245 7.65 17.65 30.26
C GLU C 245 8.70 16.66 30.72
N PHE C 246 8.73 15.47 30.11
CA PHE C 246 9.77 14.48 30.35
C PHE C 246 11.18 15.10 30.19
N PHE C 247 11.38 15.84 29.11
CA PHE C 247 12.64 16.51 28.87
C PHE C 247 12.90 17.48 30.00
N CYS C 248 11.91 18.29 30.34
CA CYS C 248 12.06 19.31 31.39
C CYS C 248 12.50 18.65 32.70
N ALA C 249 11.91 17.52 33.03
CA ALA C 249 12.30 16.79 34.25
C ALA C 249 13.77 16.31 34.13
N GLU C 250 14.15 15.70 33.00
CA GLU C 250 15.52 15.20 32.81
C GLU C 250 16.49 16.33 32.98
N ARG C 251 16.17 17.42 32.32
CA ARG C 251 17.00 18.57 32.34
C ARG C 251 17.13 19.21 33.72
N ASP C 252 16.02 19.28 34.46
CA ASP C 252 16.06 19.86 35.82
C ASP C 252 17.01 19.12 36.75
N VAL C 253 16.93 17.78 36.74
CA VAL C 253 17.82 16.88 37.50
C VAL C 253 19.31 17.13 37.15
N LEU C 254 19.59 17.41 35.89
CA LEU C 254 20.94 17.79 35.43
C LEU C 254 21.41 19.19 35.82
N SER C 255 20.66 20.24 35.50
CA SER C 255 21.19 21.54 35.88
C SER C 255 21.26 21.79 37.40
N GLU C 256 20.62 20.94 38.21
CA GLU C 256 20.65 21.01 39.68
C GLU C 256 22.06 20.67 40.18
N VAL C 257 22.54 19.53 39.72
CA VAL C 257 23.87 19.01 40.00
C VAL C 257 24.96 19.85 39.31
N THR C 258 24.64 20.40 38.13
CA THR C 258 25.63 21.12 37.31
C THR C 258 25.10 22.47 36.79
N PRO C 259 24.85 23.41 37.71
CA PRO C 259 24.10 24.63 37.40
C PRO C 259 24.74 25.52 36.36
N ASN C 260 26.01 25.30 36.04
CA ASN C 260 26.72 26.16 35.09
C ASN C 260 26.94 25.55 33.71
N ILE C 261 26.51 24.30 33.52
CA ILE C 261 26.62 23.64 32.22
C ILE C 261 25.33 23.81 31.38
N PRO C 262 25.43 24.59 30.28
CA PRO C 262 24.27 24.89 29.43
C PRO C 262 23.74 23.60 28.77
N LEU C 263 22.42 23.48 28.69
CA LEU C 263 21.76 22.29 28.20
C LEU C 263 20.90 22.51 26.96
N THR C 264 20.85 21.47 26.14
CA THR C 264 20.01 21.46 24.96
C THR C 264 19.45 20.08 24.75
N THR C 265 18.51 20.00 23.80
CA THR C 265 18.13 18.72 23.22
C THR C 265 17.99 18.93 21.71
N ASN C 266 18.31 17.92 20.94
CA ASN C 266 18.31 18.01 19.47
C ASN C 266 16.92 17.94 18.80
N PHE C 267 16.56 19.03 18.13
CA PHE C 267 15.28 19.12 17.40
C PHE C 267 15.39 18.41 16.03
N MET C 268 14.25 18.22 15.37
CA MET C 268 14.18 17.68 14.01
C MET C 268 13.48 18.65 13.06
N VAL C 269 13.90 19.91 13.09
CA VAL C 269 13.29 20.88 12.19
C VAL C 269 13.62 20.67 10.71
N SER C 270 12.58 20.47 9.90
CA SER C 270 12.69 20.25 8.46
C SER C 270 11.31 20.58 7.91
N ALA C 271 11.20 20.71 6.58
CA ALA C 271 10.03 21.34 6.04
C ALA C 271 8.81 20.46 6.34
N SER C 272 9.02 19.13 6.29
CA SER C 272 7.90 18.26 6.49
C SER C 272 7.58 17.78 7.92
N GLN C 273 8.30 18.19 8.98
CA GLN C 273 8.00 17.54 10.26
C GLN C 273 6.68 17.99 10.85
N ASN C 274 6.04 17.10 11.56
CA ASN C 274 4.62 17.27 11.74
C ASN C 274 4.22 16.69 13.08
N THR C 275 5.24 16.41 13.91
CA THR C 275 4.96 15.96 15.27
C THR C 275 5.24 17.06 16.35
N LEU C 276 6.39 17.03 17.02
CA LEU C 276 6.66 17.99 18.10
C LEU C 276 6.52 19.46 17.72
N ASP C 277 6.03 20.25 18.67
CA ASP C 277 5.88 21.69 18.42
C ASP C 277 7.19 22.33 18.83
N TYR C 278 8.10 22.52 17.87
CA TYR C 278 9.44 22.87 18.24
C TYR C 278 9.57 24.33 18.75
N ASP C 279 8.65 25.18 18.34
CA ASP C 279 8.78 26.55 18.76
C ASP C 279 8.43 26.64 20.23
N ASP C 280 7.47 25.82 20.63
CA ASP C 280 7.07 25.77 21.99
C ASP C 280 8.19 25.18 22.89
N TRP C 281 8.82 24.10 22.44
CA TRP C 281 9.94 23.47 23.16
C TRP C 281 11.14 24.35 23.23
N ALA C 282 11.34 25.21 22.24
CA ALA C 282 12.45 26.16 22.24
C ALA C 282 12.49 26.99 23.52
N HIS C 283 11.38 27.07 24.23
CA HIS C 283 11.35 27.84 25.47
C HIS C 283 12.04 27.12 26.62
N GLU C 284 12.39 25.85 26.37
CA GLU C 284 12.82 24.95 27.45
C GLU C 284 14.32 24.58 27.40
N VAL C 285 15.05 25.18 26.46
CA VAL C 285 16.46 24.85 26.24
C VAL C 285 17.29 26.13 26.42
N ASP C 286 18.57 25.96 26.74
CA ASP C 286 19.45 27.14 26.88
C ASP C 286 19.92 27.68 25.51
N PHE C 287 19.98 26.79 24.53
CA PHE C 287 20.26 27.19 23.17
C PHE C 287 19.64 26.12 22.25
N VAL C 288 19.18 26.56 21.10
CA VAL C 288 18.42 25.69 20.18
C VAL C 288 19.41 24.82 19.42
N SER C 289 19.16 23.53 19.35
CA SER C 289 19.96 22.75 18.42
C SER C 289 19.09 21.86 17.48
N ASN C 290 19.63 21.60 16.28
CA ASN C 290 18.87 20.95 15.25
C ASN C 290 19.61 19.86 14.52
N ASP C 291 18.90 18.78 14.22
CA ASP C 291 19.37 17.76 13.26
C ASP C 291 18.61 17.92 11.98
N HIS C 292 19.33 18.01 10.84
CA HIS C 292 18.68 18.15 9.54
C HIS C 292 19.42 17.40 8.46
N TYR C 293 18.65 16.65 7.67
CA TYR C 293 19.19 15.76 6.62
C TYR C 293 18.67 16.15 5.24
N PHE C 294 19.51 16.14 4.22
CA PHE C 294 19.13 16.78 2.96
C PHE C 294 17.94 16.10 2.26
N THR C 295 17.07 16.87 1.62
CA THR C 295 16.13 16.27 0.67
C THR C 295 16.84 16.04 -0.70
N PRO C 296 16.95 14.79 -1.17
CA PRO C 296 17.52 14.58 -2.54
C PRO C 296 16.79 15.29 -3.68
N GLY C 297 17.52 15.61 -4.75
CA GLY C 297 16.93 16.28 -5.95
C GLY C 297 16.90 17.80 -5.92
N SER C 298 15.99 18.35 -6.72
CA SER C 298 15.72 19.79 -6.82
C SER C 298 15.44 20.49 -5.53
N TRP C 299 14.85 19.77 -4.59
CA TRP C 299 14.49 20.41 -3.35
C TRP C 299 15.70 20.63 -2.44
N HIS C 300 16.81 19.97 -2.77
CA HIS C 300 17.99 19.94 -1.90
C HIS C 300 18.32 21.28 -1.30
N ILE C 301 18.53 22.29 -2.12
CA ILE C 301 19.04 23.58 -1.61
C ILE C 301 17.93 24.36 -0.87
N ASP C 302 16.77 24.52 -1.52
CA ASP C 302 15.71 25.35 -1.00
C ASP C 302 15.16 24.79 0.31
N GLU C 303 15.00 23.49 0.43
CA GLU C 303 14.46 22.94 1.67
C GLU C 303 15.42 23.00 2.86
N LEU C 304 16.71 22.97 2.58
CA LEU C 304 17.67 23.05 3.67
C LEU C 304 17.73 24.52 4.14
N ALA C 305 17.82 25.47 3.22
CA ALA C 305 17.84 26.90 3.61
C ALA C 305 16.57 27.30 4.33
N TYR C 306 15.43 26.85 3.83
CA TYR C 306 14.13 26.98 4.56
C TYR C 306 14.22 26.47 6.01
N SER C 307 14.73 25.26 6.18
CA SER C 307 14.74 24.63 7.49
C SER C 307 15.66 25.34 8.38
N ALA C 308 16.84 25.71 7.88
CA ALA C 308 17.80 26.38 8.73
C ALA C 308 17.21 27.77 9.11
N SER C 309 16.47 28.37 8.19
CA SER C 309 15.89 29.68 8.43
C SER C 309 14.87 29.60 9.54
N LEU C 310 14.00 28.58 9.46
CA LEU C 310 13.02 28.23 10.54
C LEU C 310 13.72 28.00 11.89
N VAL C 311 14.84 27.29 11.91
CA VAL C 311 15.55 27.14 13.19
C VAL C 311 15.90 28.51 13.76
N ASP C 312 16.38 29.40 12.91
CA ASP C 312 16.67 30.75 13.31
C ASP C 312 15.43 31.45 13.79
N GLY C 313 14.33 31.31 13.06
CA GLY C 313 13.09 31.93 13.51
C GLY C 313 12.63 31.41 14.86
N ILE C 314 12.68 30.08 15.01
CA ILE C 314 12.34 29.43 16.26
C ILE C 314 13.29 29.97 17.36
N SER C 315 14.54 30.26 16.98
CA SER C 315 15.60 30.79 17.91
C SER C 315 15.50 32.29 18.26
N ARG C 316 14.56 32.94 17.59
CA ARG C 316 14.33 34.36 17.65
C ARG C 316 15.65 35.08 17.29
N LYS C 317 16.37 34.54 16.30
CA LYS C 317 17.61 35.12 15.80
C LYS C 317 18.81 35.04 16.78
N LYS C 318 18.71 34.26 17.86
CA LYS C 318 19.89 33.90 18.64
C LYS C 318 20.76 32.86 17.91
N PRO C 319 22.05 32.80 18.19
CA PRO C 319 22.84 31.73 17.53
C PRO C 319 22.37 30.35 17.90
N TRP C 320 22.45 29.40 16.96
CA TRP C 320 21.94 28.04 17.20
C TRP C 320 22.91 27.01 16.77
N PHE C 321 22.62 25.76 17.09
CA PHE C 321 23.63 24.73 17.04
C PHE C 321 23.14 23.59 16.14
N LEU C 322 23.82 23.38 15.02
CA LEU C 322 23.50 22.25 14.15
C LEU C 322 24.21 21.06 14.72
N MET C 323 23.41 20.19 15.29
CA MET C 323 23.89 19.01 16.04
C MET C 323 24.07 17.80 15.15
N ALA C 324 23.39 17.70 14.01
CA ALA C 324 23.53 16.56 13.12
C ALA C 324 23.05 16.87 11.72
N GLN C 325 23.65 16.16 10.76
CA GLN C 325 23.41 16.25 9.32
C GLN C 325 24.31 15.14 8.75
N SER C 326 24.27 14.90 7.44
CA SER C 326 25.05 13.79 6.86
C SER C 326 26.18 14.32 5.94
N THR C 327 27.35 13.69 5.98
CA THR C 327 28.40 13.99 4.99
C THR C 327 28.01 13.51 3.58
N SER C 328 27.26 12.41 3.49
CA SER C 328 26.83 11.94 2.19
C SER C 328 25.49 11.30 2.42
N ALA C 329 25.33 10.05 2.02
CA ALA C 329 24.02 9.39 2.11
C ALA C 329 23.58 9.14 3.53
N VAL C 330 22.26 9.20 3.74
CA VAL C 330 21.67 8.65 4.98
C VAL C 330 21.37 7.14 4.74
N ASN C 331 20.76 6.47 5.73
CA ASN C 331 20.45 5.03 5.65
C ASN C 331 18.95 4.73 5.69
N TRP C 332 18.15 5.74 5.92
CA TRP C 332 16.80 5.43 6.27
C TRP C 332 15.70 5.72 5.27
N ARG C 333 16.03 6.12 4.01
CA ARG C 333 14.99 6.24 2.94
C ARG C 333 14.94 4.97 2.08
N GLU C 334 13.90 4.76 1.26
CA GLU C 334 13.95 3.53 0.45
C GLU C 334 15.05 3.61 -0.62
N ILE C 335 15.41 4.83 -0.98
CA ILE C 335 16.56 5.07 -1.84
C ILE C 335 17.41 6.18 -1.19
N ASN C 336 18.68 5.90 -0.88
CA ASN C 336 19.57 6.87 -0.13
C ASN C 336 20.68 7.45 -1.02
N PRO C 337 20.37 8.47 -1.84
CA PRO C 337 21.42 8.98 -2.75
C PRO C 337 22.55 9.65 -1.96
N ARG C 338 23.73 9.71 -2.59
CA ARG C 338 24.89 10.24 -1.97
C ARG C 338 24.88 11.71 -2.31
N LYS C 339 25.74 12.47 -1.63
CA LYS C 339 25.88 13.88 -1.93
C LYS C 339 26.81 14.04 -3.13
N GLU C 340 26.52 15.02 -3.97
CA GLU C 340 27.35 15.38 -5.11
C GLU C 340 28.59 16.18 -4.62
N PRO C 341 29.62 16.28 -5.49
CA PRO C 341 30.84 16.95 -5.04
C PRO C 341 30.45 18.37 -4.61
N GLY C 342 31.03 18.87 -3.50
CA GLY C 342 30.81 20.22 -3.00
C GLY C 342 29.62 20.42 -2.06
N GLU C 343 28.73 19.43 -2.01
CA GLU C 343 27.45 19.60 -1.33
C GLU C 343 27.70 19.50 0.16
N LEU C 344 28.67 18.65 0.53
CA LEU C 344 29.19 18.60 1.92
C LEU C 344 29.51 20.00 2.51
N ILE C 345 30.32 20.78 1.82
CA ILE C 345 30.78 22.05 2.39
C ILE C 345 29.67 23.10 2.24
N ARG C 346 29.07 23.10 1.05
CA ARG C 346 27.96 23.98 0.77
C ARG C 346 26.82 23.84 1.77
N ASP C 347 26.42 22.64 2.09
CA ASP C 347 25.28 22.46 2.97
C ASP C 347 25.59 22.98 4.36
N SER C 348 26.78 22.66 4.85
CA SER C 348 27.23 23.17 6.14
C SER C 348 27.31 24.67 6.10
N MET C 349 27.71 25.26 4.97
CA MET C 349 27.79 26.71 4.88
C MET C 349 26.40 27.34 4.89
N LEU C 350 25.42 26.59 4.35
CA LEU C 350 24.01 27.04 4.34
C LEU C 350 23.40 27.10 5.75
N HIS C 351 23.60 26.04 6.50
CA HIS C 351 23.25 26.06 7.92
C HIS C 351 23.98 27.18 8.64
N LEU C 352 25.30 27.31 8.39
CA LEU C 352 26.12 28.38 9.06
C LEU C 352 25.59 29.75 8.62
N ALA C 353 25.30 29.90 7.33
CA ALA C 353 24.80 31.21 6.91
C ALA C 353 23.46 31.58 7.60
N MET C 354 22.63 30.56 7.80
CA MET C 354 21.33 30.80 8.44
C MET C 354 21.38 30.98 9.96
N GLY C 355 22.59 31.12 10.52
CA GLY C 355 22.67 31.50 11.93
C GLY C 355 23.31 30.51 12.86
N ALA C 356 23.71 29.35 12.36
CA ALA C 356 24.38 28.38 13.23
C ALA C 356 25.79 28.85 13.62
N ASP C 357 26.16 28.71 14.91
CA ASP C 357 27.56 28.93 15.31
C ASP C 357 28.30 27.63 15.57
N ALA C 358 27.69 26.52 15.14
CA ALA C 358 28.23 25.19 15.41
C ALA C 358 27.70 24.20 14.39
N ILE C 359 28.61 23.41 13.82
CA ILE C 359 28.31 22.52 12.71
C ILE C 359 28.78 21.14 13.10
N CYS C 360 27.87 20.17 13.27
CA CYS C 360 28.27 18.79 13.57
C CYS C 360 27.54 17.82 12.69
N TYR C 361 28.10 16.62 12.58
CA TYR C 361 27.60 15.54 11.79
C TYR C 361 27.16 14.41 12.66
N PHE C 362 26.19 13.63 12.17
CA PHE C 362 26.12 12.25 12.63
C PHE C 362 26.80 11.44 11.53
N GLN C 363 27.89 10.75 11.79
CA GLN C 363 28.57 10.60 13.07
C GLN C 363 30.06 10.69 12.73
N TRP C 364 30.91 10.43 13.73
CA TRP C 364 32.34 10.64 13.57
C TRP C 364 32.88 9.65 12.58
N ARG C 365 32.71 8.35 12.90
CA ARG C 365 33.25 7.19 12.19
C ARG C 365 32.13 6.22 11.75
N GLN C 366 32.14 5.80 10.50
CA GLN C 366 31.09 4.94 9.96
C GLN C 366 31.07 3.62 10.69
N SER C 367 29.91 3.19 11.20
CA SER C 367 29.79 1.85 11.79
C SER C 367 29.94 0.74 10.77
N ARG C 368 30.55 -0.38 11.16
CA ARG C 368 30.63 -1.59 10.32
C ARG C 368 29.34 -2.41 10.42
N SER C 369 28.59 -2.16 11.51
CA SER C 369 27.48 -3.05 11.88
C SER C 369 26.42 -2.25 12.59
N GLY C 370 25.25 -2.87 12.71
CA GLY C 370 24.12 -2.14 13.28
C GLY C 370 23.33 -1.50 12.15
N ALA C 371 22.13 -1.01 12.49
CA ALA C 371 21.16 -0.53 11.48
C ALA C 371 21.67 0.63 10.68
N GLU C 372 22.66 1.36 11.24
CA GLU C 372 23.14 2.61 10.61
C GLU C 372 24.48 2.51 9.88
N LYS C 373 24.87 1.27 9.62
CA LYS C 373 26.19 0.99 9.02
C LYS C 373 26.31 1.61 7.64
N PHE C 374 25.20 1.80 6.93
CA PHE C 374 25.30 2.42 5.57
C PHE C 374 25.13 3.93 5.59
N HIS C 375 24.92 4.47 6.78
CA HIS C 375 24.88 5.89 6.95
C HIS C 375 26.27 6.47 6.86
N SER C 376 26.45 7.52 6.06
CA SER C 376 27.76 8.17 5.96
C SER C 376 28.24 8.76 7.27
N ALA C 377 29.52 9.08 7.33
CA ALA C 377 30.14 9.64 8.54
C ALA C 377 31.28 10.58 8.11
N MET C 378 31.97 11.23 9.07
CA MET C 378 33.12 12.05 8.73
C MET C 378 34.33 11.24 8.34
N LEU C 379 34.35 9.99 8.76
CA LEU C 379 35.46 9.12 8.56
C LEU C 379 34.83 7.82 8.15
N PRO C 380 34.71 7.61 6.84
CA PRO C 380 34.09 6.45 6.23
C PRO C 380 34.79 5.16 6.53
N LEU C 381 34.09 4.06 6.25
CA LEU C 381 34.70 2.73 6.29
C LEU C 381 35.95 2.69 5.39
N ALA C 382 35.88 3.38 4.26
CA ALA C 382 36.99 3.42 3.34
C ALA C 382 38.23 4.11 3.95
N GLY C 383 38.07 4.89 5.02
CA GLY C 383 39.27 5.35 5.78
C GLY C 383 39.68 6.78 5.51
N GLU C 384 40.78 7.21 6.13
CA GLU C 384 41.28 8.57 5.89
C GLU C 384 41.60 8.89 4.42
N HIS C 385 41.91 7.88 3.61
CA HIS C 385 42.15 8.11 2.18
C HIS C 385 40.80 8.07 1.49
N SER C 386 40.04 9.16 1.55
CA SER C 386 38.71 9.13 0.99
C SER C 386 38.33 10.54 0.80
N GLN C 387 37.50 10.75 -0.21
CA GLN C 387 37.04 12.10 -0.58
C GLN C 387 36.27 12.74 0.59
N ILE C 388 35.36 11.98 1.20
CA ILE C 388 34.62 12.52 2.31
C ILE C 388 35.53 13.08 3.43
N TYR C 389 36.57 12.35 3.83
CA TYR C 389 37.44 12.86 4.89
C TYR C 389 38.23 14.07 4.41
N ARG C 390 38.70 14.06 3.18
CA ARG C 390 39.38 15.24 2.68
C ARG C 390 38.50 16.49 2.69
N ASP C 391 37.22 16.31 2.36
CA ASP C 391 36.25 17.44 2.30
C ASP C 391 35.91 17.96 3.69
N VAL C 392 35.84 17.02 4.63
CA VAL C 392 35.69 17.34 6.06
C VAL C 392 36.88 18.23 6.54
N CYS C 393 38.10 17.86 6.19
CA CYS C 393 39.29 18.62 6.56
C CYS C 393 39.22 20.03 5.97
N ALA C 394 38.82 20.12 4.70
CA ALA C 394 38.70 21.44 4.11
C ALA C 394 37.65 22.26 4.87
N LEU C 395 36.57 21.59 5.23
CA LEU C 395 35.48 22.29 5.92
C LEU C 395 35.92 22.83 7.32
N GLY C 396 36.67 22.02 8.06
CA GLY C 396 37.25 22.46 9.33
C GLY C 396 38.16 23.67 9.21
N ALA C 397 39.04 23.66 8.20
CA ALA C 397 39.86 24.81 7.86
C ALA C 397 38.95 25.98 7.58
N ASP C 398 37.92 25.78 6.75
CA ASP C 398 37.01 26.86 6.45
C ASP C 398 36.33 27.44 7.69
N LEU C 399 35.93 26.58 8.62
CA LEU C 399 35.20 27.09 9.78
C LEU C 399 36.15 27.80 10.76
N ASP C 400 37.39 27.32 10.80
CA ASP C 400 38.45 28.05 11.48
C ASP C 400 38.67 29.46 10.85
N THR C 401 38.71 29.52 9.53
CA THR C 401 38.88 30.79 8.83
C THR C 401 37.77 31.77 9.18
N LEU C 402 36.53 31.31 9.09
CA LEU C 402 35.36 32.10 9.53
C LEU C 402 35.34 32.47 11.04
N SER C 403 35.84 31.57 11.88
CA SER C 403 36.09 31.89 13.29
C SER C 403 37.03 33.14 13.39
N ASP C 404 38.20 33.07 12.77
CA ASP C 404 39.14 34.18 12.74
C ASP C 404 38.57 35.47 12.09
N ALA C 405 37.54 35.35 11.26
CA ALA C 405 36.98 36.54 10.69
C ALA C 405 35.97 37.22 11.63
N GLY C 406 35.62 36.57 12.73
CA GLY C 406 34.68 37.20 13.65
C GLY C 406 33.19 37.08 13.31
N ILE C 407 32.80 35.95 12.72
CA ILE C 407 31.38 35.63 12.44
C ILE C 407 30.57 35.30 13.70
N LEU C 408 31.26 34.82 14.72
CA LEU C 408 30.64 34.24 15.90
C LEU C 408 29.67 35.27 16.51
N ARG C 409 28.46 34.81 16.85
CA ARG C 409 27.34 35.65 17.35
C ARG C 409 26.81 36.73 16.42
N SER C 410 27.26 36.80 15.16
CA SER C 410 26.51 37.63 14.18
C SER C 410 25.11 36.98 14.02
N LYS C 411 24.10 37.83 13.80
CA LYS C 411 22.69 37.42 13.66
C LYS C 411 22.23 37.33 12.19
N LEU C 412 21.36 36.37 11.92
CA LEU C 412 20.80 36.32 10.57
C LEU C 412 19.99 37.58 10.35
N SER C 413 20.34 38.35 9.32
CA SER C 413 19.76 39.68 9.15
C SER C 413 18.24 39.64 9.01
N LYS C 414 17.60 40.77 9.32
CA LYS C 414 16.14 40.83 9.21
C LYS C 414 15.74 40.88 7.75
N ALA C 415 14.99 39.87 7.29
CA ALA C 415 14.46 39.83 5.89
C ALA C 415 13.41 40.94 5.64
N ARG C 416 13.02 41.16 4.39
CA ARG C 416 11.85 42.01 4.11
C ARG C 416 10.48 41.31 4.23
N VAL C 417 10.46 40.00 3.96
CA VAL C 417 9.27 39.24 4.16
C VAL C 417 9.44 38.07 5.19
N ALA C 418 8.55 37.96 6.15
CA ALA C 418 8.46 36.75 6.96
C ALA C 418 7.45 35.75 6.31
N ILE C 419 7.75 34.46 6.41
CA ILE C 419 6.85 33.42 5.89
C ILE C 419 6.38 32.67 7.12
N VAL C 420 5.08 32.69 7.39
CA VAL C 420 4.57 32.02 8.56
C VAL C 420 4.49 30.48 8.46
N GLN C 421 5.02 29.83 9.50
CA GLN C 421 4.93 28.39 9.70
C GLN C 421 4.17 28.11 11.02
N ASP C 422 3.46 27.01 11.08
CA ASP C 422 2.56 26.79 12.20
C ASP C 422 2.23 25.33 12.32
N ILE C 423 2.95 24.68 13.22
CA ILE C 423 2.80 23.26 13.45
C ILE C 423 1.38 22.86 13.76
N GLN C 424 0.65 23.71 14.49
CA GLN C 424 -0.74 23.37 14.87
C GLN C 424 -1.71 23.32 13.66
N SER C 425 -1.59 24.32 12.78
CA SER C 425 -2.27 24.27 11.47
C SER C 425 -1.83 23.05 10.70
N GLU C 426 -0.55 22.70 10.79
CA GLU C 426 -0.15 21.50 10.09
C GLU C 426 -0.94 20.27 10.62
N TRP C 427 -0.93 20.10 11.94
CA TRP C 427 -1.70 19.04 12.57
C TRP C 427 -3.11 19.05 12.08
N ALA C 428 -3.76 20.20 12.13
CA ALA C 428 -5.19 20.26 11.77
C ALA C 428 -5.41 19.75 10.34
N THR C 429 -4.53 20.10 9.41
CA THR C 429 -4.71 19.76 7.99
C THR C 429 -4.51 18.27 7.72
N GLU C 430 -4.09 17.55 8.73
CA GLU C 430 -3.85 16.12 8.59
C GLU C 430 -5.07 15.30 8.79
N HIS C 431 -6.20 15.87 9.08
CA HIS C 431 -7.34 14.95 9.31
C HIS C 431 -7.74 14.29 8.00
N THR C 432 -8.34 13.09 8.08
CA THR C 432 -8.59 12.30 6.84
C THR C 432 -9.91 12.68 6.16
N ALA C 433 -10.66 13.59 6.75
CA ALA C 433 -11.94 13.95 6.17
C ALA C 433 -11.97 15.46 5.84
N THR C 434 -10.81 16.02 5.50
CA THR C 434 -10.72 17.39 4.95
C THR C 434 -11.20 17.41 3.47
N PRO C 435 -11.17 18.59 2.80
CA PRO C 435 -11.59 18.50 1.44
C PRO C 435 -10.71 17.62 0.52
N THR C 436 -9.47 17.38 0.89
CA THR C 436 -8.59 16.51 0.12
C THR C 436 -7.33 16.22 0.93
N GLN C 437 -6.89 14.99 0.85
CA GLN C 437 -5.63 14.66 1.49
C GLN C 437 -4.38 15.24 0.76
N HIS C 438 -4.50 15.88 -0.38
CA HIS C 438 -3.30 16.39 -1.08
C HIS C 438 -2.94 17.80 -0.62
N ILE C 439 -3.74 18.37 0.28
CA ILE C 439 -3.38 19.61 0.94
C ILE C 439 -2.97 19.34 2.38
N ARG C 440 -1.75 19.78 2.73
CA ARG C 440 -1.21 19.89 4.10
C ARG C 440 -0.61 21.30 4.23
N GLU C 441 -0.61 21.88 5.42
CA GLU C 441 -0.04 23.22 5.61
C GLU C 441 1.41 23.27 5.18
N TRP C 442 2.18 22.20 5.37
CA TRP C 442 3.65 22.37 5.40
C TRP C 442 4.26 22.69 4.05
N THR C 443 3.59 22.28 2.96
CA THR C 443 4.21 22.44 1.62
C THR C 443 4.15 23.88 1.16
N GLU C 444 3.15 24.63 1.61
CA GLU C 444 2.94 25.99 1.15
C GLU C 444 4.00 27.04 1.57
N PRO C 445 4.28 27.20 2.88
CA PRO C 445 5.39 28.08 3.25
C PRO C 445 6.73 27.73 2.52
N LEU C 446 6.97 26.44 2.27
CA LEU C 446 8.19 26.03 1.57
C LEU C 446 8.11 26.54 0.12
N ASP C 447 6.92 26.39 -0.49
CA ASP C 447 6.70 26.86 -1.86
C ASP C 447 6.96 28.36 -1.91
N TRP C 448 6.51 29.09 -0.90
CA TRP C 448 6.72 30.55 -0.85
C TRP C 448 8.17 30.95 -0.64
N PHE C 449 8.87 30.16 0.16
CA PHE C 449 10.28 30.42 0.40
C PHE C 449 11.05 30.28 -0.89
N ALA C 450 10.80 29.18 -1.58
CA ALA C 450 11.49 28.88 -2.81
C ALA C 450 11.17 29.90 -3.89
N ALA C 451 9.93 30.31 -4.01
CA ALA C 451 9.57 31.29 -5.01
C ALA C 451 10.22 32.68 -4.80
N PHE C 452 10.09 33.27 -3.61
CA PHE C 452 10.78 34.54 -3.35
C PHE C 452 12.28 34.38 -3.65
N ALA C 453 12.86 33.26 -3.23
CA ALA C 453 14.25 32.99 -3.59
C ALA C 453 14.49 33.04 -5.11
N ASN C 454 13.54 32.52 -5.87
CA ASN C 454 13.63 32.59 -7.35
C ASN C 454 13.58 34.00 -7.88
N ARG C 455 12.95 34.90 -7.12
CA ARG C 455 12.94 36.32 -7.46
C ARG C 455 14.06 37.09 -6.71
N GLY C 456 15.01 36.39 -6.11
CA GLY C 456 16.18 37.02 -5.44
C GLY C 456 15.90 37.63 -4.05
N VAL C 457 14.80 37.21 -3.45
CA VAL C 457 14.48 37.59 -2.09
C VAL C 457 14.67 36.40 -1.13
N THR C 458 15.42 36.60 -0.05
CA THR C 458 15.62 35.61 0.98
C THR C 458 14.66 35.95 2.08
N ALA C 459 13.61 35.17 2.23
CA ALA C 459 12.64 35.43 3.26
C ALA C 459 13.12 34.81 4.54
N ASP C 460 12.58 35.26 5.67
CA ASP C 460 12.81 34.61 6.95
C ASP C 460 11.62 33.75 7.23
N VAL C 461 11.85 32.49 7.53
CA VAL C 461 10.73 31.64 7.95
C VAL C 461 10.51 31.83 9.46
N THR C 462 9.28 32.18 9.86
CA THR C 462 8.97 32.42 11.26
C THR C 462 7.80 31.59 11.76
N PRO C 463 7.95 30.96 12.95
CA PRO C 463 6.78 30.36 13.58
C PRO C 463 5.74 31.41 13.94
N ILE C 464 4.50 30.96 14.04
CA ILE C 464 3.38 31.89 14.02
C ILE C 464 3.36 32.81 15.25
N HIS C 465 3.97 32.37 16.36
CA HIS C 465 4.04 33.19 17.58
C HIS C 465 5.24 34.06 17.67
N ALA C 466 6.15 33.96 16.71
CA ALA C 466 7.29 34.87 16.60
C ALA C 466 6.78 36.21 16.12
N GLN C 467 7.65 37.17 15.91
CA GLN C 467 7.18 38.49 15.48
C GLN C 467 7.16 38.77 13.95
N TRP C 468 6.53 37.87 13.18
CA TRP C 468 6.25 38.20 11.76
C TRP C 468 5.56 39.53 11.63
N ASP C 469 4.79 39.93 12.65
CA ASP C 469 4.06 41.22 12.53
C ASP C 469 4.96 42.45 12.62
N THR C 470 6.28 42.28 12.52
CA THR C 470 7.25 43.41 12.50
C THR C 470 8.04 43.52 11.19
N TYR C 471 7.83 42.59 10.27
CA TYR C 471 8.37 42.65 8.91
C TYR C 471 7.58 43.64 8.01
N ASP C 472 8.20 44.07 6.89
CA ASP C 472 7.47 44.88 5.90
C ASP C 472 6.32 44.07 5.23
N ALA C 473 6.58 42.80 4.91
CA ALA C 473 5.56 41.89 4.42
C ALA C 473 5.50 40.52 5.16
N VAL C 474 4.32 39.91 5.16
CA VAL C 474 4.21 38.58 5.63
C VAL C 474 3.43 37.69 4.69
N VAL C 475 3.81 36.41 4.66
CA VAL C 475 3.10 35.41 3.93
C VAL C 475 2.39 34.52 4.93
N ILE C 476 1.05 34.36 4.72
CA ILE C 476 0.16 33.55 5.50
C ILE C 476 -0.23 32.33 4.64
N PRO C 477 0.59 31.27 4.69
CA PRO C 477 0.35 30.18 3.71
C PRO C 477 -0.33 28.99 4.42
N CYS C 478 -1.57 28.71 4.01
CA CYS C 478 -2.38 27.63 4.60
C CYS C 478 -2.35 27.64 6.10
N VAL C 479 -2.48 28.83 6.67
CA VAL C 479 -2.64 28.93 8.11
C VAL C 479 -4.09 28.65 8.50
N TYR C 480 -4.39 27.36 8.59
CA TYR C 480 -5.72 26.81 8.69
C TYR C 480 -6.40 27.21 9.97
N LEU C 481 -5.62 27.32 11.06
CA LEU C 481 -6.19 27.75 12.37
C LEU C 481 -5.98 29.25 12.61
N PHE C 482 -7.06 29.97 12.90
CA PHE C 482 -6.99 31.42 13.16
C PHE C 482 -7.93 31.68 14.34
N SER C 483 -7.29 31.94 15.50
CA SER C 483 -7.91 32.44 16.72
C SER C 483 -8.28 33.88 16.48
N GLU C 484 -9.11 34.42 17.37
CA GLU C 484 -9.41 35.84 17.31
C GLU C 484 -8.18 36.73 17.52
N GLU C 485 -7.29 36.31 18.41
CA GLU C 485 -6.02 37.05 18.70
C GLU C 485 -5.11 37.09 17.47
N MET C 486 -5.07 35.98 16.72
CA MET C 486 -4.30 35.93 15.46
C MET C 486 -4.88 36.88 14.41
N ALA C 487 -6.21 36.88 14.32
CA ALA C 487 -6.91 37.78 13.40
C ALA C 487 -6.66 39.21 13.81
N GLU C 488 -6.71 39.53 15.10
CA GLU C 488 -6.37 40.92 15.51
C GLU C 488 -4.95 41.26 15.13
N ARG C 489 -4.01 40.33 15.37
CA ARG C 489 -2.61 40.57 14.95
C ARG C 489 -2.46 40.90 13.46
N LEU C 490 -3.12 40.13 12.58
CA LEU C 490 -3.01 40.35 11.11
C LEU C 490 -3.67 41.66 10.72
N ARG C 491 -4.86 41.94 11.30
CA ARG C 491 -5.61 43.19 11.06
C ARG C 491 -4.76 44.40 11.40
N THR C 492 -4.26 44.41 12.62
CA THR C 492 -3.40 45.49 13.11
C THR C 492 -2.17 45.64 12.18
N PHE C 493 -1.61 44.51 11.77
CA PHE C 493 -0.40 44.55 10.94
C PHE C 493 -0.65 45.24 9.62
N VAL C 494 -1.80 44.91 9.02
CA VAL C 494 -2.11 45.47 7.71
C VAL C 494 -2.58 46.92 7.82
N ARG C 495 -3.35 47.21 8.87
CA ARG C 495 -3.86 48.58 9.12
C ARG C 495 -2.69 49.60 9.02
N ASN C 496 -1.59 49.28 9.71
CA ASN C 496 -0.48 50.21 9.86
C ASN C 496 0.55 50.13 8.74
N GLY C 497 0.18 49.54 7.60
CA GLY C 497 1.02 49.57 6.37
C GLY C 497 1.72 48.25 5.99
N GLY C 498 1.42 47.18 6.71
CA GLY C 498 1.89 45.85 6.34
C GLY C 498 1.48 45.33 4.94
N LYS C 499 2.31 44.47 4.39
CA LYS C 499 1.91 43.80 3.16
C LYS C 499 1.76 42.31 3.40
N ALA C 500 0.61 41.77 3.02
CA ALA C 500 0.30 40.39 3.28
C ALA C 500 -0.09 39.62 2.01
N PHE C 501 0.52 38.44 1.90
CA PHE C 501 0.12 37.46 0.92
C PHE C 501 -0.63 36.36 1.71
N VAL C 502 -1.91 36.16 1.37
CA VAL C 502 -2.72 35.19 2.11
C VAL C 502 -3.26 34.10 1.18
N THR C 503 -3.15 32.83 1.54
CA THR C 503 -3.48 31.78 0.53
C THR C 503 -4.71 31.00 0.92
N TYR C 504 -5.30 30.30 -0.05
CA TYR C 504 -6.27 29.21 0.19
C TYR C 504 -5.93 28.38 1.46
N TYR C 505 -6.91 27.82 2.18
CA TYR C 505 -6.69 27.04 3.41
C TYR C 505 -6.21 27.84 4.63
N SER C 506 -6.35 29.16 4.58
CA SER C 506 -6.08 29.99 5.76
C SER C 506 -7.37 30.44 6.46
N ALA C 507 -7.34 30.43 7.80
CA ALA C 507 -8.47 30.90 8.64
C ALA C 507 -9.76 30.19 8.32
N LEU C 508 -9.68 28.86 8.22
CA LEU C 508 -10.84 28.03 8.07
C LEU C 508 -11.53 27.71 9.39
N ALA C 509 -10.76 27.62 10.45
CA ALA C 509 -11.23 27.09 11.69
C ALA C 509 -10.59 27.92 12.85
N ASP C 510 -11.14 27.80 14.06
CA ASP C 510 -10.61 28.47 15.24
C ASP C 510 -9.54 27.51 15.80
N GLU C 511 -8.97 27.83 16.97
CA GLU C 511 -7.86 27.04 17.50
C GLU C 511 -8.32 25.67 18.00
N HIS C 512 -9.62 25.43 18.04
CA HIS C 512 -10.13 24.09 18.40
C HIS C 512 -10.58 23.30 17.19
N ASP C 513 -10.16 23.71 16.00
CA ASP C 513 -10.62 23.09 14.75
C ASP C 513 -12.13 23.20 14.57
N ARG C 514 -12.72 24.26 15.11
CA ARG C 514 -14.14 24.52 14.83
C ARG C 514 -14.28 25.52 13.70
N LEU C 515 -14.93 25.07 12.62
CA LEU C 515 -14.88 25.83 11.39
C LEU C 515 -15.58 27.17 11.56
N HIS C 516 -15.04 28.24 10.98
CA HIS C 516 -15.69 29.53 11.13
C HIS C 516 -16.83 29.56 10.16
N THR C 517 -17.84 30.37 10.50
CA THR C 517 -19.06 30.46 9.72
C THR C 517 -19.14 31.78 8.95
N GLU C 518 -20.10 31.82 8.02
CA GLU C 518 -20.47 33.04 7.29
C GLU C 518 -19.49 33.35 6.19
N GLY C 519 -18.61 32.40 5.87
CA GLY C 519 -17.71 32.53 4.74
C GLY C 519 -16.22 32.60 5.08
N TRP C 520 -15.40 32.13 4.15
CA TRP C 520 -13.96 32.07 4.35
C TRP C 520 -13.26 33.13 3.52
N PRO C 521 -12.11 33.62 3.98
CA PRO C 521 -11.43 33.30 5.21
C PRO C 521 -12.27 33.82 6.38
N GLY C 522 -12.29 33.06 7.48
CA GLY C 522 -13.07 33.44 8.65
C GLY C 522 -12.36 34.59 9.34
N LEU C 523 -13.14 35.43 10.05
CA LEU C 523 -12.66 36.51 10.93
C LEU C 523 -12.00 37.66 10.19
N ILE C 524 -11.11 37.31 9.26
CA ILE C 524 -10.32 38.27 8.51
C ILE C 524 -10.92 38.69 7.14
N GLY C 525 -12.18 38.35 6.87
CA GLY C 525 -12.81 38.69 5.58
C GLY C 525 -12.72 40.18 5.21
N ASP C 526 -12.84 41.04 6.22
CA ASP C 526 -12.74 42.51 6.09
C ASP C 526 -11.31 42.92 5.57
N VAL C 527 -10.26 42.31 6.12
CA VAL C 527 -8.89 42.68 5.79
C VAL C 527 -8.54 42.15 4.40
N VAL C 528 -8.90 40.90 4.12
CA VAL C 528 -8.58 40.22 2.86
C VAL C 528 -9.43 40.65 1.65
N GLY C 529 -10.73 40.85 1.85
CA GLY C 529 -11.59 41.37 0.77
C GLY C 529 -12.13 40.30 -0.16
N VAL C 530 -12.26 39.10 0.36
CA VAL C 530 -12.69 37.98 -0.45
C VAL C 530 -13.68 37.14 0.36
N ARG C 531 -14.71 36.59 -0.31
CA ARG C 531 -15.62 35.68 0.39
C ARG C 531 -15.76 34.35 -0.35
N ILE C 532 -15.49 33.25 0.38
CA ILE C 532 -15.50 31.88 -0.18
C ILE C 532 -16.49 31.00 0.58
N GLU C 533 -17.40 30.35 -0.17
CA GLU C 533 -18.40 29.45 0.43
C GLU C 533 -17.97 27.99 0.53
N GLU C 534 -17.14 27.51 -0.42
CA GLU C 534 -16.77 26.11 -0.51
C GLU C 534 -15.49 26.02 -1.35
N HIS C 535 -14.78 24.91 -1.20
CA HIS C 535 -13.57 24.63 -2.00
C HIS C 535 -13.87 23.83 -3.24
N CYS C 536 -12.93 23.81 -4.17
CA CYS C 536 -13.00 23.01 -5.39
C CYS C 536 -11.74 22.14 -5.41
N PRO C 537 -11.79 20.95 -4.76
CA PRO C 537 -10.66 20.02 -4.84
C PRO C 537 -10.47 19.48 -6.24
N LEU C 538 -9.24 19.07 -6.54
CA LEU C 538 -8.80 18.79 -7.93
C LEU C 538 -7.87 17.61 -7.89
N GLY C 539 -7.97 16.68 -8.83
CA GLY C 539 -7.06 15.50 -8.91
C GLY C 539 -7.59 14.40 -9.87
N THR C 540 -7.01 13.19 -9.81
CA THR C 540 -7.22 12.21 -10.86
C THR C 540 -7.76 10.88 -10.33
N LEU C 541 -8.44 10.93 -9.20
CA LEU C 541 -8.90 9.74 -8.48
C LEU C 541 -9.90 8.92 -9.33
N PHE C 542 -10.81 9.59 -10.04
CA PHE C 542 -11.77 8.94 -10.96
C PHE C 542 -11.65 9.47 -12.36
N PRO C 543 -11.99 8.66 -13.39
CA PRO C 543 -11.81 9.17 -14.77
C PRO C 543 -12.64 10.42 -14.98
N GLY C 544 -12.08 11.41 -15.68
CA GLY C 544 -12.82 12.61 -16.05
C GLY C 544 -12.99 13.63 -14.91
N MET C 545 -12.36 13.37 -13.77
CA MET C 545 -12.41 14.34 -12.68
C MET C 545 -11.63 15.58 -13.06
N LEU C 546 -12.12 16.71 -12.62
CA LEU C 546 -11.45 17.96 -12.81
C LEU C 546 -10.07 17.91 -12.09
N ASP C 547 -8.99 18.00 -12.83
CA ASP C 547 -7.71 17.70 -12.24
C ASP C 547 -6.73 18.88 -12.17
N HIS C 548 -7.07 20.01 -12.75
CA HIS C 548 -6.28 21.24 -12.62
C HIS C 548 -7.20 22.37 -13.00
N LEU C 549 -6.78 23.60 -12.73
CA LEU C 549 -7.40 24.82 -13.25
C LEU C 549 -6.32 25.82 -13.69
N ASP C 550 -6.28 26.13 -14.99
CA ASP C 550 -5.40 27.15 -15.53
C ASP C 550 -5.81 28.48 -14.97
N VAL C 551 -4.85 29.39 -14.94
CA VAL C 551 -5.02 30.74 -14.41
C VAL C 551 -4.64 31.67 -15.53
N SER C 552 -5.23 32.86 -15.57
CA SER C 552 -5.12 33.72 -16.76
C SER C 552 -3.73 34.33 -17.04
N ASN C 553 -2.82 34.35 -16.05
CA ASN C 553 -1.42 34.81 -16.20
C ASN C 553 -0.52 33.62 -16.63
N GLY C 554 -1.11 32.57 -17.20
CA GLY C 554 -0.34 31.38 -17.69
C GLY C 554 0.20 30.38 -16.66
N THR C 555 -0.25 30.51 -15.40
CA THR C 555 0.07 29.48 -14.40
C THR C 555 -1.07 28.41 -14.29
N VAL C 556 -0.86 27.42 -13.43
CA VAL C 556 -1.82 26.31 -13.26
C VAL C 556 -1.91 25.96 -11.76
N VAL C 557 -3.12 25.81 -11.26
CA VAL C 557 -3.38 25.41 -9.93
C VAL C 557 -3.68 23.89 -9.90
N HIS C 558 -3.25 23.22 -8.84
CA HIS C 558 -3.42 21.83 -8.66
C HIS C 558 -3.94 21.57 -7.30
N ASP C 559 -4.55 20.40 -7.11
CA ASP C 559 -4.92 19.84 -5.80
C ASP C 559 -6.15 20.54 -5.17
N LEU C 560 -6.15 21.88 -5.12
CA LEU C 560 -7.27 22.60 -4.53
C LEU C 560 -7.30 24.05 -4.94
N ALA C 561 -8.50 24.55 -5.25
CA ALA C 561 -8.75 25.98 -5.38
C ALA C 561 -9.92 26.44 -4.48
N ASP C 562 -9.92 27.72 -4.09
CA ASP C 562 -11.14 28.29 -3.52
C ASP C 562 -12.20 28.59 -4.59
N VAL C 563 -13.46 28.57 -4.17
CA VAL C 563 -14.49 29.12 -5.01
C VAL C 563 -14.74 30.50 -4.43
N ILE C 564 -14.09 31.52 -5.00
CA ILE C 564 -14.36 32.90 -4.50
C ILE C 564 -15.74 33.30 -5.01
N ASP C 565 -16.69 33.48 -4.09
CA ASP C 565 -18.07 33.84 -4.46
C ASP C 565 -18.25 35.35 -4.75
N ALA C 566 -17.66 36.19 -3.90
CA ALA C 566 -17.72 37.64 -4.07
C ALA C 566 -16.44 38.26 -3.49
N ILE C 567 -16.06 39.40 -4.07
CA ILE C 567 -14.98 40.23 -3.56
C ILE C 567 -15.58 41.55 -3.15
N ALA C 568 -14.84 42.26 -2.29
CA ALA C 568 -15.18 43.64 -1.87
C ALA C 568 -15.16 44.67 -3.02
N ASP C 569 -15.85 45.77 -2.78
CA ASP C 569 -15.86 46.92 -3.69
C ASP C 569 -14.44 47.38 -4.15
N ASP C 570 -13.49 47.44 -3.23
CA ASP C 570 -12.15 47.94 -3.61
C ASP C 570 -11.07 46.82 -3.77
N THR C 571 -11.52 45.59 -4.01
CA THR C 571 -10.62 44.50 -4.32
C THR C 571 -10.41 44.45 -5.80
N THR C 572 -9.15 44.35 -6.23
CA THR C 572 -8.85 44.15 -7.65
C THR C 572 -8.52 42.69 -7.96
N VAL C 573 -8.88 42.25 -9.15
CA VAL C 573 -8.63 40.87 -9.60
C VAL C 573 -7.42 40.94 -10.51
N LEU C 574 -6.33 40.27 -10.14
CA LEU C 574 -5.17 40.28 -10.97
C LEU C 574 -5.22 39.11 -11.91
N ALA C 575 -5.88 38.02 -11.50
CA ALA C 575 -5.93 36.85 -12.37
C ALA C 575 -7.20 36.00 -12.11
N THR C 576 -7.72 35.37 -13.18
CA THR C 576 -8.91 34.53 -13.07
C THR C 576 -8.59 33.10 -13.50
N PHE C 577 -9.41 32.15 -13.05
CA PHE C 577 -9.33 30.76 -13.48
C PHE C 577 -9.88 30.67 -14.86
N GLU C 578 -9.33 29.75 -15.64
CA GLU C 578 -9.83 29.46 -16.95
C GLU C 578 -10.16 28.00 -17.00
N ALA C 579 -11.41 27.67 -17.35
CA ALA C 579 -11.83 26.27 -17.37
C ALA C 579 -13.05 26.04 -18.20
N ASP C 580 -13.33 24.80 -18.52
CA ASP C 580 -14.57 24.42 -19.08
C ASP C 580 -15.71 25.17 -18.35
N PRO C 581 -16.61 25.77 -19.11
CA PRO C 581 -17.69 26.55 -18.43
C PRO C 581 -18.53 25.71 -17.48
N ALA C 582 -18.69 24.41 -17.78
CA ALA C 582 -19.59 23.56 -16.94
C ALA C 582 -19.10 23.42 -15.50
N THR C 583 -17.81 23.71 -15.27
CA THR C 583 -17.20 23.63 -13.93
C THR C 583 -17.71 24.71 -12.97
N GLY C 584 -18.25 25.81 -13.52
CA GLY C 584 -18.61 26.97 -12.69
C GLY C 584 -17.36 27.74 -12.21
N MET C 585 -16.16 27.39 -12.67
CA MET C 585 -14.95 28.07 -12.25
C MET C 585 -14.38 29.10 -13.28
N ASP C 586 -14.91 29.11 -14.50
CA ASP C 586 -14.33 29.89 -15.57
C ASP C 586 -14.55 31.35 -15.31
N GLY C 587 -13.49 32.15 -15.29
CA GLY C 587 -13.66 33.59 -15.05
C GLY C 587 -13.71 33.95 -13.57
N ARG C 588 -13.63 32.97 -12.67
CA ARG C 588 -13.64 33.29 -11.25
C ARG C 588 -12.30 33.79 -10.81
N ALA C 589 -12.30 34.57 -9.74
CA ALA C 589 -11.10 35.17 -9.24
C ALA C 589 -10.05 34.11 -8.70
N ALA C 590 -8.80 34.24 -9.14
CA ALA C 590 -7.77 33.30 -8.71
C ALA C 590 -6.73 34.02 -7.85
N ILE C 591 -6.44 35.29 -8.17
CA ILE C 591 -5.41 36.07 -7.39
C ILE C 591 -5.99 37.43 -7.32
N THR C 592 -6.18 37.93 -6.11
CA THR C 592 -6.73 39.25 -5.92
C THR C 592 -5.78 40.08 -5.04
N VAL C 593 -6.04 41.39 -4.98
CA VAL C 593 -5.28 42.33 -4.16
C VAL C 593 -6.24 43.37 -3.57
N HIS C 594 -6.06 43.64 -2.29
CA HIS C 594 -7.02 44.43 -1.55
C HIS C 594 -6.35 45.33 -0.54
N PRO C 595 -6.48 46.65 -0.70
CA PRO C 595 -5.95 47.56 0.29
C PRO C 595 -6.79 47.56 1.52
N TYR C 596 -6.15 47.86 2.64
CA TYR C 596 -6.84 47.97 3.90
C TYR C 596 -6.08 48.97 4.78
N HIS C 597 -6.63 50.19 4.86
CA HIS C 597 -5.96 51.34 5.52
C HIS C 597 -4.61 51.53 4.92
N GLU C 598 -3.51 51.54 5.66
CA GLU C 598 -2.22 51.78 4.96
C GLU C 598 -1.58 50.60 4.21
N GLY C 599 -2.01 49.34 4.46
CA GLY C 599 -1.57 48.13 3.70
C GLY C 599 -2.63 47.84 2.64
N GLY C 600 -2.64 46.70 1.93
CA GLY C 600 -1.66 45.66 1.92
C GLY C 600 -2.03 44.18 1.78
N VAL C 601 -3.12 43.75 1.08
CA VAL C 601 -3.42 42.26 1.05
C VAL C 601 -3.60 41.50 -0.28
N ALA C 602 -2.71 40.56 -0.56
CA ALA C 602 -2.91 39.71 -1.75
C ALA C 602 -3.49 38.32 -1.38
N TYR C 603 -4.52 37.85 -2.12
CA TYR C 603 -5.08 36.55 -1.83
C TYR C 603 -4.84 35.59 -2.98
N ILE C 604 -4.28 34.41 -2.69
CA ILE C 604 -3.94 33.43 -3.70
C ILE C 604 -4.87 32.22 -3.45
N ALA C 605 -5.83 32.04 -4.35
CA ALA C 605 -6.92 31.07 -4.19
C ALA C 605 -6.66 29.65 -4.62
N GLY C 606 -5.41 29.23 -4.67
CA GLY C 606 -5.18 27.82 -4.90
C GLY C 606 -3.71 27.49 -4.92
N LYS C 607 -3.40 26.20 -5.01
CA LYS C 607 -2.00 25.74 -4.93
C LYS C 607 -1.27 25.96 -6.24
N LEU C 608 -0.29 26.87 -6.20
CA LEU C 608 0.40 27.27 -7.40
C LEU C 608 1.70 26.52 -7.67
N GLY C 609 2.33 25.96 -6.64
CA GLY C 609 3.71 25.45 -6.76
C GLY C 609 4.70 26.60 -6.66
N ARG C 610 5.91 26.28 -6.29
CA ARG C 610 7.04 27.21 -6.40
C ARG C 610 7.03 27.97 -7.76
N ASP C 611 6.80 27.28 -8.89
CA ASP C 611 6.84 27.96 -10.19
C ASP C 611 5.73 28.94 -10.46
N GLY C 612 4.48 28.54 -10.14
CA GLY C 612 3.32 29.40 -10.26
C GLY C 612 3.44 30.69 -9.41
N ILE C 613 3.85 30.55 -8.15
CA ILE C 613 4.02 31.65 -7.21
C ILE C 613 5.12 32.56 -7.81
N SER C 614 6.21 31.93 -8.24
CA SER C 614 7.33 32.65 -8.88
C SER C 614 6.90 33.45 -10.09
N GLN C 615 6.16 32.80 -10.99
CA GLN C 615 5.62 33.47 -12.18
C GLN C 615 4.67 34.59 -11.84
N SER C 616 3.93 34.45 -10.73
CA SER C 616 2.93 35.46 -10.32
C SER C 616 3.46 36.59 -9.43
N LEU C 617 4.64 36.40 -8.91
CA LEU C 617 5.12 37.30 -7.87
C LEU C 617 5.26 38.74 -8.37
N PRO C 618 5.87 38.93 -9.55
CA PRO C 618 6.02 40.28 -10.11
C PRO C 618 4.73 41.06 -10.22
N GLU C 619 3.66 40.44 -10.74
CA GLU C 619 2.38 41.17 -10.83
C GLU C 619 1.83 41.44 -9.42
N ILE C 620 2.05 40.51 -8.51
CA ILE C 620 1.49 40.64 -7.18
C ILE C 620 2.24 41.72 -6.39
N CYS C 621 3.56 41.68 -6.46
CA CYS C 621 4.40 42.58 -5.69
C CYS C 621 4.30 44.01 -6.24
N ALA C 622 4.18 44.14 -7.58
CA ALA C 622 4.00 45.46 -8.19
C ALA C 622 2.69 46.09 -7.66
N ALA C 623 1.59 45.31 -7.70
CA ALA C 623 0.30 45.76 -7.17
C ALA C 623 0.28 46.03 -5.64
N LEU C 624 1.17 45.39 -4.89
CA LEU C 624 1.21 45.59 -3.46
C LEU C 624 2.23 46.70 -3.10
N GLY C 625 3.08 47.04 -4.07
CA GLY C 625 4.14 48.04 -3.88
C GLY C 625 5.37 47.44 -3.21
N PHE C 626 5.64 46.16 -3.44
CA PHE C 626 6.79 45.49 -2.82
C PHE C 626 7.80 45.41 -3.93
N GLU C 627 8.98 45.95 -3.69
CA GLU C 627 9.92 46.07 -4.79
C GLU C 627 10.68 44.80 -4.93
N LEU C 628 10.89 44.41 -6.18
CA LEU C 628 11.64 43.24 -6.54
C LEU C 628 12.79 43.66 -7.45
N ASP C 629 13.98 43.08 -7.22
CA ASP C 629 15.16 43.16 -8.12
C ASP C 629 14.76 42.96 -9.61
N ALA C 630 15.28 43.81 -10.49
CA ALA C 630 14.78 43.87 -11.89
C ALA C 630 15.48 42.82 -12.72
N ASP C 631 16.71 42.51 -12.29
CA ASP C 631 17.55 41.45 -12.85
C ASP C 631 16.78 40.12 -13.12
N PRO C 632 16.70 39.71 -14.39
CA PRO C 632 16.07 38.40 -14.59
C PRO C 632 16.98 37.23 -14.14
N ARG C 633 18.20 37.53 -13.71
CA ARG C 633 19.15 36.52 -13.18
C ARG C 633 19.05 36.38 -11.65
N ALA C 634 18.19 37.20 -11.05
CA ALA C 634 18.04 37.28 -9.61
C ALA C 634 17.92 35.93 -8.89
N GLY C 635 17.25 34.96 -9.52
CA GLY C 635 17.03 33.62 -8.95
C GLY C 635 18.24 32.69 -8.99
N ASP C 636 19.26 33.07 -9.75
CA ASP C 636 20.45 32.25 -9.93
C ASP C 636 21.18 31.97 -8.61
N VAL C 637 21.29 33.01 -7.76
CA VAL C 637 22.01 32.81 -6.50
C VAL C 637 21.23 33.21 -5.23
N LEU C 638 21.51 32.49 -4.16
CA LEU C 638 20.83 32.71 -2.91
C LEU C 638 21.83 33.46 -2.07
N ARG C 639 21.41 34.65 -1.64
CA ARG C 639 22.24 35.52 -0.78
C ARG C 639 21.75 35.52 0.66
N VAL C 640 22.59 35.01 1.55
CA VAL C 640 22.27 34.95 2.95
C VAL C 640 23.25 35.83 3.74
N VAL C 641 22.74 36.56 4.73
CA VAL C 641 23.48 37.69 5.29
C VAL C 641 23.35 37.68 6.78
N ARG C 642 24.48 37.53 7.46
CA ARG C 642 24.58 37.65 8.93
C ARG C 642 25.23 38.98 9.33
N GLU C 643 24.80 39.56 10.45
CA GLU C 643 25.31 40.90 10.91
C GLU C 643 25.70 40.96 12.38
N GLN C 644 26.84 41.59 12.65
CA GLN C 644 27.23 41.98 14.02
C GLN C 644 26.64 43.33 14.42
N GLU C 645 26.52 43.55 15.73
CA GLU C 645 26.18 44.90 16.24
C GLU C 645 27.16 45.96 15.76
N ASP C 646 28.47 45.66 15.78
CA ASP C 646 29.48 46.62 15.29
C ASP C 646 29.37 46.91 13.80
N GLY C 647 28.32 46.40 13.16
CA GLY C 647 28.08 46.60 11.72
C GLY C 647 28.92 45.77 10.72
N ALA C 648 29.76 44.85 11.19
CA ALA C 648 30.38 43.90 10.24
C ALA C 648 29.33 42.98 9.57
N ILE C 649 29.62 42.56 8.35
CA ILE C 649 28.65 41.87 7.52
C ILE C 649 29.31 40.71 6.83
N PHE C 650 28.65 39.55 6.94
CA PHE C 650 29.07 38.32 6.34
C PHE C 650 27.99 37.95 5.31
N GLU C 651 28.34 38.15 4.04
CA GLU C 651 27.50 37.73 2.93
C GLU C 651 27.91 36.39 2.31
N PHE C 652 27.05 35.40 2.44
CA PHE C 652 27.20 34.10 1.74
C PHE C 652 26.38 34.05 0.45
N LEU C 653 26.98 33.49 -0.60
CA LEU C 653 26.33 33.31 -1.89
C LEU C 653 26.32 31.83 -2.35
N PHE C 654 25.14 31.33 -2.74
CA PHE C 654 25.02 29.97 -3.16
C PHE C 654 24.42 29.93 -4.55
N ASN C 655 25.04 29.17 -5.44
CA ASN C 655 24.36 28.83 -6.70
C ASN C 655 23.10 28.00 -6.42
N ARG C 656 21.93 28.44 -6.88
CA ARG C 656 20.71 27.67 -6.70
C ARG C 656 20.46 26.72 -7.85
N THR C 657 21.33 26.59 -8.85
CA THR C 657 20.87 26.09 -10.16
C THR C 657 21.74 24.97 -10.57
N ARG C 658 21.42 24.29 -11.67
CA ARG C 658 22.28 23.18 -12.10
C ARG C 658 23.27 23.60 -13.18
N ASN C 659 23.59 24.91 -13.28
CA ASN C 659 24.67 25.38 -14.16
C ASN C 659 25.61 26.35 -13.52
N THR C 660 26.81 26.45 -14.06
CA THR C 660 27.75 27.37 -13.51
C THR C 660 27.14 28.70 -13.78
N VAL C 661 27.12 29.56 -12.75
CA VAL C 661 26.55 30.93 -12.78
C VAL C 661 27.60 32.01 -12.47
N THR C 662 27.27 33.25 -12.77
CA THR C 662 28.23 34.31 -12.74
C THR C 662 27.50 35.44 -12.11
N ALA C 663 28.16 36.27 -11.34
CA ALA C 663 27.41 37.35 -10.69
C ALA C 663 28.31 38.46 -10.23
N ASP C 664 27.69 39.57 -9.88
CA ASP C 664 28.42 40.72 -9.37
C ASP C 664 29.14 40.33 -8.09
N ARG C 665 30.45 40.60 -8.07
CA ARG C 665 31.28 40.47 -6.88
C ARG C 665 30.73 41.40 -5.76
N PRO C 666 30.45 40.81 -4.56
CA PRO C 666 30.10 41.52 -3.31
C PRO C 666 31.26 42.36 -2.82
N ALA C 667 30.99 43.42 -2.07
CA ALA C 667 32.07 44.26 -1.57
C ALA C 667 32.76 43.46 -0.50
N GLY C 668 34.06 43.65 -0.33
CA GLY C 668 34.74 43.23 0.90
C GLY C 668 35.68 42.08 0.76
N ASP C 669 36.07 41.47 1.88
CA ASP C 669 37.08 40.40 1.86
C ASP C 669 36.47 39.03 1.56
N MET C 670 37.00 38.37 0.54
CA MET C 670 36.71 37.00 0.26
C MET C 670 37.17 36.10 1.42
N LEU C 671 36.29 35.25 1.93
CA LEU C 671 36.60 34.43 3.10
C LEU C 671 36.74 32.98 2.78
N ILE C 672 35.70 32.44 2.15
CA ILE C 672 35.52 31.02 1.88
C ILE C 672 35.18 30.87 0.40
N CYS C 673 35.73 29.90 -0.31
CA CYS C 673 35.19 29.56 -1.61
C CYS C 673 35.19 28.05 -1.72
N SER C 674 34.18 27.53 -2.40
CA SER C 674 34.11 26.12 -2.73
C SER C 674 33.37 25.99 -4.06
N LEU C 675 34.00 25.32 -5.04
CA LEU C 675 33.45 25.19 -6.36
C LEU C 675 33.01 26.60 -6.81
N ALA C 676 33.84 27.57 -6.45
CA ALA C 676 33.62 28.96 -6.83
C ALA C 676 34.94 29.66 -7.16
N THR C 677 34.81 30.88 -7.68
CA THR C 677 35.97 31.54 -8.20
C THR C 677 35.79 33.03 -8.05
N ASP C 678 36.91 33.66 -7.67
CA ASP C 678 36.99 35.08 -7.43
C ASP C 678 37.59 35.82 -8.59
N SER C 679 37.26 37.08 -8.69
CA SER C 679 37.78 37.87 -9.77
C SER C 679 37.54 39.32 -9.42
N THR C 680 38.02 40.22 -10.26
CA THR C 680 37.97 41.62 -9.93
C THR C 680 36.56 42.17 -10.09
N ASP C 681 35.88 41.81 -11.18
CA ASP C 681 34.51 42.30 -11.43
C ASP C 681 33.43 41.29 -11.05
N LYS C 682 33.64 40.04 -11.49
CA LYS C 682 32.63 38.99 -11.42
C LYS C 682 33.09 37.85 -10.51
N VAL C 683 32.13 37.19 -9.90
CA VAL C 683 32.36 36.02 -9.09
C VAL C 683 31.74 34.83 -9.84
N THR C 684 32.34 33.68 -9.72
CA THR C 684 31.83 32.56 -10.49
C THR C 684 31.44 31.49 -9.50
N LEU C 685 30.29 30.88 -9.71
CA LEU C 685 29.94 29.71 -8.90
C LEU C 685 29.57 28.50 -9.76
N GLU C 686 30.18 27.39 -9.44
CA GLU C 686 29.80 26.18 -10.13
C GLU C 686 28.50 25.72 -9.55
N PRO C 687 27.84 24.77 -10.23
CA PRO C 687 26.75 24.13 -9.47
C PRO C 687 27.21 23.69 -8.03
N ASN C 688 26.38 23.86 -7.03
CA ASN C 688 26.78 23.57 -5.66
C ASN C 688 27.96 24.38 -5.09
N GLY C 689 28.33 25.46 -5.76
CA GLY C 689 29.32 26.37 -5.21
C GLY C 689 28.80 27.28 -4.09
N VAL C 690 29.75 27.81 -3.32
CA VAL C 690 29.50 28.76 -2.26
C VAL C 690 30.71 29.70 -2.08
N LEU C 691 30.39 30.96 -1.82
CA LEU C 691 31.33 31.99 -1.47
C LEU C 691 30.79 32.76 -0.27
N ALA C 692 31.72 33.17 0.59
CA ALA C 692 31.41 34.15 1.66
C ALA C 692 32.38 35.34 1.65
N PHE C 693 31.83 36.51 1.97
CA PHE C 693 32.59 37.73 2.02
C PHE C 693 32.30 38.43 3.34
N ARG C 694 33.28 39.12 3.92
CA ARG C 694 33.02 40.05 5.01
C ARG C 694 33.20 41.49 4.56
N ARG C 695 32.32 42.37 5.02
CA ARG C 695 32.51 43.80 4.82
C ARG C 695 31.96 44.63 6.00
C1 GLA D . 2.88 -26.00 -4.84
C2 GLA D . 2.18 -26.73 -3.70
C3 GLA D . 0.91 -27.29 -4.32
C4 GLA D . 0.00 -26.13 -4.83
C5 GLA D . 0.76 -25.30 -5.89
C6 GLA D . 0.06 -24.05 -6.47
O1 GLA D . 3.17 -26.94 -5.87
O2 GLA D . 3.02 -27.72 -3.15
O3 GLA D . 0.30 -28.20 -3.43
O4 GLA D . -0.37 -25.31 -3.72
O5 GLA D . 2.03 -24.95 -5.34
O6 GLA D . 0.62 -23.51 -7.70
ZN ZN E . -2.52 -6.15 14.68
C1 PGE F . 11.74 -6.98 -10.97
O1 PGE F . 12.21 -6.64 -9.66
C2 PGE F . 12.86 -7.04 -12.02
O2 PGE F . 13.24 -8.39 -12.40
C3 PGE F . 12.18 -9.17 -12.97
C4 PGE F . 12.64 -10.62 -13.02
O4 PGE F . 9.78 -12.88 -10.41
C6 PGE F . 10.11 -12.94 -11.79
C5 PGE F . 11.50 -12.40 -12.01
O3 PGE F . 11.49 -11.45 -13.07
C1 PGE G . 42.97 -7.99 -19.15
O1 PGE G . 43.17 -9.23 -19.87
C2 PGE G . 43.44 -6.74 -19.91
O2 PGE G . 42.72 -6.53 -21.14
C3 PGE G . 43.14 -5.44 -21.99
C4 PGE G . 42.24 -5.49 -23.24
O4 PGE G . 43.16 -8.69 -22.38
C6 PGE G . 43.33 -8.69 -23.82
C5 PGE G . 42.38 -7.67 -24.51
O3 PGE G . 42.74 -6.27 -24.36
C1 GLA H . -24.81 8.46 5.05
C2 GLA H . -24.97 8.37 6.58
C3 GLA H . -24.88 9.78 7.12
C4 GLA H . -23.55 10.48 6.73
C5 GLA H . -23.44 10.50 5.18
C6 GLA H . -22.12 11.03 4.62
O1 GLA H . -25.93 9.10 4.50
O2 GLA H . -26.22 7.88 6.99
O3 GLA H . -25.12 9.64 8.48
O4 GLA H . -22.42 9.86 7.36
O5 GLA H . -23.64 9.19 4.69
O6 GLA H . -21.94 11.07 3.19
C1 PGE I . -16.44 3.44 -9.14
O1 PGE I . -16.84 3.27 -7.76
C2 PGE I . -17.58 4.05 -9.94
O2 PGE I . -17.55 3.71 -11.34
C3 PGE I . -16.28 3.51 -11.94
C4 PGE I . -16.36 2.12 -12.53
O4 PGE I . -12.81 0.52 -11.70
C6 PGE I . -13.09 1.15 -12.96
C5 PGE I . -14.53 0.80 -13.39
O3 PGE I . -15.32 2.00 -13.48
C1 PGE J . -33.08 -11.43 -36.81
O1 PGE J . -33.32 -12.06 -35.55
C2 PGE J . -31.75 -11.92 -37.37
O2 PGE J . -31.07 -10.87 -38.10
C3 PGE J . -30.10 -11.32 -39.10
C4 PGE J . -28.81 -12.05 -38.64
O4 PGE J . -29.29 -14.72 -35.33
C6 PGE J . -28.27 -15.01 -36.32
C5 PGE J . -27.93 -13.83 -37.26
O3 PGE J . -29.04 -12.92 -37.51
C1 GLA K . 19.63 11.77 13.82
C2 GLA K . 19.76 10.90 15.07
C3 GLA K . 21.05 10.13 14.98
C4 GLA K . 20.93 9.18 13.76
C5 GLA K . 20.67 10.00 12.43
C6 GLA K . 20.33 9.21 11.13
O1 GLA K . 20.66 12.72 13.88
O2 GLA K . 19.81 11.69 16.24
O3 GLA K . 21.27 9.57 16.26
O4 GLA K . 19.97 8.16 14.00
O5 GLA K . 19.68 11.03 12.59
O6 GLA K . 20.18 10.03 9.95
C1 PGE L . 5.45 17.09 -2.48
O1 PGE L . 4.85 16.21 -1.50
C2 PGE L . 5.81 18.42 -1.80
O2 PGE L . 7.15 18.87 -2.05
C3 PGE L . 8.21 18.07 -1.47
C4 PGE L . 9.37 19.02 -1.30
O4 PGE L . 10.43 16.14 2.25
C6 PGE L . 10.86 17.36 1.63
C5 PGE L . 10.23 17.42 0.26
O3 PGE L . 10.10 18.80 -0.11
C1 PGE M . -4.78 47.68 -5.93
O1 PGE M . -3.81 47.57 -4.87
C2 PGE M . -4.26 47.69 -7.41
O2 PGE M . -2.96 48.29 -7.50
C3 PGE M . -2.47 48.48 -8.86
C4 PGE M . -1.09 49.21 -8.96
O4 PGE M . 0.76 50.39 -5.01
C6 PGE M . 1.24 50.74 -6.33
C5 PGE M . 0.76 49.85 -7.50
O3 PGE M . -0.65 49.96 -7.78
#